data_2VZ4
# 
_entry.id   2VZ4 
# 
_audit_conform.dict_name       mmcif_pdbx.dic 
_audit_conform.dict_version    5.382 
_audit_conform.dict_location   http://mmcif.pdb.org/dictionaries/ascii/mmcif_pdbx.dic 
# 
loop_
_database_2.database_id 
_database_2.database_code 
_database_2.pdbx_database_accession 
_database_2.pdbx_DOI 
PDB   2VZ4         pdb_00002vz4 10.2210/pdb2vz4/pdb 
PDBE  EBI-37028    ?            ?                   
WWPDB D_1290037028 ?            ?                   
# 
_pdbx_database_related.db_name        PDB 
_pdbx_database_related.db_id          1NY9 
_pdbx_database_related.content_type   unspecified 
_pdbx_database_related.details        'ANTIBIOTIC BINDING DOMAIN OF A TIPA-CLASS MULTIDRUGRESISTANCE TRANSCRIPTIONAL REGULATOR' 
# 
_pdbx_database_status.status_code                     REL 
_pdbx_database_status.entry_id                        2VZ4 
_pdbx_database_status.deposit_site                    PDBE 
_pdbx_database_status.process_site                    PDBE 
_pdbx_database_status.SG_entry                        . 
_pdbx_database_status.recvd_initial_deposition_date   2008-07-30 
_pdbx_database_status.pdb_format_compatible           Y 
_pdbx_database_status.status_code_sf                  REL 
_pdbx_database_status.status_code_mr                  ? 
_pdbx_database_status.status_code_cs                  ? 
_pdbx_database_status.methods_development_category    ? 
_pdbx_database_status.status_code_nmr_data            ? 
# 
loop_
_audit_author.name 
_audit_author.pdbx_ordinal 
'Allan, M.G.'   1 
'Stetefeld, J.' 2 
'Schirmer, T.'  3 
# 
_citation.id                        primary 
_citation.title                     'Structure of the Transcriptionally Inactive Merr Domain Tipan in Complex with DNA' 
_citation.journal_abbrev            'To be Published' 
_citation.journal_volume            ? 
_citation.page_first                ? 
_citation.page_last                 ? 
_citation.year                      ? 
_citation.journal_id_ASTM           ? 
_citation.country                   ? 
_citation.journal_id_ISSN           ? 
_citation.journal_id_CSD            0353 
_citation.book_publisher            ? 
_citation.pdbx_database_id_PubMed   ? 
_citation.pdbx_database_id_DOI      ? 
# 
loop_
_citation_author.citation_id 
_citation_author.name 
_citation_author.ordinal 
_citation_author.identifier_ORCID 
primary 'Allan, M.G.'    1 ? 
primary 'Newberry, K.J.' 2 ? 
primary 'Schuman, J.'    3 ? 
primary 'Brennan, R.G.'  4 ? 
primary 'Stetefeld, J.'  5 ? 
primary 'Grzesiek, S.'   6 ? 
primary 'Schirmer, T.'   7 ? 
# 
_cell.entry_id           2VZ4 
_cell.length_a           45.850 
_cell.length_b           67.467 
_cell.length_c           73.129 
_cell.angle_alpha        90.00 
_cell.angle_beta         90.00 
_cell.angle_gamma        90.00 
_cell.Z_PDB              4 
_cell.pdbx_unique_axis   ? 
# 
_symmetry.entry_id                         2VZ4 
_symmetry.space_group_name_H-M             'P 21 21 2' 
_symmetry.pdbx_full_space_group_name_H-M   ? 
_symmetry.cell_setting                     ? 
_symmetry.Int_Tables_number                18 
# 
loop_
_entity.id 
_entity.type 
_entity.src_method 
_entity.pdbx_description 
_entity.formula_weight 
_entity.pdbx_number_of_molecules 
_entity.pdbx_ec 
_entity.pdbx_mutation 
_entity.pdbx_fragment 
_entity.details 
1 polymer man 'HTH-TYPE TRANSCRIPTIONAL ACTIVATOR TIPA'                                  12053.574 1 ? ? 
'DNA-BINDING DOMAIN TIPAN, RESIDUES 2-109' ? 
2 polymer syn 
;5'-D(*CP*TP*CP*CP*TP*CP*AP*CP*GP*TP *CP*AP*CP*GP*TP*GP*AP*GP*GP*TP*G)-3'
;
7971.114  1 ? ? ?                                          ? 
# 
loop_
_entity_name_com.entity_id 
_entity_name_com.name 
1 TIPAL           
2 'TIPA PROMOTER' 
# 
loop_
_entity_poly.entity_id 
_entity_poly.type 
_entity_poly.nstd_linkage 
_entity_poly.nstd_monomer 
_entity_poly.pdbx_seq_one_letter_code 
_entity_poly.pdbx_seq_one_letter_code_can 
_entity_poly.pdbx_strand_id 
_entity_poly.pdbx_target_identifier 
1 'polypeptide(L)'        no no 
;SYSVGQVAGFAGVTVRTLHHYDDIGLLVPSERSHAGHRRYSDADLDRLQQILFYRELGFPLDEVAALLDDPAADPRAHLR
RQHELLSARIGKLQKMAAAVEQAMEARS
;
;SYSVGQVAGFAGVTVRTLHHYDDIGLLVPSERSHAGHRRYSDADLDRLQQILFYRELGFPLDEVAALLDDPAADPRAHLR
RQHELLSARIGKLQKMAAAVEQAMEARS
;
A ? 
2 polydeoxyribonucleotide no no 
;(DT)(DT)(DG)(DC)(DT)(DC)(DC)(DT)(DC)(DA)(DC)(DG)(DT)(DC)(DA)(DC)(DG)(DT)(DG)(DA)
(DG)(DG)(DT)(DG)(DG)(DC)
;
TTGCTCCTCACGTCACGTGAGGTGGC                                                                                      B ? 
# 
loop_
_entity_poly_seq.entity_id 
_entity_poly_seq.num 
_entity_poly_seq.mon_id 
_entity_poly_seq.hetero 
1 1   SER n 
1 2   TYR n 
1 3   SER n 
1 4   VAL n 
1 5   GLY n 
1 6   GLN n 
1 7   VAL n 
1 8   ALA n 
1 9   GLY n 
1 10  PHE n 
1 11  ALA n 
1 12  GLY n 
1 13  VAL n 
1 14  THR n 
1 15  VAL n 
1 16  ARG n 
1 17  THR n 
1 18  LEU n 
1 19  HIS n 
1 20  HIS n 
1 21  TYR n 
1 22  ASP n 
1 23  ASP n 
1 24  ILE n 
1 25  GLY n 
1 26  LEU n 
1 27  LEU n 
1 28  VAL n 
1 29  PRO n 
1 30  SER n 
1 31  GLU n 
1 32  ARG n 
1 33  SER n 
1 34  HIS n 
1 35  ALA n 
1 36  GLY n 
1 37  HIS n 
1 38  ARG n 
1 39  ARG n 
1 40  TYR n 
1 41  SER n 
1 42  ASP n 
1 43  ALA n 
1 44  ASP n 
1 45  LEU n 
1 46  ASP n 
1 47  ARG n 
1 48  LEU n 
1 49  GLN n 
1 50  GLN n 
1 51  ILE n 
1 52  LEU n 
1 53  PHE n 
1 54  TYR n 
1 55  ARG n 
1 56  GLU n 
1 57  LEU n 
1 58  GLY n 
1 59  PHE n 
1 60  PRO n 
1 61  LEU n 
1 62  ASP n 
1 63  GLU n 
1 64  VAL n 
1 65  ALA n 
1 66  ALA n 
1 67  LEU n 
1 68  LEU n 
1 69  ASP n 
1 70  ASP n 
1 71  PRO n 
1 72  ALA n 
1 73  ALA n 
1 74  ASP n 
1 75  PRO n 
1 76  ARG n 
1 77  ALA n 
1 78  HIS n 
1 79  LEU n 
1 80  ARG n 
1 81  ARG n 
1 82  GLN n 
1 83  HIS n 
1 84  GLU n 
1 85  LEU n 
1 86  LEU n 
1 87  SER n 
1 88  ALA n 
1 89  ARG n 
1 90  ILE n 
1 91  GLY n 
1 92  LYS n 
1 93  LEU n 
1 94  GLN n 
1 95  LYS n 
1 96  MET n 
1 97  ALA n 
1 98  ALA n 
1 99  ALA n 
1 100 VAL n 
1 101 GLU n 
1 102 GLN n 
1 103 ALA n 
1 104 MET n 
1 105 GLU n 
1 106 ALA n 
1 107 ARG n 
1 108 SER n 
2 1   DT  n 
2 2   DT  n 
2 3   DG  n 
2 4   DC  n 
2 5   DT  n 
2 6   DC  n 
2 7   DC  n 
2 8   DT  n 
2 9   DC  n 
2 10  DA  n 
2 11  DC  n 
2 12  DG  n 
2 13  DT  n 
2 14  DC  n 
2 15  DA  n 
2 16  DC  n 
2 17  DG  n 
2 18  DT  n 
2 19  DG  n 
2 20  DA  n 
2 21  DG  n 
2 22  DG  n 
2 23  DT  n 
2 24  DG  n 
2 25  DG  n 
2 26  DC  n 
# 
_entity_src_gen.entity_id                          1 
_entity_src_gen.pdbx_src_id                        1 
_entity_src_gen.pdbx_alt_source_flag               sample 
_entity_src_gen.pdbx_seq_type                      ? 
_entity_src_gen.pdbx_beg_seq_num                   ? 
_entity_src_gen.pdbx_end_seq_num                   ? 
_entity_src_gen.gene_src_common_name               ? 
_entity_src_gen.gene_src_genus                     ? 
_entity_src_gen.pdbx_gene_src_gene                 ? 
_entity_src_gen.gene_src_species                   ? 
_entity_src_gen.gene_src_strain                    ? 
_entity_src_gen.gene_src_tissue                    ? 
_entity_src_gen.gene_src_tissue_fraction           ? 
_entity_src_gen.gene_src_details                   ? 
_entity_src_gen.pdbx_gene_src_fragment             ? 
_entity_src_gen.pdbx_gene_src_scientific_name      'STREPTOMYCES LIVIDANS' 
_entity_src_gen.pdbx_gene_src_ncbi_taxonomy_id     1916 
_entity_src_gen.pdbx_gene_src_variant              ? 
_entity_src_gen.pdbx_gene_src_cell_line            ? 
_entity_src_gen.pdbx_gene_src_atcc                 ? 
_entity_src_gen.pdbx_gene_src_organ                ? 
_entity_src_gen.pdbx_gene_src_organelle            ? 
_entity_src_gen.pdbx_gene_src_cell                 ? 
_entity_src_gen.pdbx_gene_src_cellular_location    ? 
_entity_src_gen.host_org_common_name               ? 
_entity_src_gen.pdbx_host_org_scientific_name      'ESCHERICHIA COLI' 
_entity_src_gen.pdbx_host_org_ncbi_taxonomy_id     469008 
_entity_src_gen.host_org_genus                     ? 
_entity_src_gen.pdbx_host_org_gene                 ? 
_entity_src_gen.pdbx_host_org_organ                ? 
_entity_src_gen.host_org_species                   ? 
_entity_src_gen.pdbx_host_org_tissue               ? 
_entity_src_gen.pdbx_host_org_tissue_fraction      ? 
_entity_src_gen.pdbx_host_org_strain               'BL21(DE3)' 
_entity_src_gen.pdbx_host_org_variant              ? 
_entity_src_gen.pdbx_host_org_cell_line            ? 
_entity_src_gen.pdbx_host_org_atcc                 ? 
_entity_src_gen.pdbx_host_org_culture_collection   ? 
_entity_src_gen.pdbx_host_org_cell                 ? 
_entity_src_gen.pdbx_host_org_organelle            ? 
_entity_src_gen.pdbx_host_org_cellular_location    ? 
_entity_src_gen.pdbx_host_org_vector_type          ? 
_entity_src_gen.pdbx_host_org_vector               ? 
_entity_src_gen.host_org_details                   ? 
_entity_src_gen.expression_system_id               ? 
_entity_src_gen.plasmid_name                       'MODIFIED PET22B' 
_entity_src_gen.plasmid_details                    ? 
_entity_src_gen.pdbx_description                   ? 
# 
_pdbx_entity_src_syn.entity_id              2 
_pdbx_entity_src_syn.pdbx_src_id            1 
_pdbx_entity_src_syn.pdbx_alt_source_flag   sample 
_pdbx_entity_src_syn.pdbx_beg_seq_num       ? 
_pdbx_entity_src_syn.pdbx_end_seq_num       ? 
_pdbx_entity_src_syn.organism_scientific    'STREPTOMYCES LIVIDANS' 
_pdbx_entity_src_syn.organism_common_name   ? 
_pdbx_entity_src_syn.ncbi_taxonomy_id       1916 
_pdbx_entity_src_syn.details                ? 
# 
loop_
_struct_ref.id 
_struct_ref.db_name 
_struct_ref.db_code 
_struct_ref.entity_id 
_struct_ref.pdbx_seq_one_letter_code 
_struct_ref.pdbx_align_begin 
_struct_ref.pdbx_db_accession 
_struct_ref.pdbx_db_isoform 
1 UNP TIPA_STRLI 1 ? ? P0A4T9 ? 
2 GB  AAB27737   2 ? ? 408222 ? 
# 
loop_
_struct_ref_seq.align_id 
_struct_ref_seq.ref_id 
_struct_ref_seq.pdbx_PDB_id_code 
_struct_ref_seq.pdbx_strand_id 
_struct_ref_seq.seq_align_beg 
_struct_ref_seq.pdbx_seq_align_beg_ins_code 
_struct_ref_seq.seq_align_end 
_struct_ref_seq.pdbx_seq_align_end_ins_code 
_struct_ref_seq.pdbx_db_accession 
_struct_ref_seq.db_align_beg 
_struct_ref_seq.pdbx_db_align_beg_ins_code 
_struct_ref_seq.db_align_end 
_struct_ref_seq.pdbx_db_align_end_ins_code 
_struct_ref_seq.pdbx_auth_seq_align_beg 
_struct_ref_seq.pdbx_auth_seq_align_end 
1 1 2VZ4 A 1 ? 108 ? P0A4T9 2  ? 109 ? 2   109 
2 2 2VZ4 B 1 ? 26  ? 408222 63 ? 88  ? -14 13  
# 
loop_
_struct_ref_seq_dif.align_id 
_struct_ref_seq_dif.pdbx_pdb_id_code 
_struct_ref_seq_dif.mon_id 
_struct_ref_seq_dif.pdbx_pdb_strand_id 
_struct_ref_seq_dif.seq_num 
_struct_ref_seq_dif.pdbx_pdb_ins_code 
_struct_ref_seq_dif.pdbx_seq_db_name 
_struct_ref_seq_dif.pdbx_seq_db_accession_code 
_struct_ref_seq_dif.db_mon_id 
_struct_ref_seq_dif.pdbx_seq_db_seq_num 
_struct_ref_seq_dif.details 
_struct_ref_seq_dif.pdbx_auth_seq_num 
_struct_ref_seq_dif.pdbx_ordinal 
2 2VZ4 DT B 5  ? GB 408222 DA 67 'SEE REMARK 999' -10 1 
2 2VZ4 DT B 23 ? GB 408222 DA 85 'SEE REMARK 999' 10  2 
# 
loop_
_chem_comp.id 
_chem_comp.type 
_chem_comp.mon_nstd_flag 
_chem_comp.name 
_chem_comp.pdbx_synonyms 
_chem_comp.formula 
_chem_comp.formula_weight 
ALA 'L-peptide linking' y ALANINE                              ? 'C3 H7 N O2'      89.093  
ARG 'L-peptide linking' y ARGININE                             ? 'C6 H15 N4 O2 1'  175.209 
ASP 'L-peptide linking' y 'ASPARTIC ACID'                      ? 'C4 H7 N O4'      133.103 
DA  'DNA linking'       y "2'-DEOXYADENOSINE-5'-MONOPHOSPHATE" ? 'C10 H14 N5 O6 P' 331.222 
DC  'DNA linking'       y "2'-DEOXYCYTIDINE-5'-MONOPHOSPHATE"  ? 'C9 H14 N3 O7 P'  307.197 
DG  'DNA linking'       y "2'-DEOXYGUANOSINE-5'-MONOPHOSPHATE" ? 'C10 H14 N5 O7 P' 347.221 
DT  'DNA linking'       y "THYMIDINE-5'-MONOPHOSPHATE"         ? 'C10 H15 N2 O8 P' 322.208 
GLN 'L-peptide linking' y GLUTAMINE                            ? 'C5 H10 N2 O3'    146.144 
GLU 'L-peptide linking' y 'GLUTAMIC ACID'                      ? 'C5 H9 N O4'      147.129 
GLY 'peptide linking'   y GLYCINE                              ? 'C2 H5 N O2'      75.067  
HIS 'L-peptide linking' y HISTIDINE                            ? 'C6 H10 N3 O2 1'  156.162 
ILE 'L-peptide linking' y ISOLEUCINE                           ? 'C6 H13 N O2'     131.173 
LEU 'L-peptide linking' y LEUCINE                              ? 'C6 H13 N O2'     131.173 
LYS 'L-peptide linking' y LYSINE                               ? 'C6 H15 N2 O2 1'  147.195 
MET 'L-peptide linking' y METHIONINE                           ? 'C5 H11 N O2 S'   149.211 
PHE 'L-peptide linking' y PHENYLALANINE                        ? 'C9 H11 N O2'     165.189 
PRO 'L-peptide linking' y PROLINE                              ? 'C5 H9 N O2'      115.130 
SER 'L-peptide linking' y SERINE                               ? 'C3 H7 N O3'      105.093 
THR 'L-peptide linking' y THREONINE                            ? 'C4 H9 N O3'      119.119 
TYR 'L-peptide linking' y TYROSINE                             ? 'C9 H11 N O3'     181.189 
VAL 'L-peptide linking' y VALINE                               ? 'C5 H11 N O2'     117.146 
# 
_exptl.entry_id          2VZ4 
_exptl.method            'X-RAY DIFFRACTION' 
_exptl.crystals_number   1 
# 
_exptl_crystal.id                    1 
_exptl_crystal.density_meas          ? 
_exptl_crystal.density_Matthews      2.83 
_exptl_crystal.density_percent_sol   60 
_exptl_crystal.description           NONE 
# 
_exptl_crystal_grow.crystal_id      1 
_exptl_crystal_grow.method          'VAPOR DIFFUSION, SITTING DROP' 
_exptl_crystal_grow.temp            ? 
_exptl_crystal_grow.temp_details    ? 
_exptl_crystal_grow.pH              8.5 
_exptl_crystal_grow.pdbx_pH_range   ? 
_exptl_crystal_grow.pdbx_details    
;SITTING DROP CONTAINING 4 MICROLITERS PROTEIN-DNA SOLUTION PLUS 6 MICROLITERS RESERVOIR SOLUTION. PROTEIN-DNA SOLUTION: 500 MICROMOLAR (6 MILLIGRAMS/MILLILITER) PROTEIN, 275 MICROMOLAR DOUBLE-STRANDED DNA, 123 MILLIMOLAR SODIUM CHLORIDE, 16 MILLIMOLAR TRIS (TRIS(HYDROXYMETHYL)AMINOMETHANE), 8 MILLIMOLAR SODIUM CACODYLATE, 4 MILLIMOLAR MAGNESIUM CHLORIDE, 0.8 MILLIMOLAR EDTA (ETHYLENEDIAMINETETRAACETIC ACID), PH 8. RESERVOIR SOLUTION: 15% (WEIGHT/VOLUME) PEG-8K (POLY(ETHYLENE GLYCOL) WITH MOLECULAR MASS 8000 GRAMS/MOLE), 200 MILLIMOLAR MAGNESIUM CHLORIDE, 100 MILLIMOLAR TRIS (TRIS(HYDROXYMETHYL)AMINOMETHANE), PH 8.5.
;
# 
_diffrn.id                     1 
_diffrn.ambient_temp           100 
_diffrn.ambient_temp_details   ? 
_diffrn.crystal_id             1 
# 
_diffrn_detector.diffrn_id              1 
_diffrn_detector.detector               CCD 
_diffrn_detector.type                   MARRESEARCH 
_diffrn_detector.pdbx_collection_date   2005-06-20 
_diffrn_detector.details                ? 
# 
_diffrn_radiation.diffrn_id                        1 
_diffrn_radiation.wavelength_id                    1 
_diffrn_radiation.pdbx_monochromatic_or_laue_m_l   M 
_diffrn_radiation.monochromator                    ? 
_diffrn_radiation.pdbx_diffrn_protocol             'SINGLE WAVELENGTH' 
_diffrn_radiation.pdbx_scattering_type             x-ray 
# 
_diffrn_radiation_wavelength.id           1 
_diffrn_radiation_wavelength.wavelength   0.9001 
_diffrn_radiation_wavelength.wt           1.0 
# 
_diffrn_source.diffrn_id                   1 
_diffrn_source.source                      SYNCHROTRON 
_diffrn_source.type                        'SLS BEAMLINE X06SA' 
_diffrn_source.pdbx_synchrotron_site       SLS 
_diffrn_source.pdbx_synchrotron_beamline   X06SA 
_diffrn_source.pdbx_wavelength             0.9001 
_diffrn_source.pdbx_wavelength_list        ? 
# 
_reflns.pdbx_diffrn_id               1 
_reflns.pdbx_ordinal                 1 
_reflns.entry_id                     2VZ4 
_reflns.observed_criterion_sigma_I   0.0 
_reflns.observed_criterion_sigma_F   ? 
_reflns.d_resolution_low             72.74 
_reflns.d_resolution_high            2.90 
_reflns.number_obs                   5321 
_reflns.number_all                   ? 
_reflns.percent_possible_obs         99.5 
_reflns.pdbx_Rmerge_I_obs            0.08 
_reflns.pdbx_Rsym_value              ? 
_reflns.pdbx_netI_over_sigmaI        20.20 
_reflns.B_iso_Wilson_estimate        ? 
_reflns.pdbx_redundancy              6.3 
# 
_reflns_shell.pdbx_diffrn_id         1 
_reflns_shell.pdbx_ordinal           1 
_reflns_shell.d_res_high             2.90 
_reflns_shell.d_res_low              3.06 
_reflns_shell.percent_possible_all   99.5 
_reflns_shell.Rmerge_I_obs           0.35 
_reflns_shell.pdbx_Rsym_value        ? 
_reflns_shell.meanI_over_sigI_obs    5.50 
_reflns_shell.pdbx_redundancy        6.1 
# 
_refine.pdbx_refine_id                           'X-RAY DIFFRACTION' 
_refine.entry_id                                 2VZ4 
_refine.pdbx_diffrn_id                           1 
_refine.pdbx_TLS_residual_ADP_flag               'LIKELY RESIDUAL' 
_refine.ls_number_reflns_obs                     4922 
_refine.ls_number_reflns_all                     ? 
_refine.pdbx_ls_sigma_I                          ? 
_refine.pdbx_ls_sigma_F                          ? 
_refine.pdbx_data_cutoff_high_absF               ? 
_refine.pdbx_data_cutoff_low_absF                ? 
_refine.pdbx_data_cutoff_high_rms_absF           ? 
_refine.ls_d_res_low                             30.00 
_refine.ls_d_res_high                            2.90 
_refine.ls_percent_reflns_obs                    95.9 
_refine.ls_R_factor_obs                          0.240 
_refine.ls_R_factor_all                          ? 
_refine.ls_R_factor_R_work                       0.239 
_refine.ls_R_factor_R_free                       0.274 
_refine.ls_R_factor_R_free_error                 ? 
_refine.ls_R_factor_R_free_error_details         ? 
_refine.ls_percent_reflns_R_free                 4.500 
_refine.ls_number_reflns_R_free                  230 
_refine.ls_number_parameters                     ? 
_refine.ls_number_restraints                     ? 
_refine.occupancy_min                            ? 
_refine.occupancy_max                            ? 
_refine.correlation_coeff_Fo_to_Fc               0.923 
_refine.correlation_coeff_Fo_to_Fc_free          0.872 
_refine.B_iso_mean                               47.66 
_refine.aniso_B[1][1]                            1.50000 
_refine.aniso_B[2][2]                            -4.37000 
_refine.aniso_B[3][3]                            2.87000 
_refine.aniso_B[1][2]                            0.00000 
_refine.aniso_B[1][3]                            0.00000 
_refine.aniso_B[2][3]                            0.00000 
_refine.solvent_model_details                    'BABINET MODEL WITH MASK' 
_refine.solvent_model_param_ksol                 ? 
_refine.solvent_model_param_bsol                 ? 
_refine.pdbx_solvent_vdw_probe_radii             1.20 
_refine.pdbx_solvent_ion_probe_radii             0.80 
_refine.pdbx_solvent_shrinkage_radii             0.80 
_refine.pdbx_ls_cross_valid_method               THROUGHOUT 
_refine.details                                  
'HYDROGENS HAVE BEEN ADDED IN THE RIDING POSITIONS. ATOM RECORD CONTAINS RESIDUAL B FACTORS ONLY.' 
_refine.pdbx_starting_model                      'PDB ENTRY 1R8D' 
_refine.pdbx_method_to_determine_struct          'MOLECULAR REPLACEMENT' 
_refine.pdbx_isotropic_thermal_model             ? 
_refine.pdbx_stereochemistry_target_values       'MAXIMUM LIKELIHOOD' 
_refine.pdbx_stereochem_target_val_spec_case     ? 
_refine.pdbx_R_Free_selection_details            RANDOM 
_refine.pdbx_overall_ESU_R                       1.777 
_refine.pdbx_overall_ESU_R_Free                  0.401 
_refine.overall_SU_ML                            0.423 
_refine.pdbx_overall_phase_error                 ? 
_refine.overall_SU_B                             56.040 
_refine.overall_SU_R_Cruickshank_DPI             ? 
_refine.pdbx_overall_SU_R_free_Cruickshank_DPI   ? 
_refine.pdbx_overall_SU_R_Blow_DPI               ? 
_refine.pdbx_overall_SU_R_free_Blow_DPI          ? 
# 
_refine_hist.pdbx_refine_id                   'X-RAY DIFFRACTION' 
_refine_hist.cycle_id                         LAST 
_refine_hist.pdbx_number_atoms_protein        794 
_refine_hist.pdbx_number_atoms_nucleic_acid   428 
_refine_hist.pdbx_number_atoms_ligand         0 
_refine_hist.number_atoms_solvent             0 
_refine_hist.number_atoms_total               1222 
_refine_hist.d_res_high                       2.90 
_refine_hist.d_res_low                        30.00 
# 
loop_
_refine_ls_restr.type 
_refine_ls_restr.dev_ideal 
_refine_ls_restr.dev_ideal_target 
_refine_ls_restr.weight 
_refine_ls_restr.number 
_refine_ls_restr.pdbx_refine_id 
_refine_ls_restr.pdbx_restraint_function 
r_bond_refined_d             0.008  0.021  ? 1245 'X-RAY DIFFRACTION' ? 
r_bond_other_d               0.001  0.020  ? 712  'X-RAY DIFFRACTION' ? 
r_angle_refined_deg          1.337  2.391  ? 1771 'X-RAY DIFFRACTION' ? 
r_angle_other_deg            0.912  3.000  ? 1730 'X-RAY DIFFRACTION' ? 
r_dihedral_angle_1_deg       5.115  5.000  ? 98   'X-RAY DIFFRACTION' ? 
r_dihedral_angle_2_deg       38.988 22.353 ? 34   'X-RAY DIFFRACTION' ? 
r_dihedral_angle_3_deg       15.313 15.000 ? 122  'X-RAY DIFFRACTION' ? 
r_dihedral_angle_4_deg       18.876 15.000 ? 7    'X-RAY DIFFRACTION' ? 
r_chiral_restr               0.051  0.200  ? 203  'X-RAY DIFFRACTION' ? 
r_gen_planes_refined         0.003  0.020  ? 1084 'X-RAY DIFFRACTION' ? 
r_gen_planes_other           0.001  0.020  ? 207  'X-RAY DIFFRACTION' ? 
r_nbd_refined                0.201  0.200  ? 244  'X-RAY DIFFRACTION' ? 
r_nbd_other                  0.176  0.200  ? 739  'X-RAY DIFFRACTION' ? 
r_nbtor_refined              0.199  0.200  ? 545  'X-RAY DIFFRACTION' ? 
r_nbtor_other                0.084  0.200  ? 511  'X-RAY DIFFRACTION' ? 
r_xyhbond_nbd_refined        0.122  0.200  ? 18   'X-RAY DIFFRACTION' ? 
r_xyhbond_nbd_other          ?      ?      ? ?    'X-RAY DIFFRACTION' ? 
r_metal_ion_refined          ?      ?      ? ?    'X-RAY DIFFRACTION' ? 
r_metal_ion_other            ?      ?      ? ?    'X-RAY DIFFRACTION' ? 
r_symmetry_vdw_refined       0.152  0.200  ? 12   'X-RAY DIFFRACTION' ? 
r_symmetry_vdw_other         0.374  0.200  ? 38   'X-RAY DIFFRACTION' ? 
r_symmetry_hbond_refined     0.075  0.200  ? 6    'X-RAY DIFFRACTION' ? 
r_symmetry_hbond_other       ?      ?      ? ?    'X-RAY DIFFRACTION' ? 
r_symmetry_metal_ion_refined ?      ?      ? ?    'X-RAY DIFFRACTION' ? 
r_symmetry_metal_ion_other   ?      ?      ? ?    'X-RAY DIFFRACTION' ? 
r_mcbond_it                  1.519  1.500  ? 530  'X-RAY DIFFRACTION' ? 
r_mcbond_other               0.342  1.500  ? 203  'X-RAY DIFFRACTION' ? 
r_mcangle_it                 2.385  2.000  ? 771  'X-RAY DIFFRACTION' ? 
r_mcangle_other              ?      ?      ? ?    'X-RAY DIFFRACTION' ? 
r_scbond_it                  3.359  3.000  ? 980  'X-RAY DIFFRACTION' ? 
r_scbond_other               ?      ?      ? ?    'X-RAY DIFFRACTION' ? 
r_scangle_it                 5.019  4.500  ? 1000 'X-RAY DIFFRACTION' ? 
r_scangle_other              ?      ?      ? ?    'X-RAY DIFFRACTION' ? 
r_long_range_B_refined       ?      ?      ? ?    'X-RAY DIFFRACTION' ? 
r_long_range_B_other         ?      ?      ? ?    'X-RAY DIFFRACTION' ? 
r_rigid_bond_restr           ?      ?      ? ?    'X-RAY DIFFRACTION' ? 
r_sphericity_free            ?      ?      ? ?    'X-RAY DIFFRACTION' ? 
r_sphericity_bonded          ?      ?      ? ?    'X-RAY DIFFRACTION' ? 
# 
_refine_ls_shell.pdbx_refine_id                   'X-RAY DIFFRACTION' 
_refine_ls_shell.pdbx_total_number_of_bins_used   20 
_refine_ls_shell.d_res_high                       2.90 
_refine_ls_shell.d_res_low                        2.98 
_refine_ls_shell.number_reflns_R_work             356 
_refine_ls_shell.R_factor_R_work                  0.3580 
_refine_ls_shell.percent_reflns_obs               ? 
_refine_ls_shell.R_factor_R_free                  0.4150 
_refine_ls_shell.R_factor_R_free_error            ? 
_refine_ls_shell.percent_reflns_R_free            ? 
_refine_ls_shell.number_reflns_R_free             13 
_refine_ls_shell.number_reflns_all                ? 
_refine_ls_shell.R_factor_all                     ? 
# 
_struct.entry_id                  2VZ4 
_struct.title                     'The N-terminal domain of MerR-like protein TipAL bound to promoter DNA' 
_struct.pdbx_model_details        ? 
_struct.pdbx_CASP_flag            ? 
_struct.pdbx_model_type_details   ? 
# 
_struct_keywords.entry_id        2VZ4 
_struct_keywords.pdbx_keywords   TRANSCRIPTION 
_struct_keywords.text            
;TRANSCRIPTION, RESISTANCE, ANTIBIOTIC, DNA-BINDING, STREPTOMYCES, TRANSCRIPTION FACTOR, ALTERNATIVE INITIATION, TRANSCRIPTION REGULATION, DNA, MERR, DRUG, TIPAL, TIPAN, TIPAS, ACTIVATOR
;
# 
loop_
_struct_asym.id 
_struct_asym.pdbx_blank_PDB_chainid_flag 
_struct_asym.pdbx_modified 
_struct_asym.entity_id 
_struct_asym.details 
A N N 1 ? 
B N N 2 ? 
# 
_struct_biol.id   1 
# 
loop_
_struct_conf.conf_type_id 
_struct_conf.id 
_struct_conf.pdbx_PDB_helix_id 
_struct_conf.beg_label_comp_id 
_struct_conf.beg_label_asym_id 
_struct_conf.beg_label_seq_id 
_struct_conf.pdbx_beg_PDB_ins_code 
_struct_conf.end_label_comp_id 
_struct_conf.end_label_asym_id 
_struct_conf.end_label_seq_id 
_struct_conf.pdbx_end_PDB_ins_code 
_struct_conf.beg_auth_comp_id 
_struct_conf.beg_auth_asym_id 
_struct_conf.beg_auth_seq_id 
_struct_conf.end_auth_comp_id 
_struct_conf.end_auth_asym_id 
_struct_conf.end_auth_seq_id 
_struct_conf.pdbx_PDB_helix_class 
_struct_conf.details 
_struct_conf.pdbx_PDB_helix_length 
HELX_P HELX_P1 1 SER A 3  ? GLY A 12  ? SER A 4  GLY A 13  1 ? 10 
HELX_P HELX_P2 2 THR A 14 ? ILE A 24  ? THR A 15 ILE A 25  1 ? 11 
HELX_P HELX_P3 3 SER A 41 ? LEU A 57  ? SER A 42 LEU A 58  1 ? 17 
HELX_P HELX_P4 4 PRO A 60 ? ASP A 69  ? PRO A 61 ASP A 70  1 ? 10 
HELX_P HELX_P5 5 ALA A 77 ? GLU A 105 ? ALA A 78 GLU A 106 1 ? 29 
# 
_struct_conf_type.id          HELX_P 
_struct_conf_type.criteria    ? 
_struct_conf_type.reference   ? 
# 
loop_
_struct_conn.id 
_struct_conn.conn_type_id 
_struct_conn.pdbx_leaving_atom_flag 
_struct_conn.pdbx_PDB_id 
_struct_conn.ptnr1_label_asym_id 
_struct_conn.ptnr1_label_comp_id 
_struct_conn.ptnr1_label_seq_id 
_struct_conn.ptnr1_label_atom_id 
_struct_conn.pdbx_ptnr1_label_alt_id 
_struct_conn.pdbx_ptnr1_PDB_ins_code 
_struct_conn.pdbx_ptnr1_standard_comp_id 
_struct_conn.ptnr1_symmetry 
_struct_conn.ptnr2_label_asym_id 
_struct_conn.ptnr2_label_comp_id 
_struct_conn.ptnr2_label_seq_id 
_struct_conn.ptnr2_label_atom_id 
_struct_conn.pdbx_ptnr2_label_alt_id 
_struct_conn.pdbx_ptnr2_PDB_ins_code 
_struct_conn.ptnr1_auth_asym_id 
_struct_conn.ptnr1_auth_comp_id 
_struct_conn.ptnr1_auth_seq_id 
_struct_conn.ptnr2_auth_asym_id 
_struct_conn.ptnr2_auth_comp_id 
_struct_conn.ptnr2_auth_seq_id 
_struct_conn.ptnr2_symmetry 
_struct_conn.pdbx_ptnr3_label_atom_id 
_struct_conn.pdbx_ptnr3_label_seq_id 
_struct_conn.pdbx_ptnr3_label_comp_id 
_struct_conn.pdbx_ptnr3_label_asym_id 
_struct_conn.pdbx_ptnr3_label_alt_id 
_struct_conn.pdbx_ptnr3_PDB_ins_code 
_struct_conn.details 
_struct_conn.pdbx_dist_value 
_struct_conn.pdbx_value_order 
_struct_conn.pdbx_role 
hydrog1  hydrog ? ? B DC 4  O2 ? ? ? 1_555 B DG 24 N2 ? ? B DC -11 B DG 11  2_565 ? ? ? ? ? ? 'DC-DG PAIR' ? ? ? 
hydrog2  hydrog ? ? B DC 6  N3 ? ? ? 1_555 B DG 22 N1 ? ? B DC -9  B DG 9   2_565 ? ? ? ? ? ? WATSON-CRICK ? ? ? 
hydrog3  hydrog ? ? B DC 6  N4 ? ? ? 1_555 B DG 22 O6 ? ? B DC -9  B DG 9   2_565 ? ? ? ? ? ? WATSON-CRICK ? ? ? 
hydrog4  hydrog ? ? B DC 6  O2 ? ? ? 1_555 B DG 22 N2 ? ? B DC -9  B DG 9   2_565 ? ? ? ? ? ? WATSON-CRICK ? ? ? 
hydrog5  hydrog ? ? B DC 7  N3 ? ? ? 1_555 B DG 21 N1 ? ? B DC -8  B DG 8   2_565 ? ? ? ? ? ? WATSON-CRICK ? ? ? 
hydrog6  hydrog ? ? B DC 7  N4 ? ? ? 1_555 B DG 21 O6 ? ? B DC -8  B DG 8   2_565 ? ? ? ? ? ? WATSON-CRICK ? ? ? 
hydrog7  hydrog ? ? B DC 7  O2 ? ? ? 1_555 B DG 21 N2 ? ? B DC -8  B DG 8   2_565 ? ? ? ? ? ? WATSON-CRICK ? ? ? 
hydrog8  hydrog ? ? B DT 8  N3 ? ? ? 1_555 B DA 20 N1 ? ? B DT -7  B DA 7   2_565 ? ? ? ? ? ? WATSON-CRICK ? ? ? 
hydrog9  hydrog ? ? B DT 8  O4 ? ? ? 1_555 B DA 20 N6 ? ? B DT -7  B DA 7   2_565 ? ? ? ? ? ? WATSON-CRICK ? ? ? 
hydrog10 hydrog ? ? B DC 9  N4 ? ? ? 1_555 B DG 19 O6 ? ? B DC -6  B DG 6   2_565 ? ? ? ? ? ? 'DC-DG PAIR' ? ? ? 
hydrog11 hydrog ? ? B DA 10 N1 ? ? ? 1_555 B DT 18 N3 ? ? B DA -5  B DT 5   2_565 ? ? ? ? ? ? WATSON-CRICK ? ? ? 
hydrog12 hydrog ? ? B DA 10 N6 ? ? ? 1_555 B DT 18 O4 ? ? B DA -5  B DT 5   2_565 ? ? ? ? ? ? WATSON-CRICK ? ? ? 
hydrog13 hydrog ? ? B DC 11 N3 ? ? ? 1_555 B DG 17 N1 ? ? B DC -4  B DG 4   2_565 ? ? ? ? ? ? WATSON-CRICK ? ? ? 
hydrog14 hydrog ? ? B DC 11 N4 ? ? ? 1_555 B DG 17 O6 ? ? B DC -4  B DG 4   2_565 ? ? ? ? ? ? WATSON-CRICK ? ? ? 
hydrog15 hydrog ? ? B DC 11 O2 ? ? ? 1_555 B DG 17 N2 ? ? B DC -4  B DG 4   2_565 ? ? ? ? ? ? WATSON-CRICK ? ? ? 
hydrog16 hydrog ? ? B DG 12 N1 ? ? ? 1_555 B DC 16 N3 ? ? B DG -3  B DC 3   2_565 ? ? ? ? ? ? WATSON-CRICK ? ? ? 
hydrog17 hydrog ? ? B DG 12 N2 ? ? ? 1_555 B DC 16 O2 ? ? B DG -3  B DC 3   2_565 ? ? ? ? ? ? WATSON-CRICK ? ? ? 
hydrog18 hydrog ? ? B DG 12 O6 ? ? ? 1_555 B DC 16 N4 ? ? B DG -3  B DC 3   2_565 ? ? ? ? ? ? WATSON-CRICK ? ? ? 
hydrog19 hydrog ? ? B DT 13 N3 ? ? ? 1_555 B DA 15 N1 ? ? B DT -2  B DA 2   2_565 ? ? ? ? ? ? WATSON-CRICK ? ? ? 
hydrog20 hydrog ? ? B DT 13 O4 ? ? ? 1_555 B DA 15 N6 ? ? B DT -2  B DA 2   2_565 ? ? ? ? ? ? WATSON-CRICK ? ? ? 
hydrog21 hydrog ? ? B DA 15 N1 ? ? ? 1_555 B DT 13 N3 ? ? B DA 2   B DT -2  2_565 ? ? ? ? ? ? WATSON-CRICK ? ? ? 
hydrog22 hydrog ? ? B DA 15 N6 ? ? ? 1_555 B DT 13 O4 ? ? B DA 2   B DT -2  2_565 ? ? ? ? ? ? WATSON-CRICK ? ? ? 
hydrog23 hydrog ? ? B DC 16 N3 ? ? ? 1_555 B DG 12 N1 ? ? B DC 3   B DG -3  2_565 ? ? ? ? ? ? WATSON-CRICK ? ? ? 
hydrog24 hydrog ? ? B DC 16 N4 ? ? ? 1_555 B DG 12 O6 ? ? B DC 3   B DG -3  2_565 ? ? ? ? ? ? WATSON-CRICK ? ? ? 
hydrog25 hydrog ? ? B DC 16 O2 ? ? ? 1_555 B DG 12 N2 ? ? B DC 3   B DG -3  2_565 ? ? ? ? ? ? WATSON-CRICK ? ? ? 
hydrog26 hydrog ? ? B DG 17 N1 ? ? ? 1_555 B DC 11 N3 ? ? B DG 4   B DC -4  2_565 ? ? ? ? ? ? WATSON-CRICK ? ? ? 
hydrog27 hydrog ? ? B DG 17 N2 ? ? ? 1_555 B DC 11 O2 ? ? B DG 4   B DC -4  2_565 ? ? ? ? ? ? WATSON-CRICK ? ? ? 
hydrog28 hydrog ? ? B DG 17 O6 ? ? ? 1_555 B DC 11 N4 ? ? B DG 4   B DC -4  2_565 ? ? ? ? ? ? WATSON-CRICK ? ? ? 
hydrog29 hydrog ? ? B DT 18 N3 ? ? ? 1_555 B DA 10 N1 ? ? B DT 5   B DA -5  2_565 ? ? ? ? ? ? WATSON-CRICK ? ? ? 
hydrog30 hydrog ? ? B DT 18 O4 ? ? ? 1_555 B DA 10 N6 ? ? B DT 5   B DA -5  2_565 ? ? ? ? ? ? WATSON-CRICK ? ? ? 
hydrog31 hydrog ? ? B DG 19 O6 ? ? ? 1_555 B DC 9  N4 ? ? B DG 6   B DC -6  2_565 ? ? ? ? ? ? 'DG-DC PAIR' ? ? ? 
hydrog32 hydrog ? ? B DA 20 N1 ? ? ? 1_555 B DT 8  N3 ? ? B DA 7   B DT -7  2_565 ? ? ? ? ? ? WATSON-CRICK ? ? ? 
hydrog33 hydrog ? ? B DA 20 N6 ? ? ? 1_555 B DT 8  O4 ? ? B DA 7   B DT -7  2_565 ? ? ? ? ? ? WATSON-CRICK ? ? ? 
hydrog34 hydrog ? ? B DG 21 N1 ? ? ? 1_555 B DC 7  N3 ? ? B DG 8   B DC -8  2_565 ? ? ? ? ? ? WATSON-CRICK ? ? ? 
hydrog35 hydrog ? ? B DG 21 N2 ? ? ? 1_555 B DC 7  O2 ? ? B DG 8   B DC -8  2_565 ? ? ? ? ? ? WATSON-CRICK ? ? ? 
hydrog36 hydrog ? ? B DG 21 O6 ? ? ? 1_555 B DC 7  N4 ? ? B DG 8   B DC -8  2_565 ? ? ? ? ? ? WATSON-CRICK ? ? ? 
hydrog37 hydrog ? ? B DG 22 N1 ? ? ? 1_555 B DC 6  N3 ? ? B DG 9   B DC -9  2_565 ? ? ? ? ? ? WATSON-CRICK ? ? ? 
hydrog38 hydrog ? ? B DG 22 N2 ? ? ? 1_555 B DC 6  O2 ? ? B DG 9   B DC -9  2_565 ? ? ? ? ? ? WATSON-CRICK ? ? ? 
hydrog39 hydrog ? ? B DG 22 O6 ? ? ? 1_555 B DC 6  N4 ? ? B DG 9   B DC -9  2_565 ? ? ? ? ? ? WATSON-CRICK ? ? ? 
hydrog40 hydrog ? ? B DG 24 N2 ? ? ? 1_555 B DC 4  O2 ? ? B DG 11  B DC -11 2_565 ? ? ? ? ? ? 'DG-DC PAIR' ? ? ? 
# 
_struct_conn_type.id          hydrog 
_struct_conn_type.criteria    ? 
_struct_conn_type.reference   ? 
# 
_struct_sheet.id               AA 
_struct_sheet.type             ? 
_struct_sheet.number_strands   2 
_struct_sheet.details          ? 
# 
_struct_sheet_order.sheet_id     AA 
_struct_sheet_order.range_id_1   1 
_struct_sheet_order.range_id_2   2 
_struct_sheet_order.offset       ? 
_struct_sheet_order.sense        anti-parallel 
# 
loop_
_struct_sheet_range.sheet_id 
_struct_sheet_range.id 
_struct_sheet_range.beg_label_comp_id 
_struct_sheet_range.beg_label_asym_id 
_struct_sheet_range.beg_label_seq_id 
_struct_sheet_range.pdbx_beg_PDB_ins_code 
_struct_sheet_range.end_label_comp_id 
_struct_sheet_range.end_label_asym_id 
_struct_sheet_range.end_label_seq_id 
_struct_sheet_range.pdbx_end_PDB_ins_code 
_struct_sheet_range.beg_auth_comp_id 
_struct_sheet_range.beg_auth_asym_id 
_struct_sheet_range.beg_auth_seq_id 
_struct_sheet_range.end_auth_comp_id 
_struct_sheet_range.end_auth_asym_id 
_struct_sheet_range.end_auth_seq_id 
AA 1 GLU A 31 ? ARG A 32 ? GLU A 32 ARG A 33 
AA 2 ARG A 38 ? ARG A 39 ? ARG A 39 ARG A 40 
# 
_pdbx_struct_sheet_hbond.sheet_id                AA 
_pdbx_struct_sheet_hbond.range_id_1              1 
_pdbx_struct_sheet_hbond.range_id_2              2 
_pdbx_struct_sheet_hbond.range_1_label_atom_id   O 
_pdbx_struct_sheet_hbond.range_1_label_comp_id   GLU 
_pdbx_struct_sheet_hbond.range_1_label_asym_id   A 
_pdbx_struct_sheet_hbond.range_1_label_seq_id    31 
_pdbx_struct_sheet_hbond.range_1_PDB_ins_code    ? 
_pdbx_struct_sheet_hbond.range_1_auth_atom_id    O 
_pdbx_struct_sheet_hbond.range_1_auth_comp_id    GLU 
_pdbx_struct_sheet_hbond.range_1_auth_asym_id    A 
_pdbx_struct_sheet_hbond.range_1_auth_seq_id     32 
_pdbx_struct_sheet_hbond.range_2_label_atom_id   N 
_pdbx_struct_sheet_hbond.range_2_label_comp_id   ARG 
_pdbx_struct_sheet_hbond.range_2_label_asym_id   A 
_pdbx_struct_sheet_hbond.range_2_label_seq_id    39 
_pdbx_struct_sheet_hbond.range_2_PDB_ins_code    ? 
_pdbx_struct_sheet_hbond.range_2_auth_atom_id    N 
_pdbx_struct_sheet_hbond.range_2_auth_comp_id    ARG 
_pdbx_struct_sheet_hbond.range_2_auth_asym_id    A 
_pdbx_struct_sheet_hbond.range_2_auth_seq_id     40 
# 
_atom_sites.entry_id                    2VZ4 
_atom_sites.fract_transf_matrix[1][1]   -0.00042389 
_atom_sites.fract_transf_matrix[1][2]   0.01187692 
_atom_sites.fract_transf_matrix[1][3]   -0.01828757 
_atom_sites.fract_transf_matrix[2][1]   -0.01454930 
_atom_sites.fract_transf_matrix[2][2]   0.00220757 
_atom_sites.fract_transf_matrix[2][3]   0.00177095 
_atom_sites.fract_transf_matrix[3][1]   0.00259737 
_atom_sites.fract_transf_matrix[3][2]   0.01128638 
_atom_sites.fract_transf_matrix[3][3]   0.00726977 
_atom_sites.fract_transf_vector[1]      -0.061041 
_atom_sites.fract_transf_vector[2]      0.321238 
_atom_sites.fract_transf_vector[3]      -0.376744 
# 
loop_
_atom_type.symbol 
C 
N 
O 
P 
S 
# 
loop_
_atom_site.group_PDB 
_atom_site.id 
_atom_site.type_symbol 
_atom_site.label_atom_id 
_atom_site.label_alt_id 
_atom_site.label_comp_id 
_atom_site.label_asym_id 
_atom_site.label_entity_id 
_atom_site.label_seq_id 
_atom_site.pdbx_PDB_ins_code 
_atom_site.Cartn_x 
_atom_site.Cartn_y 
_atom_site.Cartn_z 
_atom_site.occupancy 
_atom_site.B_iso_or_equiv 
_atom_site.pdbx_formal_charge 
_atom_site.auth_seq_id 
_atom_site.auth_comp_id 
_atom_site.auth_asym_id 
_atom_site.auth_atom_id 
_atom_site.pdbx_PDB_model_num 
ATOM 1    N N     . SER A 1 1   ? 19.601  1.849   -4.021  1.00   56.25 ? 2   SER A N     1 
ATOM 2    C CA    . SER A 1 1   ? 18.905  2.883   -3.203  1.00   57.14 ? 2   SER A CA    1 
ATOM 3    C C     . SER A 1 1   ? 18.220  3.884   -4.113  1.00   57.14 ? 2   SER A C     1 
ATOM 4    O O     . SER A 1 1   ? 18.783  4.279   -5.124  1.00   58.66 ? 2   SER A O     1 
ATOM 5    C CB    . SER A 1 1   ? 19.899  3.620   -2.315  1.00   57.43 ? 2   SER A CB    1 
ATOM 6    O OG    . SER A 1 1   ? 20.777  4.401   -3.097  1.00   56.68 ? 2   SER A OG    1 
ATOM 7    N N     . TYR A 1 2   ? 17.026  4.320   -3.740  1.00   57.57 ? 3   TYR A N     1 
ATOM 8    C CA    . TYR A 1 2   ? 16.202  5.116   -4.638  1.00   58.97 ? 3   TYR A CA    1 
ATOM 9    C C     . TYR A 1 2   ? 15.762  6.446   -4.013  1.00   62.12 ? 3   TYR A C     1 
ATOM 10   O O     . TYR A 1 2   ? 15.526  6.529   -2.803  1.00   66.10 ? 3   TYR A O     1 
ATOM 11   C CB    . TYR A 1 2   ? 14.982  4.294   -5.058  1.00   57.38 ? 3   TYR A CB    1 
ATOM 12   C CG    . TYR A 1 2   ? 15.329  2.880   -5.482  1.00   57.22 ? 3   TYR A CG    1 
ATOM 13   C CD1   . TYR A 1 2   ? 15.065  1.796   -4.647  1.00   57.79 ? 3   TYR A CD1   1 
ATOM 14   C CD2   . TYR A 1 2   ? 15.935  2.627   -6.707  1.00   54.67 ? 3   TYR A CD2   1 
ATOM 15   C CE1   . TYR A 1 2   ? 15.383  0.510   -5.022  1.00   52.49 ? 3   TYR A CE1   1 
ATOM 16   C CE2   . TYR A 1 2   ? 16.255  1.336   -7.090  1.00   53.17 ? 3   TYR A CE2   1 
ATOM 17   C CZ    . TYR A 1 2   ? 15.973  0.287   -6.242  1.00   49.67 ? 3   TYR A CZ    1 
ATOM 18   O OH    . TYR A 1 2   ? 16.280  -0.988  -6.606  1.00   51.30 ? 3   TYR A OH    1 
ATOM 19   N N     . SER A 1 3   ? 15.649  7.484   -4.843  1.00   62.21 ? 4   SER A N     1 
ATOM 20   C CA    . SER A 1 3   ? 15.179  8.793   -4.382  1.00   61.08 ? 4   SER A CA    1 
ATOM 21   C C     . SER A 1 3   ? 13.658  8.788   -4.218  1.00   60.99 ? 4   SER A C     1 
ATOM 22   O O     . SER A 1 3   ? 12.980  7.848   -4.654  1.00   60.71 ? 4   SER A O     1 
ATOM 23   C CB    . SER A 1 3   ? 15.581  9.888   -5.371  1.00   60.20 ? 4   SER A CB    1 
ATOM 24   O OG    . SER A 1 3   ? 14.677  9.941   -6.459  1.00   62.91 ? 4   SER A OG    1 
ATOM 25   N N     . VAL A 1 4   ? 13.129  9.849   -3.602  1.00   60.39 ? 5   VAL A N     1 
ATOM 26   C CA    . VAL A 1 4   ? 11.675  10.008  -3.457  1.00   59.13 ? 5   VAL A CA    1 
ATOM 27   C C     . VAL A 1 4   ? 10.991  10.091  -4.829  1.00   58.83 ? 5   VAL A C     1 
ATOM 28   O O     . VAL A 1 4   ? 9.890   9.575   -5.014  1.00   59.19 ? 5   VAL A O     1 
ATOM 29   C CB    . VAL A 1 4   ? 11.278  11.250  -2.578  1.00   59.46 ? 5   VAL A CB    1 
ATOM 30   C CG1   . VAL A 1 4   ? 11.939  11.168  -1.214  1.00   56.65 ? 5   VAL A CG1   1 
ATOM 31   C CG2   . VAL A 1 4   ? 11.608  12.578  -3.270  1.00   53.96 ? 5   VAL A CG2   1 
ATOM 32   N N     . GLY A 1 5   ? 11.657  10.719  -5.794  1.00   57.76 ? 6   GLY A N     1 
ATOM 33   C CA    . GLY A 1 5   ? 11.112  10.848  -7.139  1.00   56.56 ? 6   GLY A CA    1 
ATOM 34   C C     . GLY A 1 5   ? 10.990  9.491   -7.791  1.00   55.52 ? 6   GLY A C     1 
ATOM 35   O O     . GLY A 1 5   ? 9.942   9.150   -8.347  1.00   55.77 ? 6   GLY A O     1 
ATOM 36   N N     . GLN A 1 6   ? 12.068  8.716   -7.697  1.00   54.31 ? 7   GLN A N     1 
ATOM 37   C CA    . GLN A 1 6   ? 12.128  7.376   -8.273  1.00   53.85 ? 7   GLN A CA    1 
ATOM 38   C C     . GLN A 1 6   ? 10.983  6.526   -7.759  1.00   53.56 ? 7   GLN A C     1 
ATOM 39   O O     . GLN A 1 6   ? 10.164  6.043   -8.541  1.00   53.89 ? 7   GLN A O     1 
ATOM 40   C CB    . GLN A 1 6   ? 13.457  6.707   -7.920  1.00   54.09 ? 7   GLN A CB    1 
ATOM 41   C CG    . GLN A 1 6   ? 14.681  7.345   -8.581  1.00   56.50 ? 7   GLN A CG    1 
ATOM 42   C CD    . GLN A 1 6   ? 15.917  6.469   -8.496  1.00   54.90 ? 7   GLN A CD    1 
ATOM 43   O OE1   . GLN A 1 6   ? 16.684  6.562   -7.537  1.00   59.86 ? 7   GLN A OE1   1 
ATOM 44   N NE2   . GLN A 1 6   ? 16.110  5.602   -9.492  1.00   51.86 ? 7   GLN A NE2   1 
ATOM 45   N N     . VAL A 1 7   ? 10.932  6.387   -6.432  1.00   52.51 ? 8   VAL A N     1 
ATOM 46   C CA    . VAL A 1 7   ? 9.932   5.579   -5.741  1.00   50.20 ? 8   VAL A CA    1 
ATOM 47   C C     . VAL A 1 7   ? 8.536   6.128   -5.988  1.00   50.98 ? 8   VAL A C     1 
ATOM 48   O O     . VAL A 1 7   ? 7.591   5.370   -6.162  1.00   52.75 ? 8   VAL A O     1 
ATOM 49   C CB    . VAL A 1 7   ? 10.210  5.533   -4.214  1.00   51.02 ? 8   VAL A CB    1 
ATOM 50   C CG1   . VAL A 1 7   ? 9.027   4.912   -3.433  1.00   45.69 ? 8   VAL A CG1   1 
ATOM 51   C CG2   . VAL A 1 7   ? 11.518  4.787   -3.937  1.00   50.32 ? 8   VAL A CG2   1 
ATOM 52   N N     . ALA A 1 8   ? 8.397   7.445   -6.007  1.00   51.47 ? 9   ALA A N     1 
ATOM 53   C CA    . ALA A 1 8   ? 7.112   8.033   -6.344  1.00   52.26 ? 9   ALA A CA    1 
ATOM 54   C C     . ALA A 1 8   ? 6.685   7.469   -7.694  1.00   52.52 ? 9   ALA A C     1 
ATOM 55   O O     . ALA A 1 8   ? 5.537   7.060   -7.864  1.00   50.41 ? 9   ALA A O     1 
ATOM 56   C CB    . ALA A 1 8   ? 7.195   9.564   -6.388  1.00   50.26 ? 9   ALA A CB    1 
ATOM 57   N N     . GLY A 1 9   ? 7.638   7.414   -8.628  1.00   53.87 ? 10  GLY A N     1 
ATOM 58   C CA    . GLY A 1 9   ? 7.388   6.936   -9.993  1.00   56.06 ? 10  GLY A CA    1 
ATOM 59   C C     . GLY A 1 9   ? 7.122   5.432   -10.105 1.00   57.33 ? 10  GLY A C     1 
ATOM 60   O O     . GLY A 1 9   ? 6.252   5.009   -10.882 1.00   57.27 ? 10  GLY A O     1 
ATOM 61   N N     . PHE A 1 10  ? 7.866   4.637   -9.328  1.00   57.20 ? 11  PHE A N     1 
ATOM 62   C CA    . PHE A 1 10  ? 7.708   3.172   -9.302  1.00   55.79 ? 11  PHE A CA    1 
ATOM 63   C C     . PHE A 1 10  ? 6.371   2.747   -8.688  1.00   53.82 ? 11  PHE A C     1 
ATOM 64   O O     . PHE A 1 10  ? 5.648   1.933   -9.265  1.00   54.37 ? 11  PHE A O     1 
ATOM 65   C CB    . PHE A 1 10  ? 8.828   2.499   -8.494  1.00   57.36 ? 11  PHE A CB    1 
ATOM 66   C CG    . PHE A 1 10  ? 10.229  2.881   -8.914  1.00   60.90 ? 11  PHE A CG    1 
ATOM 67   C CD1   . PHE A 1 10  ? 10.524  3.264   -10.220 1.00   63.48 ? 11  PHE A CD1   1 
ATOM 68   C CD2   . PHE A 1 10  ? 11.269  2.826   -7.988  1.00   64.01 ? 11  PHE A CD2   1 
ATOM 69   C CE1   . PHE A 1 10  ? 11.821  3.604   -10.584 1.00   64.87 ? 11  PHE A CE1   1 
ATOM 70   C CE2   . PHE A 1 10  ? 12.565  3.162   -8.345  1.00   61.06 ? 11  PHE A CE2   1 
ATOM 71   C CZ    . PHE A 1 10  ? 12.843  3.550   -9.644  1.00   63.09 ? 11  PHE A CZ    1 
ATOM 72   N N     . ALA A 1 11  ? 6.064   3.294   -7.510  1.00   52.00 ? 12  ALA A N     1 
ATOM 73   C CA    . ALA A 1 11  ? 4.854   2.938   -6.747  1.00   51.16 ? 12  ALA A CA    1 
ATOM 74   C C     . ALA A 1 11  ? 3.609   3.669   -7.234  1.00   50.82 ? 12  ALA A C     1 
ATOM 75   O O     . ALA A 1 11  ? 2.486   3.213   -7.021  1.00   50.32 ? 12  ALA A O     1 
ATOM 76   C CB    . ALA A 1 11  ? 5.065   3.220   -5.254  1.00   49.49 ? 12  ALA A CB    1 
ATOM 77   N N     . GLY A 1 12  ? 3.805   4.813   -7.872  1.00   51.99 ? 13  GLY A N     1 
ATOM 78   C CA    . GLY A 1 12  ? 2.693   5.602   -8.371  1.00   52.46 ? 13  GLY A CA    1 
ATOM 79   C C     . GLY A 1 12  ? 2.009   6.325   -7.235  1.00   51.18 ? 13  GLY A C     1 
ATOM 80   O O     . GLY A 1 12  ? 0.777   6.393   -7.195  1.00   51.31 ? 13  GLY A O     1 
ATOM 81   N N     . VAL A 1 13  ? 2.822   6.842   -6.310  1.00   50.48 ? 14  VAL A N     1 
ATOM 82   C CA    . VAL A 1 13  ? 2.354   7.659   -5.191  1.00   50.78 ? 14  VAL A CA    1 
ATOM 83   C C     . VAL A 1 13  ? 3.074   8.997   -5.254  1.00   50.94 ? 14  VAL A C     1 
ATOM 84   O O     . VAL A 1 13  ? 4.198   9.071   -5.760  1.00   53.43 ? 14  VAL A O     1 
ATOM 85   C CB    . VAL A 1 13  ? 2.653   6.999   -3.808  1.00   50.23 ? 14  VAL A CB    1 
ATOM 86   C CG1   . VAL A 1 13  ? 2.021   5.627   -3.705  1.00   48.27 ? 14  VAL A CG1   1 
ATOM 87   C CG2   . VAL A 1 13  ? 4.148   6.898   -3.562  1.00   50.16 ? 14  VAL A CG2   1 
ATOM 88   N N     . THR A 1 14  ? 2.437   10.045  -4.733  1.00   50.13 ? 15  THR A N     1 
ATOM 89   C CA    . THR A 1 14  ? 3.079   11.364  -4.641  1.00   49.82 ? 15  THR A CA    1 
ATOM 90   C C     . THR A 1 14  ? 4.261   11.335  -3.663  1.00   51.00 ? 15  THR A C     1 
ATOM 91   O O     . THR A 1 14  ? 4.247   10.558  -2.695  1.00   53.39 ? 15  THR A O     1 
ATOM 92   C CB    . THR A 1 14  ? 2.099   12.446  -4.149  1.00   50.36 ? 15  THR A CB    1 
ATOM 93   O OG1   . THR A 1 14  ? 1.771   12.211  -2.769  1.00   51.77 ? 15  THR A OG1   1 
ATOM 94   C CG2   . THR A 1 14  ? 0.833   12.470  -5.002  1.00   43.20 ? 15  THR A CG2   1 
ATOM 95   N N     . VAL A 1 15  ? 5.268   12.181  -3.903  1.00   48.01 ? 16  VAL A N     1 
ATOM 96   C CA    . VAL A 1 15  ? 6.376   12.335  -2.951  1.00   46.24 ? 16  VAL A CA    1 
ATOM 97   C C     . VAL A 1 15  ? 5.859   12.667  -1.546  1.00   47.21 ? 16  VAL A C     1 
ATOM 98   O O     . VAL A 1 15  ? 6.352   12.127  -0.554  1.00   45.90 ? 16  VAL A O     1 
ATOM 99   C CB    . VAL A 1 15  ? 7.387   13.420  -3.387  1.00   44.82 ? 16  VAL A CB    1 
ATOM 100  C CG1   . VAL A 1 15  ? 8.520   13.581  -2.343  1.00   41.05 ? 16  VAL A CG1   1 
ATOM 101  C CG2   . VAL A 1 15  ? 7.973   13.074  -4.737  1.00   45.71 ? 16  VAL A CG2   1 
ATOM 102  N N     . ARG A 1 16  ? 4.852   13.535  -1.471  1.00   49.15 ? 17  ARG A N     1 
ATOM 103  C CA    . ARG A 1 16  ? 4.239   13.904  -0.191  1.00   51.69 ? 17  ARG A CA    1 
ATOM 104  C C     . ARG A 1 16  ? 3.756   12.680  0.598   1.00   54.28 ? 17  ARG A C     1 
ATOM 105  O O     . ARG A 1 16  ? 3.922   12.622  1.829   1.00   53.85 ? 17  ARG A O     1 
ATOM 106  C CB    . ARG A 1 16  ? 3.073   14.873  -0.417  1.00   52.99 ? 17  ARG A CB    1 
ATOM 107  C CG    . ARG A 1 16  ? 2.257   15.240  0.832   1.00   50.97 ? 17  ARG A CG    1 
ATOM 108  C CD    . ARG A 1 16  ? 3.134   15.778  1.973   1.00   53.82 ? 17  ARG A CD    1 
ATOM 109  N NE    . ARG A 1 16  ? 2.325   16.252  3.098   1.00   56.56 ? 17  ARG A NE    1 
ATOM 110  C CZ    . ARG A 1 16  ? 2.790   16.505  4.320   1.00   53.91 ? 17  ARG A CZ    1 
ATOM 111  N NH1   . ARG A 1 16  ? 4.075   16.317  4.609   1.00   59.88 ? 17  ARG A NH1   1 
ATOM 112  N NH2   . ARG A 1 16  ? 1.955   16.939  5.265   1.00   48.20 ? 17  ARG A NH2   1 
ATOM 113  N N     . THR A 1 17  ? 3.154   11.718  -0.107  1.00   54.50 ? 18  THR A N     1 
ATOM 114  C CA    . THR A 1 17  ? 2.775   10.450  0.510   1.00   52.83 ? 18  THR A CA    1 
ATOM 115  C C     . THR A 1 17  ? 3.988   9.814   1.165   1.00   53.46 ? 18  THR A C     1 
ATOM 116  O O     . THR A 1 17  ? 3.905   9.368   2.312   1.00   54.45 ? 18  THR A O     1 
ATOM 117  C CB    . THR A 1 17  ? 2.215   9.444   -0.502  1.00   51.98 ? 18  THR A CB    1 
ATOM 118  O OG1   . THR A 1 17  ? 1.232   10.073  -1.323  1.00   53.18 ? 18  THR A OG1   1 
ATOM 119  C CG2   . THR A 1 17  ? 1.587   8.285   0.226   1.00   51.52 ? 18  THR A CG2   1 
ATOM 120  N N     . LEU A 1 18  ? 5.105   9.787   0.430   1.00   53.96 ? 19  LEU A N     1 
ATOM 121  C CA    . LEU A 1 18  ? 6.355   9.167   0.895   1.00   54.70 ? 19  LEU A CA    1 
ATOM 122  C C     . LEU A 1 18  ? 6.986   9.924   2.071   1.00   55.37 ? 19  LEU A C     1 
ATOM 123  O O     . LEU A 1 18  ? 7.685   9.330   2.902   1.00   55.66 ? 19  LEU A O     1 
ATOM 124  C CB    . LEU A 1 18  ? 7.357   9.048   -0.262  1.00   54.31 ? 19  LEU A CB    1 
ATOM 125  C CG    . LEU A 1 18  ? 6.945   8.112   -1.409  1.00   53.84 ? 19  LEU A CG    1 
ATOM 126  C CD1   . LEU A 1 18  ? 7.857   8.252   -2.618  1.00   54.83 ? 19  LEU A CD1   1 
ATOM 127  C CD2   . LEU A 1 18  ? 6.932   6.678   -0.944  1.00   48.34 ? 19  LEU A CD2   1 
ATOM 128  N N     . HIS A 1 19  ? 6.735   11.231  2.129   1.00   57.34 ? 20  HIS A N     1 
ATOM 129  C CA    . HIS A 1 19  ? 7.108   12.053  3.281   1.00   57.26 ? 20  HIS A CA    1 
ATOM 130  C C     . HIS A 1 19  ? 6.186   11.743  4.456   1.00   57.24 ? 20  HIS A C     1 
ATOM 131  O O     . HIS A 1 19  ? 6.652   11.530  5.570   1.00   59.94 ? 20  HIS A O     1 
ATOM 132  C CB    . HIS A 1 19  ? 7.056   13.558  2.944   1.00   56.97 ? 20  HIS A CB    1 
ATOM 133  C CG    . HIS A 1 19  ? 8.148   14.015  2.015   1.00   57.49 ? 20  HIS A CG    1 
ATOM 134  N ND1   . HIS A 1 19  ? 8.102   15.216  1.338   1.00   57.58 ? 20  HIS A ND1   1 
ATOM 135  C CD2   . HIS A 1 19  ? 9.308   13.422  1.644   1.00   51.22 ? 20  HIS A CD2   1 
ATOM 136  C CE1   . HIS A 1 19  ? 9.194   15.348  0.601   1.00   56.39 ? 20  HIS A CE1   1 
ATOM 137  N NE2   . HIS A 1 19  ? 9.940   14.270  0.767   1.00   47.70 ? 20  HIS A NE2   1 
ATOM 138  N N     . HIS A 1 20  ? 4.880   11.707  4.211   1.00   58.18 ? 21  HIS A N     1 
ATOM 139  C CA    . HIS A 1 20  ? 3.924   11.440  5.286   1.00   57.48 ? 21  HIS A CA    1 
ATOM 140  C C     . HIS A 1 20  ? 4.209   10.096  5.967   1.00   57.83 ? 21  HIS A C     1 
ATOM 141  O O     . HIS A 1 20  ? 4.327   10.026  7.191   1.00   58.98 ? 21  HIS A O     1 
ATOM 142  C CB    . HIS A 1 20  ? 2.483   11.478  4.772   1.00   55.57 ? 21  HIS A CB    1 
ATOM 143  C CG    . HIS A 1 20  ? 1.456   11.376  5.858   1.00   56.80 ? 21  HIS A CG    1 
ATOM 144  N ND1   . HIS A 1 20  ? 1.510   12.140  7.005   1.00   51.11 ? 21  HIS A ND1   1 
ATOM 145  C CD2   . HIS A 1 20  ? 0.346   10.605  5.971   1.00   56.45 ? 21  HIS A CD2   1 
ATOM 146  C CE1   . HIS A 1 20  ? 0.482   11.837  7.780   1.00   49.22 ? 21  HIS A CE1   1 
ATOM 147  N NE2   . HIS A 1 20  ? -0.239  10.910  7.177   1.00   49.22 ? 21  HIS A NE2   1 
ATOM 148  N N     . TYR A 1 21  ? 4.343   9.040   5.173   1.00   56.39 ? 22  TYR A N     1 
ATOM 149  C CA    . TYR A 1 21  ? 4.570   7.713   5.730   1.00   55.35 ? 22  TYR A CA    1 
ATOM 150  C C     . TYR A 1 21  ? 5.853   7.671   6.539   1.00   55.78 ? 22  TYR A C     1 
ATOM 151  O O     . TYR A 1 21  ? 5.933   6.934   7.519   1.00   57.94 ? 22  TYR A O     1 
ATOM 152  C CB    . TYR A 1 21  ? 4.607   6.646   4.631   1.00   54.62 ? 22  TYR A CB    1 
ATOM 153  C CG    . TYR A 1 21  ? 3.303   6.445   3.876   1.00   51.25 ? 22  TYR A CG    1 
ATOM 154  C CD1   . TYR A 1 21  ? 2.107   7.026   4.307   1.00   49.75 ? 22  TYR A CD1   1 
ATOM 155  C CD2   . TYR A 1 21  ? 3.261   5.637   2.740   1.00   55.36 ? 22  TYR A CD2   1 
ATOM 156  C CE1   . TYR A 1 21  ? 0.908   6.820   3.613   1.00   54.04 ? 22  TYR A CE1   1 
ATOM 157  C CE2   . TYR A 1 21  ? 2.063   5.422   2.045   1.00   56.99 ? 22  TYR A CE2   1 
ATOM 158  C CZ    . TYR A 1 21  ? 0.893   6.016   2.490   1.00   52.58 ? 22  TYR A CZ    1 
ATOM 159  O OH    . TYR A 1 21  ? -0.283  5.815   1.808   1.00   47.39 ? 22  TYR A OH    1 
ATOM 160  N N     . ASP A 1 22  ? 6.844   8.467   6.137   1.00   55.94 ? 23  ASP A N     1 
ATOM 161  C CA    . ASP A 1 22  ? 8.072   8.614   6.926   1.00   56.49 ? 23  ASP A CA    1 
ATOM 162  C C     . ASP A 1 22  ? 7.795   9.299   8.269   1.00   56.37 ? 23  ASP A C     1 
ATOM 163  O O     . ASP A 1 22  ? 8.179   8.778   9.318   1.00   56.62 ? 23  ASP A O     1 
ATOM 164  C CB    . ASP A 1 22  ? 9.139   9.394   6.147   1.00   57.37 ? 23  ASP A CB    1 
ATOM 165  C CG    . ASP A 1 22  ? 10.464  9.504   6.906   1.00   55.45 ? 23  ASP A CG    1 
ATOM 166  O OD1   . ASP A 1 22  ? 11.047  8.472   7.281   1.00   55.25 ? 23  ASP A OD1   1 
ATOM 167  O OD2   . ASP A 1 22  ? 10.927  10.631  7.135   1.00   59.06 ? 23  ASP A OD2   1 
ATOM 168  N N     . ASP A 1 23  ? 7.126   10.452  8.230   1.00   56.18 ? 24  ASP A N     1 
ATOM 169  C CA    . ASP A 1 23  ? 6.774   11.196  9.448   1.00   57.04 ? 24  ASP A CA    1 
ATOM 170  C C     . ASP A 1 23  ? 5.942   10.345  10.426  1.00   56.82 ? 24  ASP A C     1 
ATOM 171  O O     . ASP A 1 23  ? 6.178   10.372  11.634  1.00   56.65 ? 24  ASP A O     1 
ATOM 172  C CB    . ASP A 1 23  ? 6.029   12.488  9.096   1.00   56.27 ? 24  ASP A CB    1 
ATOM 173  C CG    . ASP A 1 23  ? 7.060   13.536  8.656   0.0000 99.99 ? 24  ASP A CG    1 
ATOM 174  O OD1   . ASP A 1 23  ? 7.391   13.563  7.481   0.0000 99.99 ? 24  ASP A OD1   1 
ATOM 175  O OD2   . ASP A 1 23  ? 7.505   14.297  9.503   0.0000 99.99 ? 24  ASP A OD2   1 
ATOM 176  N N     . ILE A 1 24  ? 4.992   9.585   9.885   1.00   57.81 ? 25  ILE A N     1 
ATOM 177  C CA    . ILE A 1 24  ? 4.167   8.640   10.655  1.00   56.92 ? 25  ILE A CA    1 
ATOM 178  C C     . ILE A 1 24  ? 4.978   7.503   11.279  1.00   55.27 ? 25  ILE A C     1 
ATOM 179  O O     . ILE A 1 24  ? 4.605   6.970   12.324  1.00   53.24 ? 25  ILE A O     1 
ATOM 180  C CB    . ILE A 1 24  ? 3.136   7.963   9.740   1.00   57.15 ? 25  ILE A CB    1 
ATOM 181  C CG1   . ILE A 1 24  ? 2.080   8.953   9.291   1.00   57.69 ? 25  ILE A CG1   1 
ATOM 182  C CG2   . ILE A 1 24  ? 2.448   6.803   10.433  1.00   61.04 ? 25  ILE A CG2   1 
ATOM 183  C CD1   . ILE A 1 24  ? 1.339   8.431   8.074   1.00   65.33 ? 25  ILE A CD1   1 
ATOM 184  N N     . GLY A 1 25  ? 6.063   7.115   10.615  1.00   53.89 ? 26  GLY A N     1 
ATOM 185  C CA    . GLY A 1 25  ? 6.827   5.943   11.010  1.00   53.15 ? 26  GLY A CA    1 
ATOM 186  C C     . GLY A 1 25  ? 6.209   4.678   10.451  1.00   53.28 ? 26  GLY A C     1 
ATOM 187  O O     . GLY A 1 25  ? 6.254   3.628   11.085  1.00   54.18 ? 26  GLY A O     1 
ATOM 188  N N     . LEU A 1 26  ? 5.618   4.788   9.263   1.00   54.89 ? 27  LEU A N     1 
ATOM 189  C CA    . LEU A 1 26  ? 5.055   3.639   8.540   1.00   54.56 ? 27  LEU A CA    1 
ATOM 190  C C     . LEU A 1 26  ? 6.039   3.129   7.499   1.00   55.08 ? 27  LEU A C     1 
ATOM 191  O O     . LEU A 1 26  ? 6.051   1.949   7.172   1.00   57.92 ? 27  LEU A O     1 
ATOM 192  C CB    . LEU A 1 26  ? 3.750   4.033   7.841   1.00   54.16 ? 27  LEU A CB    1 
ATOM 193  C CG    . LEU A 1 26  ? 3.044   2.958   7.011   1.00   53.56 ? 27  LEU A CG    1 
ATOM 194  C CD1   . LEU A 1 26  ? 2.791   1.708   7.845   1.00   47.09 ? 27  LEU A CD1   1 
ATOM 195  C CD2   . LEU A 1 26  ? 1.730   3.492   6.436   1.00   53.27 ? 27  LEU A CD2   1 
ATOM 196  N N     . LEU A 1 27  ? 6.848   4.033   6.958   1.00   53.72 ? 28  LEU A N     1 
ATOM 197  C CA    . LEU A 1 27  ? 7.809   3.683   5.932   1.00   52.35 ? 28  LEU A CA    1 
ATOM 198  C C     . LEU A 1 27  ? 8.962   4.683   6.005   1.00   52.51 ? 28  LEU A C     1 
ATOM 199  O O     . LEU A 1 27  ? 8.817   5.848   5.625   1.00   52.78 ? 28  LEU A O     1 
ATOM 200  C CB    . LEU A 1 27  ? 7.133   3.692   4.557   1.00   52.06 ? 28  LEU A CB    1 
ATOM 201  C CG    . LEU A 1 27  ? 7.991   3.258   3.367   1.00   51.00 ? 28  LEU A CG    1 
ATOM 202  C CD1   . LEU A 1 27  ? 8.436   1.845   3.567   1.00   46.82 ? 28  LEU A CD1   1 
ATOM 203  C CD2   . LEU A 1 27  ? 7.244   3.393   2.039   1.00   51.94 ? 28  LEU A CD2   1 
ATOM 204  N N     . VAL A 1 28  ? 10.099  4.208   6.507   1.00   51.83 ? 29  VAL A N     1 
ATOM 205  C CA    . VAL A 1 28  ? 11.242  5.051   6.812   1.00   51.42 ? 29  VAL A CA    1 
ATOM 206  C C     . VAL A 1 28  ? 12.477  4.624   6.019   1.00   52.61 ? 29  VAL A C     1 
ATOM 207  O O     . VAL A 1 28  ? 12.996  3.532   6.235   1.00   51.71 ? 29  VAL A O     1 
ATOM 208  C CB    . VAL A 1 28  ? 11.600  4.938   8.297   1.00   51.07 ? 29  VAL A CB    1 
ATOM 209  C CG1   . VAL A 1 28  ? 12.751  5.883   8.637   1.00   49.43 ? 29  VAL A CG1   1 
ATOM 210  C CG2   . VAL A 1 28  ? 10.378  5.204   9.155   1.00   45.75 ? 29  VAL A CG2   1 
ATOM 211  N N     . PRO A 1 29  ? 12.970  5.492   5.116   1.00   55.23 ? 30  PRO A N     1 
ATOM 212  C CA    . PRO A 1 29  ? 14.144  5.201   4.281   1.00   56.38 ? 30  PRO A CA    1 
ATOM 213  C C     . PRO A 1 29  ? 15.319  4.607   5.058   1.00   59.22 ? 30  PRO A C     1 
ATOM 214  O O     . PRO A 1 29  ? 15.534  4.958   6.224   1.00   62.35 ? 30  PRO A O     1 
ATOM 215  C CB    . PRO A 1 29  ? 14.547  6.576   3.752   1.00   55.83 ? 30  PRO A CB    1 
ATOM 216  C CG    . PRO A 1 29  ? 13.336  7.381   3.802   1.00   56.14 ? 30  PRO A CG    1 
ATOM 217  C CD    . PRO A 1 29  ? 12.417  6.828   4.837   1.00   54.87 ? 30  PRO A CD    1 
ATOM 218  N N     . SER A 1 30  ? 16.082  3.733   4.414   1.00   59.71 ? 31  SER A N     1 
ATOM 219  C CA    . SER A 1 30  ? 17.227  3.097   5.071   1.00   60.91 ? 31  SER A CA    1 
ATOM 220  C C     . SER A 1 30  ? 18.301  4.106   5.532   1.00   60.32 ? 31  SER A C     1 
ATOM 221  O O     . SER A 1 30  ? 18.905  3.937   6.593   1.00   60.86 ? 31  SER A O     1 
ATOM 222  C CB    . SER A 1 30  ? 17.831  2.010   4.162   1.00   62.79 ? 31  SER A CB    1 
ATOM 223  O OG    . SER A 1 30  ? 17.339  2.107   2.826   1.00   65.41 ? 31  SER A OG    1 
ATOM 224  N N     . GLU A 1 31  ? 18.530  5.144   4.731   1.00   58.90 ? 32  GLU A N     1 
ATOM 225  C CA    . GLU A 1 31  ? 19.484  6.205   5.067   1.00   57.95 ? 32  GLU A CA    1 
ATOM 226  C C     . GLU A 1 31  ? 19.138  7.439   4.234   1.00   56.82 ? 32  GLU A C     1 
ATOM 227  O O     . GLU A 1 31  ? 18.157  7.444   3.489   1.00   56.38 ? 32  GLU A O     1 
ATOM 228  C CB    . GLU A 1 31  ? 20.934  5.754   4.807   1.00   55.75 ? 32  GLU A CB    1 
ATOM 229  C CG    . GLU A 1 31  ? 21.137  4.783   3.616   0.0000 99.99 ? 32  GLU A CG    1 
ATOM 230  C CD    . GLU A 1 31  ? 22.527  4.983   2.997   0.0000 99.99 ? 32  GLU A CD    1 
ATOM 231  O OE1   . GLU A 1 31  ? 22.643  5.795   2.092   0.0000 99.99 ? 32  GLU A OE1   1 
ATOM 232  O OE2   . GLU A 1 31  ? 23.455  4.323   3.440   0.0000 99.99 ? 32  GLU A OE2   1 
ATOM 233  N N     . ARG A 1 32  ? 19.929  8.490   4.377   1.00   55.67 ? 33  ARG A N     1 
ATOM 234  C CA    . ARG A 1 32  ? 19.776  9.673   3.551   1.00   54.47 ? 33  ARG A CA    1 
ATOM 235  C C     . ARG A 1 32  ? 21.163  10.112  3.108   1.00   53.25 ? 33  ARG A C     1 
ATOM 236  O O     . ARG A 1 32  ? 22.163  9.694   3.701   1.00   55.78 ? 33  ARG A O     1 
ATOM 237  C CB    . ARG A 1 32  ? 19.055  10.776  4.329   1.00   54.64 ? 33  ARG A CB    1 
ATOM 238  C CG    . ARG A 1 32  ? 17.747  10.269  5.019   0.0000 99.99 ? 33  ARG A CG    1 
ATOM 239  C CD    . ARG A 1 32  ? 16.896  11.458  5.537   0.0000 99.99 ? 33  ARG A CD    1 
ATOM 240  N NE    . ARG A 1 32  ? 15.925  10.986  6.537   0.0000 99.99 ? 33  ARG A NE    1 
ATOM 241  C CZ    . ARG A 1 32  ? 15.061  11.811  7.144   0.0000 99.99 ? 33  ARG A CZ    1 
ATOM 242  N NH1   . ARG A 1 32  ? 14.225  11.334  8.025   0.0000 99.99 ? 33  ARG A NH1   1 
ATOM 243  N NH2   . ARG A 1 32  ? 15.047  13.089  6.864   0.0000 99.99 ? 33  ARG A NH2   1 
ATOM 244  N N     . SER A 1 33  ? 21.231  10.934  2.062   1.00   51.94 ? 34  SER A N     1 
ATOM 245  C CA    . SER A 1 33  ? 22.520  11.366  1.505   1.00   53.01 ? 34  SER A CA    1 
ATOM 246  C C     . SER A 1 33  ? 23.249  12.373  2.407   1.00   54.75 ? 34  SER A C     1 
ATOM 247  O O     . SER A 1 33  ? 22.677  12.885  3.374   1.00   55.95 ? 34  SER A O     1 
ATOM 248  C CB    . SER A 1 33  ? 22.326  11.958  0.103   1.00   51.85 ? 34  SER A CB    1 
ATOM 249  O OG    . SER A 1 33  ? 21.517  13.117  0.133   1.00   44.28 ? 34  SER A OG    1 
ATOM 250  N N     . HIS A 1 34  ? 24.507  12.663  2.076   1.00   55.40 ? 35  HIS A N     1 
ATOM 251  C CA    . HIS A 1 34  ? 25.252  13.745  2.734   1.00   56.85 ? 35  HIS A CA    1 
ATOM 252  C C     . HIS A 1 34  ? 24.464  15.068  2.734   1.00   58.21 ? 35  HIS A C     1 
ATOM 253  O O     . HIS A 1 34  ? 24.665  15.909  3.611   1.00   60.01 ? 35  HIS A O     1 
ATOM 254  C CB    . HIS A 1 34  ? 26.626  13.940  2.079   1.00   56.16 ? 35  HIS A CB    1 
ATOM 255  C CG    . HIS A 1 34  ? 27.421  15.033  2.768   0.0000 99.99 ? 35  HIS A CG    1 
ATOM 256  N ND1   . HIS A 1 34  ? 27.421  16.345  2.314   0.0000 99.99 ? 35  HIS A ND1   1 
ATOM 257  C CD2   . HIS A 1 34  ? 28.245  15.021  3.872   0.0000 99.99 ? 35  HIS A CD2   1 
ATOM 258  C CE1   . HIS A 1 34  ? 28.217  17.058  3.132   0.0000 99.99 ? 35  HIS A CE1   1 
ATOM 259  N NE2   . HIS A 1 34  ? 28.743  16.301  4.097   0.0000 99.99 ? 35  HIS A NE2   1 
ATOM 260  N N     . ALA A 1 35  ? 23.577  15.239  1.752   1.00   58.50 ? 36  ALA A N     1 
ATOM 261  C CA    . ALA A 1 35  ? 22.677  16.388  1.697   1.00   59.21 ? 36  ALA A CA    1 
ATOM 262  C C     . ALA A 1 35  ? 21.452  16.195  2.588   1.00   60.66 ? 36  ALA A C     1 
ATOM 263  O O     . ALA A 1 35  ? 20.950  17.160  3.161   1.00   63.30 ? 36  ALA A O     1 
ATOM 264  C CB    . ALA A 1 35  ? 22.237  16.650  0.259   1.00   58.80 ? 36  ALA A CB    1 
ATOM 265  N N     . GLY A 1 36  ? 20.967  14.959  2.688   1.00   61.32 ? 37  GLY A N     1 
ATOM 266  C CA    . GLY A 1 36  ? 19.769  14.644  3.480   1.00   60.54 ? 37  GLY A CA    1 
ATOM 267  C C     . GLY A 1 36  ? 18.591  14.098  2.682   1.00   61.03 ? 37  GLY A C     1 
ATOM 268  O O     . GLY A 1 36  ? 17.487  13.968  3.217   1.00   60.65 ? 37  GLY A O     1 
ATOM 269  N N     . HIS A 1 37  ? 18.832  13.754  1.415   1.00   63.35 ? 38  HIS A N     1 
ATOM 270  C CA    . HIS A 1 37  ? 17.799  13.228  0.509   1.00   64.19 ? 38  HIS A CA    1 
ATOM 271  C C     . HIS A 1 37  ? 17.605  11.733  0.793   1.00   64.25 ? 38  HIS A C     1 
ATOM 272  O O     . HIS A 1 37  ? 18.575  10.990  0.951   1.00   66.81 ? 38  HIS A O     1 
ATOM 273  C CB    . HIS A 1 37  ? 18.208  13.409  -0.962  1.00   63.76 ? 38  HIS A CB    1 
ATOM 274  C CG    . HIS A 1 37  ? 18.602  14.810  -1.330  1.00   62.85 ? 38  HIS A CG    1 
ATOM 275  N ND1   . HIS A 1 37  ? 18.697  15.226  -2.640  1.00   60.31 ? 38  HIS A ND1   1 
ATOM 276  C CD2   . HIS A 1 37  ? 18.927  15.885  -0.571  1.00   60.94 ? 38  HIS A CD2   1 
ATOM 277  C CE1   . HIS A 1 37  ? 19.066  16.494  -2.672  1.00   62.24 ? 38  HIS A CE1   1 
ATOM 278  N NE2   . HIS A 1 37  ? 19.211  16.917  -1.429  1.00   61.51 ? 38  HIS A NE2   1 
ATOM 279  N N     . ARG A 1 38  ? 16.354  11.291  0.830   1.00   62.29 ? 39  ARG A N     1 
ATOM 280  C CA    . ARG A 1 38  ? 16.044  9.946   1.284   1.00   59.52 ? 39  ARG A CA    1 
ATOM 281  C C     . ARG A 1 38  ? 16.491  8.870   0.309   1.00   59.70 ? 39  ARG A C     1 
ATOM 282  O O     . ARG A 1 38  ? 16.556  9.084   -0.904  1.00   58.70 ? 39  ARG A O     1 
ATOM 283  C CB    . ARG A 1 38  ? 14.549  9.797   1.512   1.00   59.93 ? 39  ARG A CB    1 
ATOM 284  C CG    . ARG A 1 38  ? 13.989  10.697  2.589   1.00   58.00 ? 39  ARG A CG    1 
ATOM 285  C CD    . ARG A 1 38  ? 12.477  10.835  2.446   1.00   58.00 ? 39  ARG A CD    1 
ATOM 286  N NE    . ARG A 1 38  ? 12.072  12.219  2.668   1.00   57.86 ? 39  ARG A NE    1 
ATOM 287  C CZ    . ARG A 1 38  ? 11.718  12.736  3.838   1.00   53.47 ? 39  ARG A CZ    1 
ATOM 288  N NH1   . ARG A 1 38  ? 11.678  11.994  4.931   1.00   54.83 ? 39  ARG A NH1   1 
ATOM 289  N NH2   . ARG A 1 38  ? 11.386  14.011  3.910   1.00   55.10 ? 39  ARG A NH2   1 
ATOM 290  N N     . ARG A 1 39  ? 16.775  7.701   0.869   1.00   60.83 ? 40  ARG A N     1 
ATOM 291  C CA    . ARG A 1 39  ? 17.232  6.552   0.112   1.00   60.13 ? 40  ARG A CA    1 
ATOM 292  C C     . ARG A 1 39  ? 16.444  5.312   0.474   1.00   61.01 ? 40  ARG A C     1 
ATOM 293  O O     . ARG A 1 39  ? 16.627  4.732   1.548   1.00   61.61 ? 40  ARG A O     1 
ATOM 294  C CB    . ARG A 1 39  ? 18.720  6.336   0.355   1.00   58.13 ? 40  ARG A CB    1 
ATOM 295  C CG    . ARG A 1 39  ? 19.544  7.457   -0.206  1.00   57.38 ? 40  ARG A CG    1 
ATOM 296  C CD    . ARG A 1 39  ? 19.333  7.612   -1.709  1.00   59.47 ? 40  ARG A CD    1 
ATOM 297  N NE    . ARG A 1 39  ? 19.677  8.956   -2.149  1.00   61.72 ? 40  ARG A NE    1 
ATOM 298  C CZ    . ARG A 1 39  ? 19.352  9.469   -3.333  1.00   67.75 ? 40  ARG A CZ    1 
ATOM 299  N NH1   . ARG A 1 39  ? 18.667  8.755   -4.224  1.00   75.76 ? 40  ARG A NH1   1 
ATOM 300  N NH2   . ARG A 1 39  ? 19.715  10.714  -3.624  1.00   69.91 ? 40  ARG A NH2   1 
ATOM 301  N N     . TYR A 1 40  ? 15.560  4.928   -0.442  1.00   61.99 ? 41  TYR A N     1 
ATOM 302  C CA    . TYR A 1 40  ? 14.723  3.750   -0.291  1.00   61.66 ? 41  TYR A CA    1 
ATOM 303  C C     . TYR A 1 40  ? 15.400  2.529   -0.912  1.00   61.65 ? 41  TYR A C     1 
ATOM 304  O O     . TYR A 1 40  ? 16.023  2.619   -1.972  1.00   62.59 ? 41  TYR A O     1 
ATOM 305  C CB    . TYR A 1 40  ? 13.359  4.006   -0.931  1.00   63.13 ? 41  TYR A CB    1 
ATOM 306  C CG    . TYR A 1 40  ? 12.568  5.076   -0.210  1.00   63.15 ? 41  TYR A CG    1 
ATOM 307  C CD1   . TYR A 1 40  ? 12.713  6.422   -0.532  1.00   61.15 ? 41  TYR A CD1   1 
ATOM 308  C CD2   . TYR A 1 40  ? 11.685  4.737   0.814   1.00   62.16 ? 41  TYR A CD2   1 
ATOM 309  C CE1   . TYR A 1 40  ? 11.983  7.404   0.147   1.00   65.10 ? 41  TYR A CE1   1 
ATOM 310  C CE2   . TYR A 1 40  ? 10.958  5.697   1.492   1.00   62.12 ? 41  TYR A CE2   1 
ATOM 311  C CZ    . TYR A 1 40  ? 11.107  7.029   1.160   1.00   64.27 ? 41  TYR A CZ    1 
ATOM 312  O OH    . TYR A 1 40  ? 10.379  7.971   1.861   1.00   66.50 ? 41  TYR A OH    1 
ATOM 313  N N     . SER A 1 41  ? 15.294  1.398   -0.221  1.00   60.30 ? 42  SER A N     1 
ATOM 314  C CA    . SER A 1 41  ? 15.900  0.153   -0.653  1.00   58.02 ? 42  SER A CA    1 
ATOM 315  C C     . SER A 1 41  ? 14.856  -0.706  -1.328  1.00   57.42 ? 42  SER A C     1 
ATOM 316  O O     . SER A 1 41  ? 13.683  -0.333  -1.404  1.00   57.36 ? 42  SER A O     1 
ATOM 317  C CB    . SER A 1 41  ? 16.444  -0.594  0.558   1.00   57.82 ? 42  SER A CB    1 
ATOM 318  O OG    . SER A 1 41  ? 15.383  -1.100  1.346   1.00   59.65 ? 42  SER A OG    1 
ATOM 319  N N     . ASP A 1 42  ? 15.282  -1.874  -1.789  1.00   56.82 ? 43  ASP A N     1 
ATOM 320  C CA    . ASP A 1 42  ? 14.360  -2.855  -2.358  1.00   57.90 ? 43  ASP A CA    1 
ATOM 321  C C     . ASP A 1 42  ? 13.408  -3.387  -1.280  1.00   57.80 ? 43  ASP A C     1 
ATOM 322  O O     . ASP A 1 42  ? 12.205  -3.554  -1.525  1.00   58.90 ? 43  ASP A O     1 
ATOM 323  C CB    . ASP A 1 42  ? 15.141  -3.990  -3.019  1.00   58.60 ? 43  ASP A CB    1 
ATOM 324  C CG    . ASP A 1 42  ? 16.020  -3.499  -4.159  1.00   60.34 ? 43  ASP A CG    1 
ATOM 325  O OD1   . ASP A 1 42  ? 15.465  -2.832  -5.070  1.00   56.22 ? 43  ASP A OD1   1 
ATOM 326  O OD2   . ASP A 1 42  ? 17.248  -3.775  -4.135  1.00   51.77 ? 43  ASP A OD2   1 
ATOM 327  N N     . ALA A 1 43  ? 13.952  -3.627  -0.084  1.00   56.35 ? 44  ALA A N     1 
ATOM 328  C CA    . ALA A 1 43  ? 13.145  -3.957  1.087   1.00   54.19 ? 44  ALA A CA    1 
ATOM 329  C C     . ALA A 1 43  ? 12.032  -2.938  1.225   1.00   54.83 ? 44  ALA A C     1 
ATOM 330  O O     . ALA A 1 43  ? 10.879  -3.296  1.441   1.00   55.72 ? 44  ALA A O     1 
ATOM 331  C CB    . ALA A 1 43  ? 13.998  -3.955  2.329   1.00   52.07 ? 44  ALA A CB    1 
ATOM 332  N N     . ASP A 1 44  ? 12.387  -1.665  1.079   1.00   55.44 ? 45  ASP A N     1 
ATOM 333  C CA    . ASP A 1 44  ? 11.423  -0.577  1.238   1.00   57.76 ? 45  ASP A CA    1 
ATOM 334  C C     . ASP A 1 44  ? 10.374  -0.576  0.113   1.00   57.19 ? 45  ASP A C     1 
ATOM 335  O O     . ASP A 1 44  ? 9.209   -0.200  0.323   1.00   53.71 ? 45  ASP A O     1 
ATOM 336  C CB    . ASP A 1 44  ? 12.149  0.781   1.316   1.00   57.81 ? 45  ASP A CB    1 
ATOM 337  C CG    . ASP A 1 44  ? 13.201  0.831   2.432   1.00   62.46 ? 45  ASP A CG    1 
ATOM 338  O OD1   . ASP A 1 44  ? 13.230  -0.090  3.277   1.00   71.18 ? 45  ASP A OD1   1 
ATOM 339  O OD2   . ASP A 1 44  ? 14.011  1.791   2.465   1.00   65.63 ? 45  ASP A OD2   1 
ATOM 340  N N     . LEU A 1 45  ? 10.787  -1.000  -1.078  1.00   56.63 ? 46  LEU A N     1 
ATOM 341  C CA    . LEU A 1 45  ? 9.869   -1.078  -2.206  1.00   56.66 ? 46  LEU A CA    1 
ATOM 342  C C     . LEU A 1 45  ? 8.864   -2.217  -1.983  1.00   55.86 ? 46  LEU A C     1 
ATOM 343  O O     . LEU A 1 45  ? 7.652   -2.012  -2.079  1.00   52.55 ? 46  LEU A O     1 
ATOM 344  C CB    . LEU A 1 45  ? 10.646  -1.248  -3.524  1.00   56.97 ? 46  LEU A CB    1 
ATOM 345  C CG    . LEU A 1 45  ? 11.522  -0.060  -3.965  1.00   54.76 ? 46  LEU A CG    1 
ATOM 346  C CD1   . LEU A 1 45  ? 12.151  -0.338  -5.318  1.00   51.69 ? 46  LEU A CD1   1 
ATOM 347  C CD2   . LEU A 1 45  ? 10.751  1.271   -4.003  1.00   49.82 ? 46  LEU A CD2   1 
ATOM 348  N N     . ASP A 1 46  ? 9.375   -3.403  -1.654  1.00   54.74 ? 47  ASP A N     1 
ATOM 349  C CA    . ASP A 1 46  ? 8.522   -4.539  -1.289  1.00   54.36 ? 47  ASP A CA    1 
ATOM 350  C C     . ASP A 1 46  ? 7.466   -4.112  -0.270  1.00   52.75 ? 47  ASP A C     1 
ATOM 351  O O     . ASP A 1 46  ? 6.276   -4.348  -0.454  1.00   52.93 ? 47  ASP A O     1 
ATOM 352  C CB    . ASP A 1 46  ? 9.370   -5.676  -0.707  1.00   52.23 ? 47  ASP A CB    1 
ATOM 353  C CG    . ASP A 1 46  ? 10.277  -6.320  -1.744  1.00   56.12 ? 47  ASP A CG    1 
ATOM 354  O OD1   . ASP A 1 46  ? 10.268  -5.874  -2.912  1.00   66.75 ? 47  ASP A OD1   1 
ATOM 355  O OD2   . ASP A 1 46  ? 11.003  -7.274  -1.394  1.00   60.92 ? 47  ASP A OD2   1 
ATOM 356  N N     . ARG A 1 47  ? 7.940   -3.471  0.795   1.00   51.91 ? 48  ARG A N     1 
ATOM 357  C CA    . ARG A 1 47  ? 7.124   -2.950  1.886   1.00   49.53 ? 48  ARG A CA    1 
ATOM 358  C C     . ARG A 1 47  ? 6.062   -1.986  1.387   1.00   51.69 ? 48  ARG A C     1 
ATOM 359  O O     . ARG A 1 47  ? 4.901   -2.082  1.768   1.00   53.53 ? 48  ARG A O     1 
ATOM 360  C CB    . ARG A 1 47  ? 8.051   -2.239  2.876   1.00   50.09 ? 48  ARG A CB    1 
ATOM 361  C CG    . ARG A 1 47  ? 7.388   -1.365  3.935   1.00   49.83 ? 48  ARG A CG    1 
ATOM 362  C CD    . ARG A 1 47  ? 7.509   -1.959  5.299   1.00   48.74 ? 48  ARG A CD    1 
ATOM 363  N NE    . ARG A 1 47  ? 6.942   -1.086  6.323   1.00   44.59 ? 48  ARG A NE    1 
ATOM 364  C CZ    . ARG A 1 47  ? 6.580   -1.502  7.533   1.00   46.67 ? 48  ARG A CZ    1 
ATOM 365  N NH1   . ARG A 1 47  ? 6.713   -2.777  7.872   1.00   47.75 ? 48  ARG A NH1   1 
ATOM 366  N NH2   . ARG A 1 47  ? 6.078   -0.654  8.414   1.00   54.05 ? 48  ARG A NH2   1 
ATOM 367  N N     . LEU A 1 48  ? 6.456   -1.048  0.538   1.00   53.24 ? 49  LEU A N     1 
ATOM 368  C CA    . LEU A 1 48  ? 5.503   -0.089  -0.002  1.00   54.44 ? 49  LEU A CA    1 
ATOM 369  C C     . LEU A 1 48  ? 4.363   -0.780  -0.764  1.00   54.22 ? 49  LEU A C     1 
ATOM 370  O O     . LEU A 1 48  ? 3.232   -0.303  -0.724  1.00   55.26 ? 49  LEU A O     1 
ATOM 371  C CB    . LEU A 1 48  ? 6.215   0.939   -0.900  1.00   55.96 ? 49  LEU A CB    1 
ATOM 372  C CG    . LEU A 1 48  ? 5.390   2.062   -1.568  1.00   55.52 ? 49  LEU A CG    1 
ATOM 373  C CD1   . LEU A 1 48  ? 4.384   2.741   -0.618  1.00   46.53 ? 49  LEU A CD1   1 
ATOM 374  C CD2   . LEU A 1 48  ? 6.344   3.107   -2.192  1.00   56.30 ? 49  LEU A CD2   1 
ATOM 375  N N     . GLN A 1 49  ? 4.646   -1.896  -1.440  1.00   54.75 ? 50  GLN A N     1 
ATOM 376  C CA    . GLN A 1 49  ? 3.604   -2.601  -2.209  1.00   55.54 ? 50  GLN A CA    1 
ATOM 377  C C     . GLN A 1 49  ? 2.538   -3.104  -1.253  1.00   53.06 ? 50  GLN A C     1 
ATOM 378  O O     . GLN A 1 49  ? 1.348   -2.977  -1.512  1.00   50.05 ? 50  GLN A O     1 
ATOM 379  C CB    . GLN A 1 49  ? 4.157   -3.783  -3.030  1.00   56.58 ? 50  GLN A CB    1 
ATOM 380  C CG    . GLN A 1 49  ? 5.485   -3.554  -3.784  1.00   66.61 ? 50  GLN A CG    1 
ATOM 381  C CD    . GLN A 1 49  ? 5.569   -2.212  -4.545  1.00   76.14 ? 50  GLN A CD    1 
ATOM 382  O OE1   . GLN A 1 49  ? 4.566   -1.697  -5.052  1.00   64.42 ? 50  GLN A OE1   1 
ATOM 383  N NE2   . GLN A 1 49  ? 6.788   -1.661  -4.641  1.00   78.70 ? 50  GLN A NE2   1 
ATOM 384  N N     . GLN A 1 50  ? 2.991   -3.653  -0.132  1.00   54.48 ? 51  GLN A N     1 
ATOM 385  C CA    . GLN A 1 50  ? 2.107   -4.198  0.885   1.00   56.65 ? 51  GLN A CA    1 
ATOM 386  C C     . GLN A 1 50  ? 1.241   -3.102  1.458   1.00   56.96 ? 51  GLN A C     1 
ATOM 387  O O     . GLN A 1 50  ? 0.028   -3.251  1.550   1.00   58.15 ? 51  GLN A O     1 
ATOM 388  C CB    . GLN A 1 50  ? 2.923   -4.836  2.007   1.00   58.52 ? 51  GLN A CB    1 
ATOM 389  C CG    . GLN A 1 50  ? 3.712   -6.084  1.588   1.00   64.42 ? 51  GLN A CG    1 
ATOM 390  C CD    . GLN A 1 50  ? 2.816   -7.302  1.367   1.00   73.62 ? 51  GLN A CD    1 
ATOM 391  O OE1   . GLN A 1 50  ? 1.868   -7.551  2.127   1.00   79.50 ? 51  GLN A OE1   1 
ATOM 392  N NE2   . GLN A 1 50  ? 3.123   -8.071  0.331   1.00   76.77 ? 51  GLN A NE2   1 
ATOM 393  N N     . ILE A 1 51  ? 1.884   -2.001  1.840   1.00   58.14 ? 52  ILE A N     1 
ATOM 394  C CA    . ILE A 1 51  ? 1.186   -0.812  2.341   1.00   57.92 ? 52  ILE A CA    1 
ATOM 395  C C     . ILE A 1 51  ? 0.082   -0.431  1.361   1.00   57.02 ? 52  ILE A C     1 
ATOM 396  O O     . ILE A 1 51  ? -1.103  -0.377  1.715   1.00   55.10 ? 52  ILE A O     1 
ATOM 397  C CB    . ILE A 1 51  ? 2.156   0.407   2.517   1.00   59.37 ? 52  ILE A CB    1 
ATOM 398  C CG1   . ILE A 1 51  ? 3.152   0.158   3.662   1.00   58.45 ? 52  ILE A CG1   1 
ATOM 399  C CG2   . ILE A 1 51  ? 1.370   1.706   2.764   1.00   56.45 ? 52  ILE A CG2   1 
ATOM 400  C CD1   . ILE A 1 51  ? 4.329   1.128   3.687   1.00   55.95 ? 52  ILE A CD1   1 
ATOM 401  N N     . LEU A 1 52  ? 0.490   -0.193  0.119   1.00   54.99 ? 53  LEU A N     1 
ATOM 402  C CA    . LEU A 1 52  ? -0.428  0.255   -0.912  1.00   53.98 ? 53  LEU A CA    1 
ATOM 403  C C     . LEU A 1 52  ? -1.525  -0.781  -1.171  1.00   54.84 ? 53  LEU A C     1 
ATOM 404  O O     . LEU A 1 52  ? -2.649  -0.417  -1.535  1.00   57.23 ? 53  LEU A O     1 
ATOM 405  C CB    . LEU A 1 52  ? 0.330   0.594   -2.205  1.00   52.93 ? 53  LEU A CB    1 
ATOM 406  C CG    . LEU A 1 52  ? 1.293   1.792   -2.130  1.00   43.87 ? 53  LEU A CG    1 
ATOM 407  C CD1   . LEU A 1 52  ? 1.982   2.025   -3.458  1.00   36.31 ? 53  LEU A CD1   1 
ATOM 408  C CD2   . LEU A 1 52  ? 0.573   3.048   -1.701  1.00   29.54 ? 53  LEU A CD2   1 
ATOM 409  N N     . PHE A 1 53  ? -1.217  -2.062  -0.966  1.00   52.96 ? 54  PHE A N     1 
ATOM 410  C CA    . PHE A 1 53  ? -2.228  -3.109  -1.115  1.00   51.83 ? 54  PHE A CA    1 
ATOM 411  C C     . PHE A 1 53  ? -3.351  -2.944  -0.102  1.00   52.78 ? 54  PHE A C     1 
ATOM 412  O O     . PHE A 1 53  ? -4.541  -2.887  -0.451  1.00   52.67 ? 54  PHE A O     1 
ATOM 413  C CB    . PHE A 1 53  ? -1.619  -4.494  -0.936  1.00   51.06 ? 54  PHE A CB    1 
ATOM 414  C CG    . PHE A 1 53  ? -2.600  -5.600  -1.148  1.00   52.81 ? 54  PHE A CG    1 
ATOM 415  C CD1   . PHE A 1 53  ? -2.814  -6.119  -2.421  1.00   56.48 ? 54  PHE A CD1   1 
ATOM 416  C CD2   . PHE A 1 53  ? -3.336  -6.109  -0.078  1.00   59.20 ? 54  PHE A CD2   1 
ATOM 417  C CE1   . PHE A 1 53  ? -3.737  -7.141  -2.627  1.00   60.06 ? 54  PHE A CE1   1 
ATOM 418  C CE2   . PHE A 1 53  ? -4.268  -7.129  -0.269  1.00   57.36 ? 54  PHE A CE2   1 
ATOM 419  C CZ    . PHE A 1 53  ? -4.469  -7.650  -1.546  1.00   58.13 ? 54  PHE A CZ    1 
ATOM 420  N N     . TYR A 1 54  ? -2.955  -2.891  1.162   1.00   53.66 ? 55  TYR A N     1 
ATOM 421  C CA    . TYR A 1 54  ? -3.903  -2.820  2.256   1.00   53.50 ? 55  TYR A CA    1 
ATOM 422  C C     . TYR A 1 54  ? -4.622  -1.482  2.236   1.00   52.75 ? 55  TYR A C     1 
ATOM 423  O O     . TYR A 1 54  ? -5.827  -1.414  2.474   1.00   52.63 ? 55  TYR A O     1 
ATOM 424  C CB    . TYR A 1 54  ? -3.193  -3.051  3.591   1.00   54.65 ? 55  TYR A CB    1 
ATOM 425  C CG    . TYR A 1 54  ? -2.826  -4.505  3.851   1.00   56.14 ? 55  TYR A CG    1 
ATOM 426  C CD1   . TYR A 1 54  ? -3.816  -5.471  4.048   1.00   56.11 ? 55  TYR A CD1   1 
ATOM 427  C CD2   . TYR A 1 54  ? -1.495  -4.909  3.919   1.00   54.69 ? 55  TYR A CD2   1 
ATOM 428  C CE1   . TYR A 1 54  ? -3.489  -6.801  4.292   1.00   57.62 ? 55  TYR A CE1   1 
ATOM 429  C CE2   . TYR A 1 54  ? -1.158  -6.238  4.171   1.00   60.39 ? 55  TYR A CE2   1 
ATOM 430  C CZ    . TYR A 1 54  ? -2.157  -7.182  4.358   1.00   59.14 ? 55  TYR A CZ    1 
ATOM 431  O OH    . TYR A 1 54  ? -1.820  -8.502  4.610   1.00   56.66 ? 55  TYR A OH    1 
ATOM 432  N N     . ARG A 1 55  ? -3.882  -0.423  1.929   1.00   52.24 ? 56  ARG A N     1 
ATOM 433  C CA    . ARG A 1 55  ? -4.482  0.883   1.718   1.00   52.85 ? 56  ARG A CA    1 
ATOM 434  C C     . ARG A 1 55  ? -5.658  0.787   0.735   1.00   53.26 ? 56  ARG A C     1 
ATOM 435  O O     . ARG A 1 55  ? -6.760  1.214   1.066   1.00   52.18 ? 56  ARG A O     1 
ATOM 436  C CB    . ARG A 1 55  ? -3.426  1.853   1.203   1.00   53.69 ? 56  ARG A CB    1 
ATOM 437  C CG    . ARG A 1 55  ? -3.916  3.260   0.921   1.00   49.15 ? 56  ARG A CG    1 
ATOM 438  C CD    . ARG A 1 55  ? -2.765  4.099   0.389   1.00   54.93 ? 56  ARG A CD    1 
ATOM 439  N NE    . ARG A 1 55  ? -3.187  5.062   -0.628  1.00   55.51 ? 56  ARG A NE    1 
ATOM 440  C CZ    . ARG A 1 55  ? -2.358  5.834   -1.324  1.00   58.95 ? 56  ARG A CZ    1 
ATOM 441  N NH1   . ARG A 1 55  ? -1.045  5.772   -1.134  1.00   68.65 ? 56  ARG A NH1   1 
ATOM 442  N NH2   . ARG A 1 55  ? -2.844  6.687   -2.212  1.00   64.96 ? 56  ARG A NH2   1 
ATOM 443  N N     . GLU A 1 56  ? -5.435  0.198   -0.445  1.00   54.62 ? 57  GLU A N     1 
ATOM 444  C CA    . GLU A 1 56  ? -6.497  0.067   -1.462  1.00   56.40 ? 57  GLU A CA    1 
ATOM 445  C C     . GLU A 1 56  ? -7.728  -0.703  -0.996  1.00   58.24 ? 57  GLU A C     1 
ATOM 446  O O     . GLU A 1 56  ? -8.834  -0.498  -1.514  1.00   60.72 ? 57  GLU A O     1 
ATOM 447  C CB    . GLU A 1 56  ? -5.984  -0.585  -2.749  1.00   57.14 ? 57  GLU A CB    1 
ATOM 448  C CG    . GLU A 1 56  ? -5.658  0.411   -3.863  1.00   65.81 ? 57  GLU A CG    1 
ATOM 449  C CD    . GLU A 1 56  ? -6.233  -0.002  -5.224  1.00   69.69 ? 57  GLU A CD    1 
ATOM 450  O OE1   . GLU A 1 56  ? -5.431  -0.322  -6.140  1.00   66.66 ? 57  GLU A OE1   1 
ATOM 451  O OE2   . GLU A 1 56  ? -7.485  0.004   -5.369  1.00   64.54 ? 57  GLU A OE2   1 
ATOM 452  N N     . LEU A 1 57  ? -7.539  -1.607  -0.042  1.00   60.14 ? 58  LEU A N     1 
ATOM 453  C CA    . LEU A 1 57  ? -8.669  -2.297  0.572   1.00   59.87 ? 58  LEU A CA    1 
ATOM 454  C C     . LEU A 1 57  ? -9.099  -1.579  1.862   1.00   59.53 ? 58  LEU A C     1 
ATOM 455  O O     . LEU A 1 57  ? -9.691  -2.190  2.747   1.00   62.80 ? 58  LEU A O     1 
ATOM 456  C CB    . LEU A 1 57  ? -8.324  -3.776  0.819   1.00   59.66 ? 58  LEU A CB    1 
ATOM 457  C CG    . LEU A 1 57  ? -7.969  -4.600  -0.430  1.00   56.86 ? 58  LEU A CG    1 
ATOM 458  C CD1   . LEU A 1 57  ? -7.446  -5.964  -0.038  1.00   53.64 ? 58  LEU A CD1   1 
ATOM 459  C CD2   . LEU A 1 57  ? -9.166  -4.745  -1.369  1.00   58.83 ? 58  LEU A CD2   1 
ATOM 460  N N     . GLY A 1 58  ? -8.781  -0.288  1.970   1.00   58.76 ? 59  GLY A N     1 
ATOM 461  C CA    . GLY A 1 58  ? -9.374  0.596   2.976   1.00   59.14 ? 59  GLY A CA    1 
ATOM 462  C C     . GLY A 1 58  ? -8.881  0.509   4.413   1.00   59.83 ? 59  GLY A C     1 
ATOM 463  O O     . GLY A 1 58  ? -9.553  1.013   5.325   1.00   59.79 ? 59  GLY A O     1 
ATOM 464  N N     . PHE A 1 59  ? -7.721  -0.110  4.631   1.00   59.71 ? 60  PHE A N     1 
ATOM 465  C CA    . PHE A 1 59  ? -7.164  -0.222  5.989   1.00   59.74 ? 60  PHE A CA    1 
ATOM 466  C C     . PHE A 1 59  ? -6.571  1.113   6.448   1.00   58.58 ? 60  PHE A C     1 
ATOM 467  O O     . PHE A 1 59  ? -5.771  1.719   5.735   1.00   59.91 ? 60  PHE A O     1 
ATOM 468  C CB    . PHE A 1 59  ? -6.106  -1.340  6.092   1.00   59.88 ? 60  PHE A CB    1 
ATOM 469  C CG    . PHE A 1 59  ? -6.693  -2.738  6.169   1.00   60.77 ? 60  PHE A CG    1 
ATOM 470  C CD1   . PHE A 1 59  ? -6.801  -3.532  5.034   1.00   60.17 ? 60  PHE A CD1   1 
ATOM 471  C CD2   . PHE A 1 59  ? -7.136  -3.253  7.378   1.00   63.32 ? 60  PHE A CD2   1 
ATOM 472  C CE1   . PHE A 1 59  ? -7.334  -4.811  5.105   1.00   61.67 ? 60  PHE A CE1   1 
ATOM 473  C CE2   . PHE A 1 59  ? -7.680  -4.534  7.453   1.00   64.17 ? 60  PHE A CE2   1 
ATOM 474  C CZ    . PHE A 1 59  ? -7.777  -5.313  6.314   1.00   62.08 ? 60  PHE A CZ    1 
ATOM 475  N N     . PRO A 1 60  ? -6.961  1.582   7.645   1.00   57.49 ? 61  PRO A N     1 
ATOM 476  C CA    . PRO A 1 60  ? -6.320  2.789   8.153   1.00   55.30 ? 61  PRO A CA    1 
ATOM 477  C C     . PRO A 1 60  ? -4.851  2.539   8.469   1.00   51.90 ? 61  PRO A C     1 
ATOM 478  O O     . PRO A 1 60  ? -4.448  1.420   8.813   1.00   49.64 ? 61  PRO A O     1 
ATOM 479  C CB    . PRO A 1 60  ? -7.111  3.096   9.420   1.00   55.90 ? 61  PRO A CB    1 
ATOM 480  C CG    . PRO A 1 60  ? -7.627  1.773   9.863   1.00   57.25 ? 61  PRO A CG    1 
ATOM 481  C CD    . PRO A 1 60  ? -7.953  1.048   8.596   1.00   56.55 ? 61  PRO A CD    1 
ATOM 482  N N     . LEU A 1 61  ? -4.060  3.587   8.341   1.00   49.96 ? 62  LEU A N     1 
ATOM 483  C CA    . LEU A 1 61  ? -2.620  3.432   8.362   1.00   50.33 ? 62  LEU A CA    1 
ATOM 484  C C     . LEU A 1 61  ? -2.074  2.914   9.716   1.00   49.34 ? 62  LEU A C     1 
ATOM 485  O O     . LEU A 1 61  ? -1.011  2.309   9.753   1.00   49.31 ? 62  LEU A O     1 
ATOM 486  C CB    . LEU A 1 61  ? -1.940  4.744   7.916   1.00   50.91 ? 62  LEU A CB    1 
ATOM 487  C CG    . LEU A 1 61  ? -2.224  5.263   6.487   1.00   50.24 ? 62  LEU A CG    1 
ATOM 488  C CD1   . LEU A 1 61  ? -1.363  6.481   6.166   1.00   44.16 ? 62  LEU A CD1   1 
ATOM 489  C CD2   . LEU A 1 61  ? -2.011  4.195   5.403   1.00   46.59 ? 62  LEU A CD2   1 
ATOM 490  N N     . ASP A 1 62  ? -2.792  3.132   10.816  1.00   48.96 ? 63  ASP A N     1 
ATOM 491  C CA    . ASP A 1 62  ? -2.392  2.536   12.094  1.00   48.88 ? 63  ASP A CA    1 
ATOM 492  C C     . ASP A 1 62  ? -2.508  1.004   12.021  1.00   49.85 ? 63  ASP A C     1 
ATOM 493  O O     . ASP A 1 62  ? -1.622  0.278   12.490  1.00   48.54 ? 63  ASP A O     1 
ATOM 494  C CB    . ASP A 1 62  ? -3.211  3.105   13.272  1.00   47.85 ? 63  ASP A CB    1 
ATOM 495  C CG    . ASP A 1 62  ? -4.704  2.807   13.166  1.00   50.20 ? 63  ASP A CG    1 
ATOM 496  O OD1   . ASP A 1 62  ? -5.209  2.720   12.032  1.00   60.47 ? 63  ASP A OD1   1 
ATOM 497  O OD2   . ASP A 1 62  ? -5.379  2.663   14.210  1.00   52.29 ? 63  ASP A OD2   1 
ATOM 498  N N     . GLU A 1 63  ? -3.595  0.527   11.416  1.00   51.14 ? 64  GLU A N     1 
ATOM 499  C CA    . GLU A 1 63  ? -3.847  -0.905  11.292  1.00   52.22 ? 64  GLU A CA    1 
ATOM 500  C C     . GLU A 1 63  ? -2.893  -1.511  10.293  1.00   51.56 ? 64  GLU A C     1 
ATOM 501  O O     . GLU A 1 63  ? -2.403  -2.623  10.480  1.00   49.25 ? 64  GLU A O     1 
ATOM 502  C CB    . GLU A 1 63  ? -5.276  -1.184  10.830  1.00   51.99 ? 64  GLU A CB    1 
ATOM 503  C CG    . GLU A 1 63  ? -6.328  -1.054  11.908  1.00   54.39 ? 64  GLU A CG    1 
ATOM 504  C CD    . GLU A 1 63  ? -7.693  -1.525  11.432  1.00   56.95 ? 64  GLU A CD    1 
ATOM 505  O OE1   . GLU A 1 63  ? -8.690  -0.803  11.653  1.00   66.32 ? 64  GLU A OE1   1 
ATOM 506  O OE2   . GLU A 1 63  ? -7.768  -2.619  10.830  1.00   60.90 ? 64  GLU A OE2   1 
ATOM 507  N N     . VAL A 1 64  ? -2.638  -0.780  9.216   1.00   53.15 ? 65  VAL A N     1 
ATOM 508  C CA    . VAL A 1 64  ? -1.687  -1.255  8.212   1.00   54.30 ? 65  VAL A CA    1 
ATOM 509  C C     . VAL A 1 64  ? -0.304  -1.463  8.841   1.00   55.27 ? 65  VAL A C     1 
ATOM 510  O O     . VAL A 1 64  ? 0.397   -2.422  8.511   1.00   54.85 ? 65  VAL A O     1 
ATOM 511  C CB    . VAL A 1 64  ? -1.572  -0.303  7.003   1.00   52.28 ? 65  VAL A CB    1 
ATOM 512  C CG1   . VAL A 1 64  ? -0.694  -0.932  5.948   1.00   47.41 ? 65  VAL A CG1   1 
ATOM 513  C CG2   . VAL A 1 64  ? -2.958  0.026   6.434   1.00   51.45 ? 65  VAL A CG2   1 
ATOM 514  N N     . ALA A 1 65  ? 0.069   -0.569  9.754   1.00   56.77 ? 66  ALA A N     1 
ATOM 515  C CA    . ALA A 1 65  ? 1.327   -0.693  10.492  1.00   58.06 ? 66  ALA A CA    1 
ATOM 516  C C     . ALA A 1 65  ? 1.329   -1.990  11.285  1.00   59.09 ? 66  ALA A C     1 
ATOM 517  O O     . ALA A 1 65  ? 2.281   -2.774  11.211  1.00   60.14 ? 66  ALA A O     1 
ATOM 518  C CB    . ALA A 1 65  ? 1.529   0.506   11.429  1.00   56.99 ? 66  ALA A CB    1 
ATOM 519  N N     . ALA A 1 66  ? 0.244   -2.204  12.030  1.00   58.87 ? 67  ALA A N     1 
ATOM 520  C CA    . ALA A 1 66  ? 0.089   -3.375  12.895  1.00   57.59 ? 67  ALA A CA    1 
ATOM 521  C C     . ALA A 1 66  ? 0.136   -4.691  12.116  1.00   56.70 ? 67  ALA A C     1 
ATOM 522  O O     . ALA A 1 66  ? 0.899   -5.599  12.455  1.00   53.93 ? 67  ALA A O     1 
ATOM 523  C CB    . ALA A 1 66  ? -1.222  -3.270  13.663  1.00   58.48 ? 67  ALA A CB    1 
ATOM 524  N N     . LEU A 1 67  ? -0.693  -4.780  11.077  1.00   57.36 ? 68  LEU A N     1 
ATOM 525  C CA    . LEU A 1 67  ? -0.720  -5.936  10.182  1.00   56.68 ? 68  LEU A CA    1 
ATOM 526  C C     . LEU A 1 67  ? 0.680   -6.301  9.724   1.00   54.81 ? 68  LEU A C     1 
ATOM 527  O O     . LEU A 1 67  ? 1.103   -7.445  9.854   1.00   54.21 ? 68  LEU A O     1 
ATOM 528  C CB    . LEU A 1 67  ? -1.584  -5.643  8.951   1.00   57.41 ? 68  LEU A CB    1 
ATOM 529  C CG    . LEU A 1 67  ? -3.098  -5.784  9.123   1.00   59.78 ? 68  LEU A CG    1 
ATOM 530  C CD1   . LEU A 1 67  ? -3.810  -4.975  8.045   1.00   61.57 ? 68  LEU A CD1   1 
ATOM 531  C CD2   . LEU A 1 67  ? -3.527  -7.259  9.089   1.00   52.16 ? 68  LEU A CD2   1 
ATOM 532  N N     . LEU A 1 68  ? 1.394   -5.310  9.201   1.00   55.22 ? 69  LEU A N     1 
ATOM 533  C CA    . LEU A 1 68  ? 2.709   -5.532  8.611   1.00   56.71 ? 69  LEU A CA    1 
ATOM 534  C C     . LEU A 1 68  ? 3.820   -5.838  9.627   1.00   57.37 ? 69  LEU A C     1 
ATOM 535  O O     . LEU A 1 68  ? 4.887   -6.324  9.236   1.00   58.21 ? 69  LEU A O     1 
ATOM 536  C CB    . LEU A 1 68  ? 3.121   -4.329  7.745   1.00   56.39 ? 69  LEU A CB    1 
ATOM 537  C CG    . LEU A 1 68  ? 2.366   -4.104  6.429   1.00   59.15 ? 69  LEU A CG    1 
ATOM 538  C CD1   . LEU A 1 68  ? 3.053   -3.005  5.614   1.00   62.90 ? 69  LEU A CD1   1 
ATOM 539  C CD2   . LEU A 1 68  ? 2.256   -5.384  5.602   1.00   57.44 ? 69  LEU A CD2   1 
ATOM 540  N N     . ASP A 1 69  ? 3.588   -5.565  10.911  1.00   57.85 ? 70  ASP A N     1 
ATOM 541  C CA    . ASP A 1 69  ? 4.627   -5.769  11.933  1.00   57.53 ? 70  ASP A CA    1 
ATOM 542  C C     . ASP A 1 69  ? 4.333   -6.920  12.951  1.00   57.75 ? 70  ASP A C     1 
ATOM 543  O O     . ASP A 1 69  ? 4.966   -6.975  14.004  1.00   59.56 ? 70  ASP A O     1 
ATOM 544  C CB    . ASP A 1 69  ? 4.925   -4.423  12.644  1.00   58.20 ? 70  ASP A CB    1 
ATOM 545  C CG    . ASP A 1 69  ? 5.548   -3.354  11.697  1.00   60.93 ? 70  ASP A CG    1 
ATOM 546  O OD1   . ASP A 1 69  ? 6.130   -3.721  10.652  1.00   55.10 ? 70  ASP A OD1   1 
ATOM 547  O OD2   . ASP A 1 69  ? 5.473   -2.140  12.007  1.00   61.81 ? 70  ASP A OD2   1 
ATOM 548  N N     . ASP A 1 70  ? 3.416   -7.846  12.627  1.00   56.64 ? 71  ASP A N     1 
ATOM 549  C CA    . ASP A 1 70  ? 3.135   -9.021  13.481  1.00   54.87 ? 71  ASP A CA    1 
ATOM 550  C C     . ASP A 1 70  ? 3.951   -10.237 13.051  1.00   53.41 ? 71  ASP A C     1 
ATOM 551  O O     . ASP A 1 70  ? 4.333   -11.062 13.882  1.00   53.64 ? 71  ASP A O     1 
ATOM 552  C CB    . ASP A 1 70  ? 1.643   -9.373  13.470  1.00   53.52 ? 71  ASP A CB    1 
ATOM 553  C CG    . ASP A 1 70  ? 0.863   -8.321  14.279  0.0000 99.99 ? 71  ASP A CG    1 
ATOM 554  O OD1   . ASP A 1 70  ? 1.431   -7.287  14.592  0.0000 99.99 ? 71  ASP A OD1   1 
ATOM 555  O OD2   . ASP A 1 70  ? -0.298  -8.570  14.572  0.0000 99.99 ? 71  ASP A OD2   1 
ATOM 556  N N     . ARG A 1 76  ? 4.864   -15.329 7.272   1.00   45.37 ? 77  ARG A N     1 
ATOM 557  C CA    . ARG A 1 76  ? 5.281   -14.959 5.921   1.00   48.48 ? 77  ARG A CA    1 
ATOM 558  C C     . ARG A 1 76  ? 4.150   -15.080 4.891   1.00   51.72 ? 77  ARG A C     1 
ATOM 559  O O     . ARG A 1 76  ? 4.254   -14.495 3.805   1.00   51.83 ? 77  ARG A O     1 
ATOM 560  C CB    . ARG A 1 76  ? 6.475   -15.808 5.473   1.00   47.52 ? 77  ARG A CB    1 
ATOM 561  C CG    . ARG A 1 76  ? 7.835   -15.059 5.582   0.0000 99.99 ? 77  ARG A CG    1 
ATOM 562  C CD    . ARG A 1 76  ? 8.985   -15.913 4.984   0.0000 99.99 ? 77  ARG A CD    1 
ATOM 563  N NE    . ARG A 1 76  ? 9.118   -17.184 5.714   0.0000 99.99 ? 77  ARG A NE    1 
ATOM 564  C CZ    . ARG A 1 76  ? 10.028  -18.112 5.382   0.0000 99.99 ? 77  ARG A CZ    1 
ATOM 565  N NH1   . ARG A 1 76  ? 10.094  -19.223 6.062   0.0000 99.99 ? 77  ARG A NH1   1 
ATOM 566  N NH2   . ARG A 1 76  ? 10.850  -17.915 4.384   0.0000 99.99 ? 77  ARG A NH2   1 
ATOM 567  N N     . ALA A 1 77  ? 3.084   -15.825 5.235   1.00   54.84 ? 78  ALA A N     1 
ATOM 568  C CA    . ALA A 1 77  ? 1.914   -16.035 4.350   1.00   53.56 ? 78  ALA A CA    1 
ATOM 569  C C     . ALA A 1 77  ? 0.765   -15.033 4.592   1.00   55.95 ? 78  ALA A C     1 
ATOM 570  O O     . ALA A 1 77  ? -0.346  -15.411 4.968   1.00   56.48 ? 78  ALA A O     1 
ATOM 571  C CB    . ALA A 1 77  ? 1.404   -17.471 4.466   1.00   52.58 ? 78  ALA A CB    1 
ATOM 572  N N     . HIS A 1 78  ? 1.066   -13.751 4.375   1.00   57.55 ? 79  HIS A N     1 
ATOM 573  C CA    . HIS A 1 78  ? 0.062   -12.701 4.167   1.00   56.95 ? 79  HIS A CA    1 
ATOM 574  C C     . HIS A 1 78  ? -0.846  -13.063 3.011   1.00   57.37 ? 79  HIS A C     1 
ATOM 575  O O     . HIS A 1 78  ? -2.044  -12.781 3.023   1.00   60.41 ? 79  HIS A O     1 
ATOM 576  C CB    . HIS A 1 78  ? 0.736   -11.395 3.754   1.00   57.61 ? 79  HIS A CB    1 
ATOM 577  C CG    . HIS A 1 78  ? 1.268   -10.593 4.893   1.00   58.72 ? 79  HIS A CG    1 
ATOM 578  N ND1   . HIS A 1 78  ? 0.535   -9.599  5.504   1.00   58.01 ? 79  HIS A ND1   1 
ATOM 579  C CD2   . HIS A 1 78  ? 2.472   -10.614 5.515   1.00   59.54 ? 79  HIS A CD2   1 
ATOM 580  C CE1   . HIS A 1 78  ? 1.259   -9.050  6.461   1.00   60.47 ? 79  HIS A CE1   1 
ATOM 581  N NE2   . HIS A 1 78  ? 2.438   -9.647  6.488   1.00   59.77 ? 79  HIS A NE2   1 
ATOM 582  N N     . LEU A 1 79  ? -0.239  -13.653 1.987   1.00   56.88 ? 80  LEU A N     1 
ATOM 583  C CA    . LEU A 1 79  ? -0.926  -14.011 0.747   1.00   56.34 ? 80  LEU A CA    1 
ATOM 584  C C     . LEU A 1 79  ? -2.282  -14.692 0.998   1.00   56.12 ? 80  LEU A C     1 
ATOM 585  O O     . LEU A 1 79  ? -3.254  -14.435 0.281   1.00   57.08 ? 80  LEU A O     1 
ATOM 586  C CB    . LEU A 1 79  ? -0.024  -14.905 -0.121  1.00   55.93 ? 80  LEU A CB    1 
ATOM 587  C CG    . LEU A 1 79  ? 1.361   -14.356 -0.521  1.00   50.68 ? 80  LEU A CG    1 
ATOM 588  C CD1   . LEU A 1 79  ? 2.197   -15.442 -1.171  1.00   42.40 ? 80  LEU A CD1   1 
ATOM 589  C CD2   . LEU A 1 79  ? 1.253   -13.148 -1.450  1.00   51.18 ? 80  LEU A CD2   1 
ATOM 590  N N     . ARG A 1 80  ? -2.348  -15.540 2.022   1.00   54.55 ? 81  ARG A N     1 
ATOM 591  C CA    . ARG A 1 80  ? -3.611  -16.159 2.399   1.00   54.90 ? 81  ARG A CA    1 
ATOM 592  C C     . ARG A 1 80  ? -4.682  -15.085 2.611   1.00   54.12 ? 81  ARG A C     1 
ATOM 593  O O     . ARG A 1 80  ? -5.711  -15.099 1.933   1.00   53.36 ? 81  ARG A O     1 
ATOM 594  C CB    . ARG A 1 80  ? -3.445  -17.022 3.656   1.00   54.77 ? 81  ARG A CB    1 
ATOM 595  C CG    . ARG A 1 80  ? -4.627  -17.952 3.957   1.00   54.43 ? 81  ARG A CG    1 
ATOM 596  C CD    . ARG A 1 80  ? -4.135  -19.228 4.672   1.00   59.19 ? 81  ARG A CD    1 
ATOM 597  N NE    . ARG A 1 80  ? -5.104  -20.003 5.476   1.00   61.12 ? 81  ARG A NE    1 
ATOM 598  C CZ    . ARG A 1 80  ? -6.406  -20.192 5.229   1.00   59.48 ? 81  ARG A CZ    1 
ATOM 599  N NH1   . ARG A 1 80  ? -7.014  -19.678 4.161   1.00   60.82 ? 81  ARG A NH1   1 
ATOM 600  N NH2   . ARG A 1 80  ? -7.119  -20.932 6.079   1.00   55.63 ? 81  ARG A NH2   1 
ATOM 601  N N     . ARG A 1 81  ? -4.416  -14.137 3.514   1.00   53.85 ? 82  ARG A N     1 
ATOM 602  C CA    . ARG A 1 81  ? -5.424  -13.138 3.901   1.00   53.57 ? 82  ARG A CA    1 
ATOM 603  C C     . ARG A 1 81  ? -5.675  -12.163 2.779   1.00   54.43 ? 82  ARG A C     1 
ATOM 604  O O     . ARG A 1 81  ? -6.794  -11.678 2.633   1.00   55.60 ? 82  ARG A O     1 
ATOM 605  C CB    . ARG A 1 81  ? -5.065  -12.393 5.212   1.00   54.25 ? 82  ARG A CB    1 
ATOM 606  C CG    . ARG A 1 81  ? -4.264  -11.076 5.094   1.00   53.33 ? 82  ARG A CG    1 
ATOM 607  C CD    . ARG A 1 81  ? -3.973  -10.446 6.478   1.00   51.67 ? 82  ARG A CD    1 
ATOM 608  N NE    . ARG A 1 81  ? -2.610  -10.743 6.943   0.0000 99.99 ? 82  ARG A NE    1 
ATOM 609  C CZ    . ARG A 1 81  ? -2.289  -10.805 8.244   0.0000 99.99 ? 82  ARG A CZ    1 
ATOM 610  N NH1   . ARG A 1 81  ? -1.062  -11.079 8.592   0.0000 99.99 ? 82  ARG A NH1   1 
ATOM 611  N NH2   . ARG A 1 81  ? -3.189  -10.590 9.168   0.0000 99.99 ? 82  ARG A NH2   1 
ATOM 612  N N     . GLN A 1 82  ? -4.637  -11.891 1.987   1.00   54.77 ? 83  GLN A N     1 
ATOM 613  C CA    . GLN A 1 82  ? -4.748  -10.974 0.852   1.00   55.33 ? 83  GLN A CA    1 
ATOM 614  C C     . GLN A 1 82  ? -5.680  -11.537 -0.212  1.00   56.54 ? 83  GLN A C     1 
ATOM 615  O O     . GLN A 1 82  ? -6.449  -10.797 -0.835  1.00   57.16 ? 83  GLN A O     1 
ATOM 616  C CB    . GLN A 1 82  ? -3.371  -10.687 0.267   1.00   54.30 ? 83  GLN A CB    1 
ATOM 617  C CG    . GLN A 1 82  ? -2.495  -9.885  1.217   1.00   56.14 ? 83  GLN A CG    1 
ATOM 618  C CD    . GLN A 1 82  ? -1.081  -9.716  0.721   1.00   57.11 ? 83  GLN A CD    1 
ATOM 619  O OE1   . GLN A 1 82  ? -0.714  -10.240 -0.330  1.00   62.28 ? 83  GLN A OE1   1 
ATOM 620  N NE2   . GLN A 1 82  ? -0.272  -8.980  1.478   1.00   60.08 ? 83  GLN A NE2   1 
ATOM 621  N N     . HIS A 1 83  ? -5.624  -12.853 -0.397  1.00   58.01 ? 84  HIS A N     1 
ATOM 622  C CA    . HIS A 1 83  ? -6.537  -13.548 -1.302  1.00   58.73 ? 84  HIS A CA    1 
ATOM 623  C C     . HIS A 1 83  ? -7.986  -13.502 -0.796  1.00   57.51 ? 84  HIS A C     1 
ATOM 624  O O     . HIS A 1 83  ? -8.917  -13.236 -1.565  1.00   55.52 ? 84  HIS A O     1 
ATOM 625  C CB    . HIS A 1 83  ? -6.092  -15.004 -1.486  1.00   59.58 ? 84  HIS A CB    1 
ATOM 626  C CG    . HIS A 1 83  ? -6.671  -15.656 -2.701  1.00   60.58 ? 84  HIS A CG    1 
ATOM 627  N ND1   . HIS A 1 83  ? -7.867  -16.337 -2.681  1.00   57.54 ? 84  HIS A ND1   1 
ATOM 628  C CD2   . HIS A 1 83  ? -6.223  -15.714 -3.978  1.00   60.60 ? 84  HIS A CD2   1 
ATOM 629  C CE1   . HIS A 1 83  ? -8.127  -16.796 -3.892  1.00   61.29 ? 84  HIS A CE1   1 
ATOM 630  N NE2   . HIS A 1 83  ? -7.145  -16.431 -4.698  1.00   58.86 ? 84  HIS A NE2   1 
ATOM 631  N N     . GLU A 1 84  ? -8.157  -13.760 0.500   1.00   56.48 ? 85  GLU A N     1 
ATOM 632  C CA    . GLU A 1 84  ? -9.480  -13.767 1.137   1.00   56.76 ? 85  GLU A CA    1 
ATOM 633  C C     . GLU A 1 84  ? -10.164 -12.401 1.052   1.00   53.21 ? 85  GLU A C     1 
ATOM 634  O O     . GLU A 1 84  ? -11.370 -12.319 0.843   1.00   52.31 ? 85  GLU A O     1 
ATOM 635  C CB    . GLU A 1 84  ? -9.371  -14.233 2.606   1.00   56.27 ? 85  GLU A CB    1 
ATOM 636  C CG    . GLU A 1 84  ? -9.023  -15.742 2.741   1.00   61.66 ? 85  GLU A CG    1 
ATOM 637  C CD    . GLU A 1 84  ? -9.025  -16.293 4.182   1.00   60.14 ? 85  GLU A CD    1 
ATOM 638  O OE1   . GLU A 1 84  ? -8.307  -17.292 4.438   1.00   56.79 ? 85  GLU A OE1   1 
ATOM 639  O OE2   . GLU A 1 84  ? -9.744  -15.749 5.051   1.00   65.11 ? 85  GLU A OE2   1 
ATOM 640  N N     . LEU A 1 85  ? -9.380  -11.341 1.206   1.00   51.47 ? 86  LEU A N     1 
ATOM 641  C CA    . LEU A 1 85  ? -9.896  -9.979  1.173   1.00   51.31 ? 86  LEU A CA    1 
ATOM 642  C C     . LEU A 1 85  ? -10.375 -9.627  -0.224  1.00   52.21 ? 86  LEU A C     1 
ATOM 643  O O     . LEU A 1 85  ? -11.484 -9.104  -0.400  1.00   52.22 ? 86  LEU A O     1 
ATOM 644  C CB    . LEU A 1 85  ? -8.817  -8.984  1.619   1.00   51.03 ? 86  LEU A CB    1 
ATOM 645  C CG    . LEU A 1 85  ? -8.585  -8.873  3.131   1.00   47.98 ? 86  LEU A CG    1 
ATOM 646  C CD1   . LEU A 1 85  ? -7.261  -8.163  3.441   1.00   42.82 ? 86  LEU A CD1   1 
ATOM 647  C CD2   . LEU A 1 85  ? -9.762  -8.168  3.809   1.00   40.19 ? 86  LEU A CD2   1 
ATOM 648  N N     . LEU A 1 86  ? -9.531  -9.918  -1.211  1.00   52.58 ? 87  LEU A N     1 
ATOM 649  C CA    . LEU A 1 86  ? -9.879  -9.691  -2.612  1.00   53.28 ? 87  LEU A CA    1 
ATOM 650  C C     . LEU A 1 86  ? -11.104 -10.509 -3.035  1.00   52.79 ? 87  LEU A C     1 
ATOM 651  O O     . LEU A 1 86  ? -11.933 -10.045 -3.817  1.00   54.46 ? 87  LEU A O     1 
ATOM 652  C CB    . LEU A 1 86  ? -8.687  -10.003 -3.526  1.00   52.51 ? 87  LEU A CB    1 
ATOM 653  C CG    . LEU A 1 86  ? -7.527  -9.002  -3.487  1.00   53.61 ? 87  LEU A CG    1 
ATOM 654  C CD1   . LEU A 1 86  ? -6.332  -9.560  -4.238  1.00   53.60 ? 87  LEU A CD1   1 
ATOM 655  C CD2   . LEU A 1 86  ? -7.933  -7.641  -4.059  1.00   51.19 ? 87  LEU A CD2   1 
ATOM 656  N N     . SER A 1 87  ? -11.224 -11.720 -2.508  1.00   52.39 ? 88  SER A N     1 
ATOM 657  C CA    . SER A 1 87  ? -12.340 -12.587 -2.861  1.00   51.91 ? 88  SER A CA    1 
ATOM 658  C C     . SER A 1 87  ? -13.646 -12.053 -2.265  1.00   51.11 ? 88  SER A C     1 
ATOM 659  O O     . SER A 1 87  ? -14.643 -11.929 -2.971  1.00   51.39 ? 88  SER A O     1 
ATOM 660  C CB    . SER A 1 87  ? -12.042 -14.019 -2.423  1.00   51.55 ? 88  SER A CB    1 
ATOM 661  O OG    . SER A 1 87  ? -10.763 -14.413 -2.914  1.00   48.15 ? 88  SER A OG    1 
ATOM 662  N N     . ALA A 1 88  ? -13.614 -11.717 -0.979  1.00   50.58 ? 89  ALA A N     1 
ATOM 663  C CA    . ALA A 1 88  ? -14.703 -10.999 -0.317  1.00   51.01 ? 89  ALA A CA    1 
ATOM 664  C C     . ALA A 1 88  ? -15.180 -9.824  -1.159  1.00   53.27 ? 89  ALA A C     1 
ATOM 665  O O     . ALA A 1 88  ? -16.378 -9.664  -1.429  1.00   52.25 ? 89  ALA A O     1 
ATOM 666  C CB    . ALA A 1 88  ? -14.221 -10.477 1.027   1.00   50.75 ? 89  ALA A CB    1 
ATOM 667  N N     . ARG A 1 89  ? -14.214 -9.009  -1.567  1.00   55.15 ? 90  ARG A N     1 
ATOM 668  C CA    . ARG A 1 89  ? -14.471 -7.747  -2.248  1.00   55.45 ? 90  ARG A CA    1 
ATOM 669  C C     . ARG A 1 89  ? -14.968 -7.965  -3.678  1.00   53.99 ? 90  ARG A C     1 
ATOM 670  O O     . ARG A 1 89  ? -15.856 -7.254  -4.145  1.00   55.11 ? 90  ARG A O     1 
ATOM 671  C CB    . ARG A 1 89  ? -13.185 -6.901  -2.236  1.00   57.34 ? 90  ARG A CB    1 
ATOM 672  C CG    . ARG A 1 89  ? -13.329 -5.434  -2.654  1.00   59.50 ? 90  ARG A CG    1 
ATOM 673  C CD    . ARG A 1 89  ? -14.307 -4.679  -1.768  1.00   65.02 ? 90  ARG A CD    1 
ATOM 674  N NE    . ARG A 1 89  ? -14.210 -3.221  -1.896  1.00   68.82 ? 90  ARG A NE    1 
ATOM 675  C CZ    . ARG A 1 89  ? -14.564 -2.504  -2.968  1.00   72.03 ? 90  ARG A CZ    1 
ATOM 676  N NH1   . ARG A 1 89  ? -15.017 -3.095  -4.063  1.00   83.89 ? 90  ARG A NH1   1 
ATOM 677  N NH2   . ARG A 1 89  ? -14.458 -1.175  -2.961  1.00   67.90 ? 90  ARG A NH2   1 
ATOM 678  N N     . ILE A 1 90  ? -14.395 -8.945  -4.372  1.00   52.51 ? 91  ILE A N     1 
ATOM 679  C CA    . ILE A 1 90  ? -14.852 -9.284  -5.718  1.00   49.94 ? 91  ILE A CA    1 
ATOM 680  C C     . ILE A 1 90  ? -16.305 -9.731  -5.641  1.00   51.37 ? 91  ILE A C     1 
ATOM 681  O O     . ILE A 1 90  ? -17.163 -9.238  -6.372  1.00   54.09 ? 91  ILE A O     1 
ATOM 682  C CB    . ILE A 1 90  ? -13.974 -10.375 -6.381  1.00   47.85 ? 91  ILE A CB    1 
ATOM 683  C CG1   . ILE A 1 90  ? -12.634 -9.771  -6.811  1.00   48.57 ? 91  ILE A CG1   1 
ATOM 684  C CG2   . ILE A 1 90  ? -14.676 -10.953 -7.598  1.00   39.01 ? 91  ILE A CG2   1 
ATOM 685  C CD1   . ILE A 1 90  ? -11.599 -10.774 -7.241  1.00   48.02 ? 91  ILE A CD1   1 
ATOM 686  N N     . GLY A 1 91  ? -16.582 -10.641 -4.719  1.00   51.55 ? 92  GLY A N     1 
ATOM 687  C CA    . GLY A 1 91  ? -17.937 -11.118 -4.511  1.00   50.80 ? 92  GLY A CA    1 
ATOM 688  C C     . GLY A 1 91  ? -18.909 -10.015 -4.165  1.00   50.50 ? 92  GLY A C     1 
ATOM 689  O O     . GLY A 1 91  ? -20.055 -10.059 -4.584  1.00   50.42 ? 92  GLY A O     1 
ATOM 690  N N     . LYS A 1 92  ? -18.460 -9.025  -3.398  1.00   52.57 ? 93  LYS A N     1 
ATOM 691  C CA    . LYS A 1 92  ? -19.326 -7.906  -2.999  1.00   54.47 ? 93  LYS A CA    1 
ATOM 692  C C     . LYS A 1 92  ? -19.774 -7.079  -4.210  1.00   52.93 ? 93  LYS A C     1 
ATOM 693  O O     . LYS A 1 92  ? -20.955 -6.756  -4.367  1.00   49.32 ? 93  LYS A O     1 
ATOM 694  C CB    . LYS A 1 92  ? -18.601 -7.003  -1.989  1.00   54.86 ? 93  LYS A CB    1 
ATOM 695  C CG    . LYS A 1 92  ? -19.339 -5.710  -1.680  1.00   56.74 ? 93  LYS A CG    1 
ATOM 696  C CD    . LYS A 1 92  ? -18.888 -5.103  -0.360  1.00   57.58 ? 93  LYS A CD    1 
ATOM 697  C CE    . LYS A 1 92  ? -19.840 -3.988  0.083   1.00   60.80 ? 93  LYS A CE    1 
ATOM 698  N NZ    . LYS A 1 92  ? -19.787 -3.718  1.554   1.00   63.33 ? 93  LYS A NZ    1 
ATOM 699  N N     . LEU A 1 93  ? -18.803 -6.740  -5.051  1.00   52.54 ? 94  LEU A N     1 
ATOM 700  C CA    . LEU A 1 93  ? -19.048 -5.955  -6.245  1.00   52.31 ? 94  LEU A CA    1 
ATOM 701  C C     . LEU A 1 93  ? -19.887 -6.749  -7.216  1.00   52.12 ? 94  LEU A C     1 
ATOM 702  O O     . LEU A 1 93  ? -20.809 -6.225  -7.820  1.00   52.15 ? 94  LEU A O     1 
ATOM 703  C CB    . LEU A 1 93  ? -17.730 -5.582  -6.913  1.00   52.68 ? 94  LEU A CB    1 
ATOM 704  C CG    . LEU A 1 93  ? -16.794 -4.685  -6.110  1.00   48.42 ? 94  LEU A CG    1 
ATOM 705  C CD1   . LEU A 1 93  ? -15.480 -4.542  -6.858  1.00   48.30 ? 94  LEU A CD1   1 
ATOM 706  C CD2   . LEU A 1 93  ? -17.432 -3.328  -5.862  1.00   45.02 ? 94  LEU A CD2   1 
ATOM 707  N N     . GLN A 1 94  ? -19.554 -8.021  -7.370  1.00   52.26 ? 95  GLN A N     1 
ATOM 708  C CA    . GLN A 1 94  ? -20.351 -8.911  -8.196  1.00   53.14 ? 95  GLN A CA    1 
ATOM 709  C C     . GLN A 1 94  ? -21.828 -8.880  -7.789  1.00   53.46 ? 95  GLN A C     1 
ATOM 710  O O     . GLN A 1 94  ? -22.717 -8.884  -8.640  1.00   54.74 ? 95  GLN A O     1 
ATOM 711  C CB    . GLN A 1 94  ? -19.799 -10.332 -8.121  1.00   51.80 ? 95  GLN A CB    1 
ATOM 712  C CG    . GLN A 1 94  ? -18.485 -10.508 -8.874  1.00   52.02 ? 95  GLN A CG    1 
ATOM 713  C CD    . GLN A 1 94  ? -17.950 -11.925 -8.794  1.00   55.24 ? 95  GLN A CD    1 
ATOM 714  O OE1   . GLN A 1 94  ? -18.147 -12.619 -7.795  1.00   70.34 ? 95  GLN A OE1   1 
ATOM 715  N NE2   . GLN A 1 94  ? -17.271 -12.367 -9.849  1.00   53.59 ? 95  GLN A NE2   1 
ATOM 716  N N     . LYS A 1 95  ? -22.085 -8.833  -6.488  1.00   54.17 ? 96  LYS A N     1 
ATOM 717  C CA    . LYS A 1 95  ? -23.453 -8.729  -5.998  1.00   55.57 ? 96  LYS A CA    1 
ATOM 718  C C     . LYS A 1 95  ? -24.018 -7.361  -6.347  1.00   52.76 ? 96  LYS A C     1 
ATOM 719  O O     . LYS A 1 95  ? -25.164 -7.256  -6.754  1.00   49.28 ? 96  LYS A O     1 
ATOM 720  C CB    . LYS A 1 95  ? -23.525 -8.964  -4.487  1.00   55.53 ? 96  LYS A CB    1 
ATOM 721  C CG    . LYS A 1 95  ? -24.932 -9.237  -3.973  1.00   60.29 ? 96  LYS A CG    1 
ATOM 722  C CD    . LYS A 1 95  ? -24.930 -9.607  -2.490  1.00   63.62 ? 96  LYS A CD    1 
ATOM 723  C CE    . LYS A 1 95  ? -25.020 -11.103 -2.254  1.00   70.36 ? 96  LYS A CE    1 
ATOM 724  N NZ    . LYS A 1 95  ? -26.446 -11.564 -2.216  1.00   74.47 ? 96  LYS A NZ    1 
ATOM 725  N N     . MET A 1 96  ? -23.212 -6.314  -6.198  1.00   52.67 ? 97  MET A N     1 
ATOM 726  C CA    . MET A 1 96  ? -23.667 -4.975  -6.562  1.00   52.22 ? 97  MET A CA    1 
ATOM 727  C C     . MET A 1 96  ? -24.037 -4.972  -8.036  1.00   53.07 ? 97  MET A C     1 
ATOM 728  O O     . MET A 1 96  ? -25.149 -4.587  -8.396  1.00   51.55 ? 97  MET A O     1 
ATOM 729  C CB    . MET A 1 96  ? -22.596 -3.912  -6.285  1.00   51.66 ? 97  MET A CB    1 
ATOM 730  C CG    . MET A 1 96  ? -22.186 -3.784  -4.822  1.00   52.03 ? 97  MET A CG    1 
ATOM 731  S SD    . MET A 1 96  ? -21.256 -2.278  -4.493  1.00   51.33 ? 97  MET A SD    1 
ATOM 732  C CE    . MET A 1 96  ? -22.572 -1.040  -4.440  1.00   52.66 ? 97  MET A CE    1 
ATOM 733  N N     . ALA A 1 97  ? -23.090 -5.429  -8.867  1.00   55.92 ? 98  ALA A N     1 
ATOM 734  C CA    . ALA A 1 97  ? -23.231 -5.509  -10.336 1.00   54.11 ? 98  ALA A CA    1 
ATOM 735  C C     . ALA A 1 97  ? -24.404 -6.393  -10.732 1.00   55.70 ? 98  ALA A C     1 
ATOM 736  O O     . ALA A 1 97  ? -25.094 -6.125  -11.718 1.00   58.17 ? 98  ALA A O     1 
ATOM 737  C CB    . ALA A 1 97  ? -21.949 -6.039  -10.965 1.00   49.54 ? 98  ALA A CB    1 
ATOM 738  N N     . ALA A 1 98  ? -24.624 -7.452  -9.960  1.00   56.65 ? 99  ALA A N     1 
ATOM 739  C CA    . ALA A 1 98  ? -25.813 -8.280  -10.113 1.00   55.81 ? 99  ALA A CA    1 
ATOM 740  C C     . ALA A 1 98  ? -27.088 -7.444  -9.924  1.00   55.18 ? 99  ALA A C     1 
ATOM 741  O O     . ALA A 1 98  ? -28.021 -7.543  -10.714 1.00   55.40 ? 99  ALA A O     1 
ATOM 742  C CB    . ALA A 1 98  ? -25.772 -9.433  -9.123  1.00   55.62 ? 99  ALA A CB    1 
ATOM 743  N N     . ALA A 1 99  ? -27.110 -6.613  -8.880  1.00   56.20 ? 100 ALA A N     1 
ATOM 744  C CA    . ALA A 1 99  ? -28.230 -5.697  -8.620  1.00   55.60 ? 100 ALA A CA    1 
ATOM 745  C C     . ALA A 1 99  ? -28.437 -4.721  -9.771  1.00   57.26 ? 100 ALA A C     1 
ATOM 746  O O     . ALA A 1 99  ? -29.568 -4.346  -10.062 1.00   59.46 ? 100 ALA A O     1 
ATOM 747  C CB    . ALA A 1 99  ? -28.005 -4.919  -7.333  1.00   53.57 ? 100 ALA A CB    1 
ATOM 748  N N     . VAL A 1 100 ? -27.348 -4.298  -10.410 1.00   57.10 ? 101 VAL A N     1 
ATOM 749  C CA    . VAL A 1 100 ? -27.444 -3.411  -11.564 1.00   57.01 ? 101 VAL A CA    1 
ATOM 750  C C     . VAL A 1 100 ? -28.162 -4.114  -12.721 1.00   57.45 ? 101 VAL A C     1 
ATOM 751  O O     . VAL A 1 100 ? -29.053 -3.531  -13.337 1.00   57.87 ? 101 VAL A O     1 
ATOM 752  C CB    . VAL A 1 100 ? -26.052 -2.918  -12.025 1.00   56.93 ? 101 VAL A CB    1 
ATOM 753  C CG1   . VAL A 1 100 ? -26.162 -2.086  -13.289 1.00   56.75 ? 101 VAL A CG1   1 
ATOM 754  C CG2   . VAL A 1 100 ? -25.381 -2.117  -10.919 1.00   58.97 ? 101 VAL A CG2   1 
ATOM 755  N N     . GLU A 1 101 ? -27.790 -5.365  -12.994 1.00   56.74 ? 102 GLU A N     1 
ATOM 756  C CA    . GLU A 1 101 ? -28.358 -6.111  -14.119 1.00   57.58 ? 102 GLU A CA    1 
ATOM 757  C C     . GLU A 1 101 ? -29.877 -6.302  -13.981 1.00   57.09 ? 102 GLU A C     1 
ATOM 758  O O     . GLU A 1 101 ? -30.608 -6.237  -14.974 1.00   57.69 ? 102 GLU A O     1 
ATOM 759  C CB    . GLU A 1 101 ? -27.622 -7.453  -14.319 1.00   57.22 ? 102 GLU A CB    1 
ATOM 760  C CG    . GLU A 1 101 ? -26.207 -7.300  -14.937 1.00   63.15 ? 102 GLU A CG    1 
ATOM 761  C CD    . GLU A 1 101 ? -25.349 -8.588  -14.928 1.00   64.79 ? 102 GLU A CD    1 
ATOM 762  O OE1   . GLU A 1 101 ? -25.904 -9.710  -15.040 1.00   72.02 ? 102 GLU A OE1   1 
ATOM 763  O OE2   . GLU A 1 101 ? -24.101 -8.465  -14.829 1.00   65.16 ? 102 GLU A OE2   1 
ATOM 764  N N     . GLN A 1 102 ? -30.357 -6.508  -12.755 1.00   58.66 ? 103 GLN A N     1 
ATOM 765  C CA    . GLN A 1 102 ? -31.807 -6.620  -12.510 1.00   59.36 ? 103 GLN A CA    1 
ATOM 766  C C     . GLN A 1 102 ? -32.515 -5.270  -12.709 1.00   59.73 ? 103 GLN A C     1 
ATOM 767  O O     . GLN A 1 102 ? -33.662 -5.227  -13.163 1.00   62.75 ? 103 GLN A O     1 
ATOM 768  C CB    . GLN A 1 102 ? -32.098 -7.172  -11.108 1.00   57.99 ? 103 GLN A CB    1 
ATOM 769  C CG    . GLN A 1 102 ? -31.334 -8.489  -10.813 0.0000 99.99 ? 103 GLN A CG    1 
ATOM 770  C CD    . GLN A 1 102 ? -32.098 -9.329  -9.782  0.0000 99.99 ? 103 GLN A CD    1 
ATOM 771  O OE1   . GLN A 1 102 ? -31.913 -9.154  -8.575  0.0000 99.99 ? 103 GLN A OE1   1 
ATOM 772  N NE2   . GLN A 1 102 ? -32.951 -10.232 -10.187 0.0000 99.99 ? 103 GLN A NE2   1 
ATOM 773  N N     . ALA A 1 103 ? -31.828 -4.179  -12.372 1.00   58.43 ? 104 ALA A N     1 
ATOM 774  C CA    . ALA A 1 103 ? -32.350 -2.837  -12.600 1.00   56.86 ? 104 ALA A CA    1 
ATOM 775  C C     . ALA A 1 103 ? -32.505 -2.583  -14.096 1.00   57.55 ? 104 ALA A C     1 
ATOM 776  O O     . ALA A 1 103 ? -33.499 -1.983  -14.517 1.00   59.53 ? 104 ALA A O     1 
ATOM 777  C CB    . ALA A 1 103 ? -31.439 -1.796  -11.976 1.00   55.83 ? 104 ALA A CB    1 
ATOM 778  N N     . MET A 1 104 ? -31.535 -3.062  -14.888 1.00   55.89 ? 105 MET A N     1 
ATOM 779  C CA    . MET A 1 104 ? -31.557 -2.916  -16.356 1.00   53.90 ? 105 MET A CA    1 
ATOM 780  C C     . MET A 1 104 ? -32.663 -3.746  -17.039 1.00   53.52 ? 105 MET A C     1 
ATOM 781  O O     . MET A 1 104 ? -33.025 -3.456  -18.186 1.00   55.47 ? 105 MET A O     1 
ATOM 782  C CB    . MET A 1 104 ? -30.183 -3.253  -16.962 1.00   53.94 ? 105 MET A CB    1 
ATOM 783  C CG    . MET A 1 104 ? -29.038 -2.369  -16.435 1.00   55.18 ? 105 MET A CG    1 
ATOM 784  S SD    . MET A 1 104 ? -27.440 -2.490  -17.292 1.00   55.78 ? 105 MET A SD    1 
ATOM 785  C CE    . MET A 1 104 ? -27.105 -4.257  -17.281 1.00   52.99 ? 105 MET A CE    1 
ATOM 786  N N     . GLU A 1 105 ? -33.181 -4.763  -16.338 1.00   51.02 ? 106 GLU A N     1 
ATOM 787  C CA    . GLU A 1 105 ? -34.377 -5.497  -16.766 1.00   49.69 ? 106 GLU A CA    1 
ATOM 788  C C     . GLU A 1 105 ? -35.651 -4.787  -16.289 1.00   48.61 ? 106 GLU A C     1 
ATOM 789  O O     . GLU A 1 105 ? -36.304 -4.061  -17.048 1.00   46.83 ? 106 GLU A O     1 
ATOM 790  C CB    . GLU A 1 105 ? -34.348 -6.934  -16.227 1.00   47.39 ? 106 GLU A CB    1 
ATOM 791  C CG    . GLU A 1 105 ? -35.480 -7.816  -16.825 0.0000 99.99 ? 106 GLU A CG    1 
ATOM 792  C CD    . GLU A 1 105 ? -35.083 -9.297  -16.776 0.0000 99.99 ? 106 GLU A CD    1 
ATOM 793  O OE1   . GLU A 1 105 ? -34.534 -9.778  -17.756 0.0000 99.99 ? 106 GLU A OE1   1 
ATOM 794  O OE2   . GLU A 1 105 ? -35.333 -9.928  -15.760 0.0000 99.99 ? 106 GLU A OE2   1 
ATOM 795  P P     . DC  B 2 4   ? 12.280  22.267  -15.143 1.00   57.76 ? -11 DC  B P     1 
ATOM 796  O OP1   . DC  B 2 4   ? 13.200  22.852  -16.153 1.00   55.90 ? -11 DC  B OP1   1 
ATOM 797  O OP2   . DC  B 2 4   ? 10.846  22.638  -15.150 1.00   51.71 ? -11 DC  B OP2   1 
ATOM 798  O "O5'" . DC  B 2 4   ? 12.386  20.661  -15.145 1.00   64.23 ? -11 DC  B "O5'" 1 
ATOM 799  C "C5'" . DC  B 2 4   ? 13.638  19.960  -15.276 1.00   70.17 ? -11 DC  B "C5'" 1 
ATOM 800  C "C4'" . DC  B 2 4   ? 14.222  19.453  -13.952 1.00   76.04 ? -11 DC  B "C4'" 1 
ATOM 801  O "O4'" . DC  B 2 4   ? 15.172  20.425  -13.427 1.00   76.09 ? -11 DC  B "O4'" 1 
ATOM 802  C "C3'" . DC  B 2 4   ? 13.283  19.202  -12.765 1.00   78.04 ? -11 DC  B "C3'" 1 
ATOM 803  O "O3'" . DC  B 2 4   ? 12.614  17.932  -12.831 1.00   78.69 ? -11 DC  B "O3'" 1 
ATOM 804  C "C2'" . DC  B 2 4   ? 14.254  19.254  -11.584 1.00   78.01 ? -11 DC  B "C2'" 1 
ATOM 805  C "C1'" . DC  B 2 4   ? 15.359  20.206  -12.035 1.00   74.91 ? -11 DC  B "C1'" 1 
ATOM 806  N N1    . DC  B 2 4   ? 15.346  21.520  -11.289 1.00   74.28 ? -11 DC  B N1    1 
ATOM 807  C C2    . DC  B 2 4   ? 16.467  21.942  -10.544 1.00   72.42 ? -11 DC  B C2    1 
ATOM 808  O O2    . DC  B 2 4   ? 17.485  21.233  -10.497 1.00   68.83 ? -11 DC  B O2    1 
ATOM 809  N N3    . DC  B 2 4   ? 16.396  23.137  -9.890  1.00   72.16 ? -11 DC  B N3    1 
ATOM 810  C C4    . DC  B 2 4   ? 15.286  23.887  -9.953  1.00   70.98 ? -11 DC  B C4    1 
ATOM 811  N N4    . DC  B 2 4   ? 15.264  25.048  -9.298  1.00   69.54 ? -11 DC  B N4    1 
ATOM 812  C C5    . DC  B 2 4   ? 14.139  23.474  -10.696 1.00   70.61 ? -11 DC  B C5    1 
ATOM 813  C C6    . DC  B 2 4   ? 14.214  22.300  -11.336 1.00   73.70 ? -11 DC  B C6    1 
ATOM 814  P P     . DT  B 2 5   ? 11.568  17.495  -11.692 1.00   77.63 ? -10 DT  B P     1 
ATOM 815  O OP1   . DT  B 2 5   ? 10.846  16.297  -12.174 1.00   82.93 ? -10 DT  B OP1   1 
ATOM 816  O OP2   . DT  B 2 5   ? 10.822  18.683  -11.223 1.00   71.75 ? -10 DT  B OP2   1 
ATOM 817  O "O5'" . DT  B 2 5   ? 12.515  17.057  -10.497 1.00   75.88 ? -10 DT  B "O5'" 1 
ATOM 818  C "C5'" . DT  B 2 5   ? 13.458  16.015  -10.658 1.00   75.97 ? -10 DT  B "C5'" 1 
ATOM 819  C "C4'" . DT  B 2 5   ? 14.223  15.916  -9.357  1.00   74.96 ? -10 DT  B "C4'" 1 
ATOM 820  O "O4'" . DT  B 2 5   ? 14.809  17.211  -9.034  1.00   75.30 ? -10 DT  B "O4'" 1 
ATOM 821  C "C3'" . DT  B 2 5   ? 13.328  15.549  -8.174  1.00   73.83 ? -10 DT  B "C3'" 1 
ATOM 822  O "O3'" . DT  B 2 5   ? 13.977  14.581  -7.350  1.00   66.08 ? -10 DT  B "O3'" 1 
ATOM 823  C "C2'" . DT  B 2 5   ? 13.121  16.893  -7.478  1.00   73.04 ? -10 DT  B "C2'" 1 
ATOM 824  C "C1'" . DT  B 2 5   ? 14.498  17.515  -7.686  1.00   74.43 ? -10 DT  B "C1'" 1 
ATOM 825  N N1    . DT  B 2 5   ? 14.658  19.003  -7.395  1.00   74.90 ? -10 DT  B N1    1 
ATOM 826  C C2    . DT  B 2 5   ? 15.905  19.455  -6.984  1.00   73.65 ? -10 DT  B C2    1 
ATOM 827  O O2    . DT  B 2 5   ? 16.880  18.735  -6.849  1.00   73.96 ? -10 DT  B O2    1 
ATOM 828  N N3    . DT  B 2 5   ? 15.984  20.802  -6.732  1.00   73.46 ? -10 DT  B N3    1 
ATOM 829  C C4    . DT  B 2 5   ? 14.966  21.729  -6.838  1.00   74.04 ? -10 DT  B C4    1 
ATOM 830  O O4    . DT  B 2 5   ? 15.146  22.913  -6.582  1.00   76.23 ? -10 DT  B O4    1 
ATOM 831  C C5    . DT  B 2 5   ? 13.692  21.206  -7.269  1.00   72.12 ? -10 DT  B C5    1 
ATOM 832  C C7    . DT  B 2 5   ? 12.517  22.125  -7.422  1.00   71.84 ? -10 DT  B C7    1 
ATOM 833  C C6    . DT  B 2 5   ? 13.597  19.891  -7.525  1.00   73.70 ? -10 DT  B C6    1 
ATOM 834  P P     . DC  B 2 6   ? 13.200  13.782  -6.205  1.00   55.91 ? -9  DC  B P     1 
ATOM 835  O OP1   . DC  B 2 6   ? 13.793  12.426  -6.266  1.00   57.34 ? -9  DC  B OP1   1 
ATOM 836  O OP2   . DC  B 2 6   ? 11.737  13.991  -6.300  1.00   52.05 ? -9  DC  B OP2   1 
ATOM 837  O "O5'" . DC  B 2 6   ? 13.667  14.515  -4.867  1.00   53.21 ? -9  DC  B "O5'" 1 
ATOM 838  C "C5'" . DC  B 2 6   ? 14.965  14.199  -4.375  1.00   58.05 ? -9  DC  B "C5'" 1 
ATOM 839  C "C4'" . DC  B 2 6   ? 15.503  15.254  -3.423  1.00   58.40 ? -9  DC  B "C4'" 1 
ATOM 840  O "O4'" . DC  B 2 6   ? 15.653  16.540  -4.085  1.00   57.93 ? -9  DC  B "O4'" 1 
ATOM 841  C "C3'" . DC  B 2 6   ? 14.639  15.594  -2.222  1.00   58.26 ? -9  DC  B "C3'" 1 
ATOM 842  O "O3'" . DC  B 2 6   ? 14.657  14.574  -1.232  1.00   54.82 ? -9  DC  B "O3'" 1 
ATOM 843  C "C2'" . DC  B 2 6   ? 15.337  16.874  -1.778  1.00   59.46 ? -9  DC  B "C2'" 1 
ATOM 844  C "C1'" . DC  B 2 6   ? 15.679  17.559  -3.099  1.00   58.81 ? -9  DC  B "C1'" 1 
ATOM 845  N N1    . DC  B 2 6   ? 14.714  18.670  -3.419  1.00   60.67 ? -9  DC  B N1    1 
ATOM 846  C C2    . DC  B 2 6   ? 14.865  19.919  -2.791  1.00   61.38 ? -9  DC  B C2    1 
ATOM 847  O O2    . DC  B 2 6   ? 15.794  20.104  -1.993  1.00   58.44 ? -9  DC  B O2    1 
ATOM 848  N N3    . DC  B 2 6   ? 13.979  20.911  -3.083  1.00   62.77 ? -9  DC  B N3    1 
ATOM 849  C C4    . DC  B 2 6   ? 12.981  20.705  -3.941  1.00   61.04 ? -9  DC  B C4    1 
ATOM 850  N N4    . DC  B 2 6   ? 12.150  21.718  -4.180  1.00   60.92 ? -9  DC  B N4    1 
ATOM 851  C C5    . DC  B 2 6   ? 12.799  19.444  -4.584  1.00   62.94 ? -9  DC  B C5    1 
ATOM 852  C C6    . DC  B 2 6   ? 13.676  18.470  -4.295  1.00   63.81 ? -9  DC  B C6    1 
ATOM 853  P P     . DC  B 2 7   ? 13.572  14.584  -0.060  1.00   53.42 ? -8  DC  B P     1 
ATOM 854  O OP1   . DC  B 2 7   ? 13.949  13.455  0.808   1.00   57.35 ? -8  DC  B OP1   1 
ATOM 855  O OP2   . DC  B 2 7   ? 12.208  14.659  -0.630  1.00   52.82 ? -8  DC  B OP2   1 
ATOM 856  O "O5'" . DC  B 2 7   ? 13.844  15.959  0.716   1.00   51.15 ? -8  DC  B "O5'" 1 
ATOM 857  C "C5'" . DC  B 2 7   ? 15.007  16.135  1.523   1.00   52.39 ? -8  DC  B "C5'" 1 
ATOM 858  C "C4'" . DC  B 2 7   ? 15.102  17.551  2.093   1.00   59.68 ? -8  DC  B "C4'" 1 
ATOM 859  O "O4'" . DC  B 2 7   ? 14.990  18.559  1.054   1.00   66.69 ? -8  DC  B "O4'" 1 
ATOM 860  C "C3'" . DC  B 2 7   ? 14.030  17.969  3.090   1.00   57.25 ? -8  DC  B "C3'" 1 
ATOM 861  O "O3'" . DC  B 2 7   ? 14.387  17.497  4.372   1.00   58.59 ? -8  DC  B "O3'" 1 
ATOM 862  C "C2'" . DC  B 2 7   ? 14.088  19.492  3.036   1.00   56.62 ? -8  DC  B "C2'" 1 
ATOM 863  C "C1'" . DC  B 2 7   ? 14.455  19.767  1.581   1.00   60.60 ? -8  DC  B "C1'" 1 
ATOM 864  N N1    . DC  B 2 7   ? 13.290  20.264  0.746   1.00   63.27 ? -8  DC  B N1    1 
ATOM 865  C C2    . DC  B 2 7   ? 12.841  21.582  0.928   1.00   61.12 ? -8  DC  B C2    1 
ATOM 866  O O2    . DC  B 2 7   ? 13.395  22.308  1.762   1.00   58.75 ? -8  DC  B O2    1 
ATOM 867  N N3    . DC  B 2 7   ? 11.799  22.031  0.181   1.00   59.69 ? -8  DC  B N3    1 
ATOM 868  C C4    . DC  B 2 7   ? 11.206  21.244  -0.713  1.00   58.87 ? -8  DC  B C4    1 
ATOM 869  N N4    . DC  B 2 7   ? 10.187  21.755  -1.408  1.00   59.63 ? -8  DC  B N4    1 
ATOM 870  C C5    . DC  B 2 7   ? 11.640  19.901  -0.922  1.00   60.02 ? -8  DC  B C5    1 
ATOM 871  C C6    . DC  B 2 7   ? 12.667  19.459  -0.181  1.00   63.21 ? -8  DC  B C6    1 
ATOM 872  P P     . DT  B 2 8   ? 13.435  16.577  5.265   1.00   59.18 ? -7  DT  B P     1 
ATOM 873  O OP1   . DT  B 2 8   ? 14.290  15.526  5.880   1.00   60.03 ? -7  DT  B OP1   1 
ATOM 874  O OP2   . DT  B 2 8   ? 12.264  16.240  4.439   1.00   51.34 ? -7  DT  B OP2   1 
ATOM 875  O "O5'" . DT  B 2 8   ? 12.932  17.582  6.409   1.00   62.21 ? -7  DT  B "O5'" 1 
ATOM 876  C "C5'" . DT  B 2 8   ? 13.864  18.410  7.137   1.00   65.31 ? -7  DT  B "C5'" 1 
ATOM 877  C "C4'" . DT  B 2 8   ? 13.426  19.869  7.238   1.00   62.53 ? -7  DT  B "C4'" 1 
ATOM 878  O "O4'" . DT  B 2 8   ? 13.023  20.369  5.930   1.00   63.06 ? -7  DT  B "O4'" 1 
ATOM 879  C "C3'" . DT  B 2 8   ? 12.263  20.118  8.205   1.00   61.30 ? -7  DT  B "C3'" 1 
ATOM 880  O "O3'" . DT  B 2 8   ? 12.647  21.085  9.202   1.00   62.85 ? -7  DT  B "O3'" 1 
ATOM 881  C "C2'" . DT  B 2 8   ? 11.125  20.592  7.299   1.00   60.07 ? -7  DT  B "C2'" 1 
ATOM 882  C "C1'" . DT  B 2 8   ? 11.827  21.117  6.055   1.00   61.35 ? -7  DT  B "C1'" 1 
ATOM 883  N N1    . DT  B 2 8   ? 11.014  21.004  4.795   1.00   59.29 ? -7  DT  B N1    1 
ATOM 884  C C2    . DT  B 2 8   ? 10.430  22.133  4.251   1.00   60.89 ? -7  DT  B C2    1 
ATOM 885  O O2    . DT  B 2 8   ? 10.522  23.254  4.723   1.00   64.31 ? -7  DT  B O2    1 
ATOM 886  N N3    . DT  B 2 8   ? 9.722   21.909  3.102   1.00   56.58 ? -7  DT  B N3    1 
ATOM 887  C C4    . DT  B 2 8   ? 9.531   20.714  2.445   1.00   63.10 ? -7  DT  B C4    1 
ATOM 888  O O4    . DT  B 2 8   ? 8.863   20.654  1.415   1.00   64.99 ? -7  DT  B O4    1 
ATOM 889  C C5    . DT  B 2 8   ? 10.160  19.563  3.064   1.00   66.68 ? -7  DT  B C5    1 
ATOM 890  C C7    . DT  B 2 8   ? 10.029  18.186  2.462   1.00   63.37 ? -7  DT  B C7    1 
ATOM 891  C C6    . DT  B 2 8   ? 10.858  19.766  4.194   1.00   62.82 ? -7  DT  B C6    1 
ATOM 892  P P     . DC  B 2 9   ? 11.893  21.253  10.610  1.00   60.43 ? -6  DC  B P     1 
ATOM 893  O OP1   . DC  B 2 9   ? 12.236  22.588  11.163  1.00   65.67 ? -6  DC  B OP1   1 
ATOM 894  O OP2   . DC  B 2 9   ? 12.133  20.043  11.425  1.00   63.73 ? -6  DC  B OP2   1 
ATOM 895  O "O5'" . DC  B 2 9   ? 10.371  21.246  10.175  1.00   52.79 ? -6  DC  B "O5'" 1 
ATOM 896  C "C5'" . DC  B 2 9   ? 9.457   22.013  10.890  1.00   55.68 ? -6  DC  B "C5'" 1 
ATOM 897  C "C4'" . DC  B 2 9   ? 9.346   23.430  10.358  1.00   55.42 ? -6  DC  B "C4'" 1 
ATOM 898  O "O4'" . DC  B 2 9   ? 9.395   23.505  8.903   1.00   55.50 ? -6  DC  B "O4'" 1 
ATOM 899  C "C3'" . DC  B 2 9   ? 8.003   24.014  10.744  1.00   57.97 ? -6  DC  B "C3'" 1 
ATOM 900  O "O3'" . DC  B 2 9   ? 8.141   25.380  11.049  1.00   58.64 ? -6  DC  B "O3'" 1 
ATOM 901  C "C2'" . DC  B 2 9   ? 7.135   23.727  9.519   1.00   56.73 ? -6  DC  B "C2'" 1 
ATOM 902  C "C1'" . DC  B 2 9   ? 8.124   23.883  8.374   1.00   54.42 ? -6  DC  B "C1'" 1 
ATOM 903  N N1    . DC  B 2 9   ? 7.728   23.051  7.177   1.00   47.44 ? -6  DC  B N1    1 
ATOM 904  C C2    . DC  B 2 9   ? 7.099   23.626  6.055   1.00   51.21 ? -6  DC  B C2    1 
ATOM 905  O O2    . DC  B 2 9   ? 6.858   24.832  6.023   1.00   56.88 ? -6  DC  B O2    1 
ATOM 906  N N3    . DC  B 2 9   ? 6.754   22.848  4.998   1.00   52.48 ? -6  DC  B N3    1 
ATOM 907  C C4    . DC  B 2 9   ? 7.012   21.540  5.030   1.00   55.08 ? -6  DC  B C4    1 
ATOM 908  N N4    . DC  B 2 9   ? 6.655   20.797  3.974   1.00   57.48 ? -6  DC  B N4    1 
ATOM 909  C C5    . DC  B 2 9   ? 7.645   20.930  6.155   1.00   51.53 ? -6  DC  B C5    1 
ATOM 910  C C6    . DC  B 2 9   ? 7.975   21.711  7.192   1.00   45.98 ? -6  DC  B C6    1 
ATOM 911  P P     . DA  B 2 10  ? 7.038   26.029  11.999  1.00   64.14 ? -5  DA  B P     1 
ATOM 912  O OP1   . DA  B 2 10  ? 7.448   27.426  12.290  1.00   64.90 ? -5  DA  B OP1   1 
ATOM 913  O OP2   . DA  B 2 10  ? 6.747   25.090  13.109  1.00   59.11 ? -5  DA  B OP2   1 
ATOM 914  O "O5'" . DA  B 2 10  ? 5.781   26.046  11.017  1.00   57.69 ? -5  DA  B "O5'" 1 
ATOM 915  C "C5'" . DA  B 2 10  ? 5.720   27.005  9.972   1.00   58.18 ? -5  DA  B "C5'" 1 
ATOM 916  C "C4'" . DA  B 2 10  ? 4.435   26.789  9.223   1.00   58.84 ? -5  DA  B "C4'" 1 
ATOM 917  O "O4'" . DA  B 2 10  ? 4.619   25.670  8.325   1.00   63.59 ? -5  DA  B "O4'" 1 
ATOM 918  C "C3'" . DA  B 2 10  ? 3.265   26.392  10.118  1.00   62.03 ? -5  DA  B "C3'" 1 
ATOM 919  O "O3'" . DA  B 2 10  ? 2.095   27.048  9.715   1.00   64.26 ? -5  DA  B "O3'" 1 
ATOM 920  C "C2'" . DA  B 2 10  ? 3.126   24.893  9.897   1.00   63.64 ? -5  DA  B "C2'" 1 
ATOM 921  C "C1'" . DA  B 2 10  ? 3.445   24.883  8.414   1.00   62.55 ? -5  DA  B "C1'" 1 
ATOM 922  N N9    . DA  B 2 10  ? 3.623   23.571  7.799   1.00   59.58 ? -5  DA  B N9    1 
ATOM 923  C C8    . DA  B 2 10  ? 4.170   22.431  8.320   1.00   56.98 ? -5  DA  B C8    1 
ATOM 924  N N7    . DA  B 2 10  ? 4.162   21.419  7.478   1.00   55.85 ? -5  DA  B N7    1 
ATOM 925  C C5    . DA  B 2 10  ? 3.571   21.941  6.336   1.00   58.30 ? -5  DA  B C5    1 
ATOM 926  C C6    . DA  B 2 10  ? 3.259   21.401  5.068   1.00   59.77 ? -5  DA  B C6    1 
ATOM 927  N N6    . DA  B 2 10  ? 3.510   20.140  4.704   1.00   58.08 ? -5  DA  B N6    1 
ATOM 928  N N1    . DA  B 2 10  ? 2.663   22.220  4.172   1.00   60.59 ? -5  DA  B N1    1 
ATOM 929  C C2    . DA  B 2 10  ? 2.388   23.487  4.506   1.00   57.70 ? -5  DA  B C2    1 
ATOM 930  N N3    . DA  B 2 10  ? 2.637   24.103  5.655   1.00   55.51 ? -5  DA  B N3    1 
ATOM 931  C C4    . DA  B 2 10  ? 3.228   23.267  6.526   1.00   55.93 ? -5  DA  B C4    1 
ATOM 932  P P     . DC  B 2 11  ? 0.995   27.330  10.831  1.00   68.26 ? -4  DC  B P     1 
ATOM 933  O OP1   . DC  B 2 11  ? 1.666   28.143  11.872  1.00   69.46 ? -4  DC  B OP1   1 
ATOM 934  O OP2   . DC  B 2 11  ? 0.367   26.039  11.190  1.00   62.71 ? -4  DC  B OP2   1 
ATOM 935  O "O5'" . DC  B 2 11  ? -0.090  28.256  10.097  1.00   67.71 ? -4  DC  B "O5'" 1 
ATOM 936  C "C5'" . DC  B 2 11  ? 0.104   28.819  8.792   1.00   64.71 ? -4  DC  B "C5'" 1 
ATOM 937  C "C4'" . DC  B 2 11  ? -0.773  28.109  7.774   1.00   61.26 ? -4  DC  B "C4'" 1 
ATOM 938  O "O4'" . DC  B 2 11  ? -0.206  26.823  7.399   1.00   59.44 ? -4  DC  B "O4'" 1 
ATOM 939  C "C3'" . DC  B 2 11  ? -2.195  27.814  8.259   1.00   56.84 ? -4  DC  B "C3'" 1 
ATOM 940  O "O3'" . DC  B 2 11  ? -3.082  28.381  7.320   1.00   54.88 ? -4  DC  B "O3'" 1 
ATOM 941  C "C2'" . DC  B 2 11  ? -2.239  26.287  8.354   1.00   54.27 ? -4  DC  B "C2'" 1 
ATOM 942  C "C1'" . DC  B 2 11  ? -1.288  25.933  7.224   1.00   53.13 ? -4  DC  B "C1'" 1 
ATOM 943  N N1    . DC  B 2 11  ? -0.824  24.517  7.238   1.00   50.70 ? -4  DC  B N1    1 
ATOM 944  C C2    . DC  B 2 11  ? -0.866  23.755  6.062   1.00   48.57 ? -4  DC  B C2    1 
ATOM 945  O O2    . DC  B 2 11  ? -1.287  24.246  5.011   1.00   51.29 ? -4  DC  B O2    1 
ATOM 946  N N3    . DC  B 2 11  ? -0.448  22.469  6.098   1.00   48.83 ? -4  DC  B N3    1 
ATOM 947  C C4    . DC  B 2 11  ? 0.007   21.929  7.224   1.00   50.83 ? -4  DC  B C4    1 
ATOM 948  N N4    . DC  B 2 11  ? 0.403   20.655  7.186   1.00   50.20 ? -4  DC  B N4    1 
ATOM 949  C C5    . DC  B 2 11  ? 0.068   22.682  8.433   1.00   53.35 ? -4  DC  B C5    1 
ATOM 950  C C6    . DC  B 2 11  ? -0.356  23.954  8.396   1.00   53.15 ? -4  DC  B C6    1 
ATOM 951  P P     . DG  B 2 12  ? -4.610  27.938  7.217   1.00   57.67 ? -3  DG  B P     1 
ATOM 952  O OP1   . DG  B 2 12  ? -5.371  29.102  6.721   1.00   63.28 ? -3  DG  B OP1   1 
ATOM 953  O OP2   . DG  B 2 12  ? -5.043  27.272  8.472   1.00   52.26 ? -3  DG  B OP2   1 
ATOM 954  O "O5'" . DG  B 2 12  ? -4.514  26.875  6.028   1.00   58.75 ? -3  DG  B "O5'" 1 
ATOM 955  C "C5'" . DG  B 2 12  ? -4.324  27.332  4.681   1.00   55.13 ? -3  DG  B "C5'" 1 
ATOM 956  C "C4'" . DG  B 2 12  ? -4.920  26.332  3.709   1.00   52.05 ? -3  DG  B "C4'" 1 
ATOM 957  O "O4'" . DG  B 2 12  ? -4.256  25.058  3.914   1.00   49.72 ? -3  DG  B "O4'" 1 
ATOM 958  C "C3'" . DG  B 2 12  ? -6.415  26.072  3.883   1.00   47.94 ? -3  DG  B "C3'" 1 
ATOM 959  O "O3'" . DG  B 2 12  ? -7.046  25.898  2.616   1.00   43.96 ? -3  DG  B "O3'" 1 
ATOM 960  C "C2'" . DG  B 2 12  ? -6.434  24.806  4.737   1.00   51.33 ? -3  DG  B "C2'" 1 
ATOM 961  C "C1'" . DG  B 2 12  ? -5.203  24.057  4.234   1.00   53.80 ? -3  DG  B "C1'" 1 
ATOM 962  N N9    . DG  B 2 12  ? -4.590  23.133  5.195   1.00   54.51 ? -3  DG  B N9    1 
ATOM 963  C C8    . DG  B 2 12  ? -4.205  23.422  6.488   1.00   53.58 ? -3  DG  B C8    1 
ATOM 964  N N7    . DG  B 2 12  ? -3.688  22.400  7.114   1.00   55.45 ? -3  DG  B N7    1 
ATOM 965  C C5    . DG  B 2 12  ? -3.724  21.371  6.177   1.00   56.15 ? -3  DG  B C5    1 
ATOM 966  C C6    . DG  B 2 12  ? -3.288  20.024  6.283   1.00   55.29 ? -3  DG  B C6    1 
ATOM 967  O O6    . DG  B 2 12  ? -2.765  19.456  7.252   1.00   52.70 ? -3  DG  B O6    1 
ATOM 968  N N1    . DG  B 2 12  ? -3.511  19.319  5.104   1.00   53.43 ? -3  DG  B N1    1 
ATOM 969  C C2    . DG  B 2 12  ? -4.074  19.836  3.965   1.00   53.31 ? -3  DG  B C2    1 
ATOM 970  N N2    . DG  B 2 12  ? -4.187  18.984  2.943   1.00   52.28 ? -3  DG  B N2    1 
ATOM 971  N N3    . DG  B 2 12  ? -4.487  21.096  3.842   1.00   51.23 ? -3  DG  B N3    1 
ATOM 972  C C4    . DG  B 2 12  ? -4.280  21.804  4.986   1.00   54.04 ? -3  DG  B C4    1 
ATOM 973  P P     . DT  B 2 13  ? -8.607  25.539  2.482   1.00   47.78 ? -2  DT  B P     1 
ATOM 974  O OP1   . DT  B 2 13  ? -9.104  26.090  1.200   1.00   42.88 ? -2  DT  B OP1   1 
ATOM 975  O OP2   . DT  B 2 13  ? -9.297  25.894  3.738   1.00   48.44 ? -2  DT  B OP2   1 
ATOM 976  O "O5'" . DT  B 2 13  ? -8.602  23.943  2.437   1.00   44.47 ? -2  DT  B "O5'" 1 
ATOM 977  C "C5'" . DT  B 2 13  ? -7.929  23.247  1.400   1.00   49.72 ? -2  DT  B "C5'" 1 
ATOM 978  C "C4'" . DT  B 2 13  ? -8.427  21.820  1.271   1.00   51.01 ? -2  DT  B "C4'" 1 
ATOM 979  O "O4'" . DT  B 2 13  ? -7.702  20.979  2.214   1.00   52.07 ? -2  DT  B "O4'" 1 
ATOM 980  C "C3'" . DT  B 2 13  ? -9.917  21.634  1.561   1.00   52.90 ? -2  DT  B "C3'" 1 
ATOM 981  O "O3'" . DT  B 2 13  ? -10.515 20.635  0.704   1.00   56.37 ? -2  DT  B "O3'" 1 
ATOM 982  C "C2'" . DT  B 2 13  ? -9.880  21.228  3.032   1.00   54.50 ? -2  DT  B "C2'" 1 
ATOM 983  C "C1'" . DT  B 2 13  ? -8.633  20.348  3.068   1.00   52.91 ? -2  DT  B "C1'" 1 
ATOM 984  N N1    . DT  B 2 13  ? -7.950  20.125  4.396   1.00   50.98 ? -2  DT  B N1    1 
ATOM 985  C C2    . DT  B 2 13  ? -7.386  18.892  4.583   1.00   53.34 ? -2  DT  B C2    1 
ATOM 986  O O2    . DT  B 2 13  ? -7.442  18.026  3.731   1.00   53.17 ? -2  DT  B O2    1 
ATOM 987  N N3    . DT  B 2 13  ? -6.762  18.718  5.793   1.00   56.27 ? -2  DT  B N3    1 
ATOM 988  C C4    . DT  B 2 13  ? -6.642  19.626  6.821   1.00   53.21 ? -2  DT  B C4    1 
ATOM 989  O O4    . DT  B 2 13  ? -6.055  19.357  7.864   1.00   50.24 ? -2  DT  B O4    1 
ATOM 990  C C5    . DT  B 2 13  ? -7.256  20.902  6.565   1.00   50.29 ? -2  DT  B C5    1 
ATOM 991  C C7    . DT  B 2 13  ? -7.192  21.970  7.610   1.00   51.81 ? -2  DT  B C7    1 
ATOM 992  C C6    . DT  B 2 13  ? -7.867  21.096  5.385   1.00   50.01 ? -2  DT  B C6    1 
ATOM 993  P P     . DC  B 2 14  ? -11.770 20.931  -0.263  1.00   60.26 ? 1   DC  B P     1 
ATOM 994  O OP1   . DC  B 2 14  ? -11.251 21.198  -1.625  1.00   54.58 ? 1   DC  B OP1   1 
ATOM 995  O OP2   . DC  B 2 14  ? -12.716 21.856  0.431   1.00   50.49 ? 1   DC  B OP2   1 
ATOM 996  O "O5'" . DC  B 2 14  ? -12.462 19.502  -0.366  1.00   53.81 ? 1   DC  B "O5'" 1 
ATOM 997  C "C5'" . DC  B 2 14  ? -11.679 18.351  -0.630  1.00   50.78 ? 1   DC  B "C5'" 1 
ATOM 998  C "C4'" . DC  B 2 14  ? -11.946 17.281  0.414   1.00   50.45 ? 1   DC  B "C4'" 1 
ATOM 999  O "O4'" . DC  B 2 14  ? -11.284 17.595  1.660   1.00   53.86 ? 1   DC  B "O4'" 1 
ATOM 1000 C "C3'" . DC  B 2 14  ? -13.408 17.069  0.807   1.00   50.13 ? 1   DC  B "C3'" 1 
ATOM 1001 O "O3'" . DC  B 2 14  ? -13.725 15.734  0.413   1.00   60.13 ? 1   DC  B "O3'" 1 
ATOM 1002 C "C2'" . DC  B 2 14  ? -13.418 17.310  2.325   1.00   48.34 ? 1   DC  B "C2'" 1 
ATOM 1003 C "C1'" . DC  B 2 14  ? -11.991 16.917  2.675   1.00   51.95 ? 1   DC  B "C1'" 1 
ATOM 1004 N N1    . DC  B 2 14  ? -11.372 17.301  4.016   1.00   52.69 ? 1   DC  B N1    1 
ATOM 1005 C C2    . DC  B 2 14  ? -10.564 16.369  4.721   1.00   55.46 ? 1   DC  B C2    1 
ATOM 1006 O O2    . DC  B 2 14  ? -10.375 15.236  4.270   1.00   55.40 ? 1   DC  B O2    1 
ATOM 1007 N N3    . DC  B 2 14  ? -9.991  16.704  5.905   1.00   56.55 ? 1   DC  B N3    1 
ATOM 1008 C C4    . DC  B 2 14  ? -10.182 17.925  6.392   1.00   56.56 ? 1   DC  B C4    1 
ATOM 1009 N N4    . DC  B 2 14  ? -9.596  18.205  7.562   1.00   52.78 ? 1   DC  B N4    1 
ATOM 1010 C C5    . DC  B 2 14  ? -10.990 18.895  5.699   1.00   53.46 ? 1   DC  B C5    1 
ATOM 1011 C C6    . DC  B 2 14  ? -11.554 18.552  4.530   1.00   45.93 ? 1   DC  B C6    1 
ATOM 1012 P P     . DA  B 2 15  ? -15.191 15.175  0.067   1.00   63.46 ? 2   DA  B P     1 
ATOM 1013 O OP1   . DA  B 2 15  ? -15.060 14.224  -1.072  1.00   60.58 ? 2   DA  B OP1   1 
ATOM 1014 O OP2   . DA  B 2 15  ? -16.141 16.311  -0.002  1.00   52.78 ? 2   DA  B OP2   1 
ATOM 1015 O "O5'" . DA  B 2 15  ? -15.504 14.320  1.395   1.00   59.04 ? 2   DA  B "O5'" 1 
ATOM 1016 C "C5'" . DA  B 2 15  ? -14.671 13.211  1.776   1.00   52.36 ? 2   DA  B "C5'" 1 
ATOM 1017 C "C4'" . DA  B 2 15  ? -15.031 12.630  3.139   1.00   51.73 ? 2   DA  B "C4'" 1 
ATOM 1018 O "O4'" . DA  B 2 15  ? -14.357 13.389  4.173   1.00   49.49 ? 2   DA  B "O4'" 1 
ATOM 1019 C "C3'" . DA  B 2 15  ? -16.508 12.651  3.540   1.00   54.67 ? 2   DA  B "C3'" 1 
ATOM 1020 O "O3'" . DA  B 2 15  ? -16.853 11.532  4.382   1.00   52.41 ? 2   DA  B "O3'" 1 
ATOM 1021 C "C2'" . DA  B 2 15  ? -16.599 13.966  4.299   1.00   55.52 ? 2   DA  B "C2'" 1 
ATOM 1022 C "C1'" . DA  B 2 15  ? -15.313 13.859  5.096   1.00   51.37 ? 2   DA  B "C1'" 1 
ATOM 1023 N N9    . DA  B 2 15  ? -14.830 15.095  5.689   1.00   51.74 ? 2   DA  B N9    1 
ATOM 1024 C C8    . DA  B 2 15  ? -15.165 16.392  5.404   1.00   53.41 ? 2   DA  B C8    1 
ATOM 1025 N N7    . DA  B 2 15  ? -14.529 17.266  6.153   1.00   54.49 ? 2   DA  B N7    1 
ATOM 1026 C C5    . DA  B 2 15  ? -13.726 16.488  6.971   1.00   50.74 ? 2   DA  B C5    1 
ATOM 1027 C C6    . DA  B 2 15  ? -12.805 16.787  7.994   1.00   54.68 ? 2   DA  B C6    1 
ATOM 1028 N N6    . DA  B 2 15  ? -12.510 18.027  8.401   1.00   55.34 ? 2   DA  B N6    1 
ATOM 1029 N N1    . DA  B 2 15  ? -12.184 15.754  8.602   1.00   54.60 ? 2   DA  B N1    1 
ATOM 1030 C C2    . DA  B 2 15  ? -12.463 14.504  8.225   1.00   53.94 ? 2   DA  B C2    1 
ATOM 1031 N N3    . DA  B 2 15  ? -13.311 14.098  7.284   1.00   55.56 ? 2   DA  B N3    1 
ATOM 1032 C C4    . DA  B 2 15  ? -13.905 15.149  6.692   1.00   51.22 ? 2   DA  B C4    1 
ATOM 1033 P P     . DC  B 2 16  ? -18.349 10.947  4.395   1.00   53.46 ? 3   DC  B P     1 
ATOM 1034 O OP1   . DC  B 2 16  ? -18.328 9.673   5.147   1.00   49.22 ? 3   DC  B OP1   1 
ATOM 1035 O OP2   . DC  B 2 16  ? -18.875 10.966  3.005   1.00   52.80 ? 3   DC  B OP2   1 
ATOM 1036 O "O5'" . DC  B 2 16  ? -19.117 12.054  5.270   1.00   56.21 ? 3   DC  B "O5'" 1 
ATOM 1037 C "C5'" . DC  B 2 16  ? -19.344 11.876  6.683   1.00   50.59 ? 3   DC  B "C5'" 1 
ATOM 1038 C "C4'" . DC  B 2 16  ? -18.056 11.882  7.495   1.00   51.09 ? 3   DC  B "C4'" 1 
ATOM 1039 O "O4'" . DC  B 2 16  ? -17.419 13.168  7.340   1.00   55.05 ? 3   DC  B "O4'" 1 
ATOM 1040 C "C3'" . DC  B 2 16  ? -18.214 11.701  9.009   1.00   49.32 ? 3   DC  B "C3'" 1 
ATOM 1041 O "O3'" . DC  B 2 16  ? -17.846 10.394  9.438   1.00   38.52 ? 3   DC  B "O3'" 1 
ATOM 1042 C "C2'" . DC  B 2 16  ? -17.261 12.707  9.631   1.00   52.73 ? 3   DC  B "C2'" 1 
ATOM 1043 C "C1'" . DC  B 2 16  ? -16.578 13.373  8.448   1.00   53.35 ? 3   DC  B "C1'" 1 
ATOM 1044 N N1    . DC  B 2 16  ? -16.446 14.806  8.724   1.00   55.98 ? 3   DC  B N1    1 
ATOM 1045 C C2    . DC  B 2 16  ? -15.452 15.217  9.620   1.00   54.51 ? 3   DC  B C2    1 
ATOM 1046 O O2    . DC  B 2 16  ? -14.685 14.385  10.135  1.00   56.28 ? 3   DC  B O2    1 
ATOM 1047 N N3    . DC  B 2 16  ? -15.348 16.537  9.880   1.00   55.67 ? 3   DC  B N3    1 
ATOM 1048 C C4    . DC  B 2 16  ? -16.178 17.411  9.310   1.00   55.36 ? 3   DC  B C4    1 
ATOM 1049 N N4    . DC  B 2 16  ? -16.019 18.702  9.615   1.00   58.49 ? 3   DC  B N4    1 
ATOM 1050 C C5    . DC  B 2 16  ? -17.205 17.006  8.407   1.00   56.16 ? 3   DC  B C5    1 
ATOM 1051 C C6    . DC  B 2 16  ? -17.310 15.702  8.148   1.00   54.85 ? 3   DC  B C6    1 
ATOM 1052 P P     . DG  B 2 17  ? -18.476 9.739   10.751  1.00   45.97 ? 4   DG  B P     1 
ATOM 1053 O OP1   . DG  B 2 17  ? -18.314 8.264   10.630  1.00   48.83 ? 4   DG  B OP1   1 
ATOM 1054 O OP2   . DG  B 2 17  ? -19.800 10.354  11.027  1.00   39.27 ? 4   DG  B OP2   1 
ATOM 1055 O "O5'" . DG  B 2 17  ? -17.482 10.259  11.882  1.00   48.09 ? 4   DG  B "O5'" 1 
ATOM 1056 C "C5'" . DG  B 2 17  ? -16.113 9.868   11.896  1.00   48.42 ? 4   DG  B "C5'" 1 
ATOM 1057 C "C4'" . DG  B 2 17  ? -15.511 10.176  13.255  1.00   50.33 ? 4   DG  B "C4'" 1 
ATOM 1058 O "O4'" . DG  B 2 17  ? -15.286 11.603  13.433  1.00   54.63 ? 4   DG  B "O4'" 1 
ATOM 1059 C "C3'" . DG  B 2 17  ? -16.377 9.792   14.447  1.00   52.63 ? 4   DG  B "C3'" 1 
ATOM 1060 O "O3'" . DG  B 2 17  ? -15.464 9.375   15.447  1.00   50.34 ? 4   DG  B "O3'" 1 
ATOM 1061 C "C2'" . DG  B 2 17  ? -17.156 11.078  14.767  1.00   51.21 ? 4   DG  B "C2'" 1 
ATOM 1062 C "C1'" . DG  B 2 17  ? -16.107 12.144  14.466  1.00   52.62 ? 4   DG  B "C1'" 1 
ATOM 1063 N N9    . DG  B 2 17  ? -16.574 13.446  13.981  1.00   50.46 ? 4   DG  B N9    1 
ATOM 1064 C C8    . DG  B 2 17  ? -17.487 13.681  12.983  1.00   51.74 ? 4   DG  B C8    1 
ATOM 1065 N N7    . DG  B 2 17  ? -17.684 14.944  12.740  1.00   50.30 ? 4   DG  B N7    1 
ATOM 1066 C C5    . DG  B 2 17  ? -16.839 15.591  13.625  1.00   49.92 ? 4   DG  B C5    1 
ATOM 1067 C C6    . DG  B 2 17  ? -16.621 16.974  13.824  1.00   51.31 ? 4   DG  B C6    1 
ATOM 1068 O O6    . DG  B 2 17  ? -17.149 17.938  13.246  1.00   50.42 ? 4   DG  B O6    1 
ATOM 1069 N N1    . DG  B 2 17  ? -15.676 17.192  14.821  1.00   52.89 ? 4   DG  B N1    1 
ATOM 1070 C C2    . DG  B 2 17  ? -15.033 16.217  15.543  1.00   52.54 ? 4   DG  B C2    1 
ATOM 1071 N N2    . DG  B 2 17  ? -14.159 16.642  16.463  1.00   51.51 ? 4   DG  B N2    1 
ATOM 1072 N N3    . DG  B 2 17  ? -15.231 14.920  15.361  1.00   50.91 ? 4   DG  B N3    1 
ATOM 1073 C C4    . DG  B 2 17  ? -16.144 14.683  14.393  1.00   46.65 ? 4   DG  B C4    1 
ATOM 1074 P P     . DT  B 2 18  ? -15.897 8.831   16.884  1.00   55.47 ? 5   DT  B P     1 
ATOM 1075 O OP1   . DT  B 2 18  ? -14.731 8.089   17.421  1.00   61.11 ? 5   DT  B OP1   1 
ATOM 1076 O OP2   . DT  B 2 18  ? -17.220 8.172   16.800  1.00   57.48 ? 5   DT  B OP2   1 
ATOM 1077 O "O5'" . DT  B 2 18  ? -16.062 10.196  17.710  1.00   60.02 ? 5   DT  B "O5'" 1 
ATOM 1078 C "C5'" . DT  B 2 18  ? -14.911 10.960  18.096  1.00   54.63 ? 5   DT  B "C5'" 1 
ATOM 1079 C "C4'" . DT  B 2 18  ? -15.288 12.114  19.009  1.00   52.43 ? 5   DT  B "C4'" 1 
ATOM 1080 O "O4'" . DT  B 2 18  ? -15.820 13.189  18.196  1.00   52.86 ? 5   DT  B "O4'" 1 
ATOM 1081 C "C3'" . DT  B 2 18  ? -16.351 11.788  20.065  1.00   51.82 ? 5   DT  B "C3'" 1 
ATOM 1082 O "O3'" . DT  B 2 18  ? -15.963 12.306  21.337  1.00   55.02 ? 5   DT  B "O3'" 1 
ATOM 1083 C "C2'" . DT  B 2 18  ? -17.603 12.460  19.526  1.00   48.05 ? 5   DT  B "C2'" 1 
ATOM 1084 C "C1'" . DT  B 2 18  ? -16.990 13.666  18.815  1.00   51.78 ? 5   DT  B "C1'" 1 
ATOM 1085 N N1    . DT  B 2 18  ? -17.820 14.337  17.770  1.00   54.85 ? 5   DT  B N1    1 
ATOM 1086 C C2    . DT  B 2 18  ? -17.691 15.707  17.593  1.00   55.01 ? 5   DT  B C2    1 
ATOM 1087 O O2    . DT  B 2 18  ? -16.936 16.426  18.232  1.00   51.60 ? 5   DT  B O2    1 
ATOM 1088 N N3    . DT  B 2 18  ? -18.502 16.222  16.612  1.00   55.96 ? 5   DT  B N3    1 
ATOM 1089 C C4    . DT  B 2 18  ? -19.404 15.547  15.806  1.00   54.00 ? 5   DT  B C4    1 
ATOM 1090 O O4    . DT  B 2 18  ? -20.075 16.135  14.956  1.00   55.12 ? 5   DT  B O4    1 
ATOM 1091 C C5    . DT  B 2 18  ? -19.487 14.122  16.043  1.00   52.06 ? 5   DT  B C5    1 
ATOM 1092 C C7    . DT  B 2 18  ? -20.419 13.258  15.245  1.00   51.47 ? 5   DT  B C7    1 
ATOM 1093 C C6    . DT  B 2 18  ? -18.704 13.594  16.994  1.00   54.95 ? 5   DT  B C6    1 
ATOM 1094 P P     . DG  B 2 19  ? -16.162 11.447  22.663  1.00   56.00 ? 6   DG  B P     1 
ATOM 1095 O OP1   . DG  B 2 19  ? -15.153 11.902  23.656  1.00   51.05 ? 6   DG  B OP1   1 
ATOM 1096 O OP2   . DG  B 2 19  ? -16.239 10.015  22.298  1.00   56.35 ? 6   DG  B OP2   1 
ATOM 1097 O "O5'" . DG  B 2 19  ? -17.645 11.883  23.062  1.00   60.25 ? 6   DG  B "O5'" 1 
ATOM 1098 C "C5'" . DG  B 2 19  ? -17.887 12.695  24.196  1.00   67.07 ? 6   DG  B "C5'" 1 
ATOM 1099 C "C4'" . DG  B 2 19  ? -17.370 14.122  24.043  1.00   69.36 ? 6   DG  B "C4'" 1 
ATOM 1100 O "O4'" . DG  B 2 19  ? -17.456 14.625  22.665  1.00   69.32 ? 6   DG  B "O4'" 1 
ATOM 1101 C "C3'" . DG  B 2 19  ? -18.159 15.097  24.917  1.00   70.36 ? 6   DG  B "C3'" 1 
ATOM 1102 O "O3'" . DG  B 2 19  ? -17.302 16.016  25.586  1.00   68.86 ? 6   DG  B "O3'" 1 
ATOM 1103 C "C2'" . DG  B 2 19  ? -19.059 15.757  23.879  1.00   72.05 ? 6   DG  B "C2'" 1 
ATOM 1104 C "C1'" . DG  B 2 19  ? -18.126 15.879  22.685  1.00   71.53 ? 6   DG  B "C1'" 1 
ATOM 1105 N N9    . DG  B 2 19  ? -18.936 16.205  21.503  1.00   72.41 ? 6   DG  B N9    1 
ATOM 1106 C C8    . DG  B 2 19  ? -19.695 15.362  20.720  1.00   71.17 ? 6   DG  B C8    1 
ATOM 1107 N N7    . DG  B 2 19  ? -20.336 15.972  19.756  1.00   69.28 ? 6   DG  B N7    1 
ATOM 1108 C C5    . DG  B 2 19  ? -20.003 17.312  19.915  1.00   70.98 ? 6   DG  B C5    1 
ATOM 1109 C C6    . DG  B 2 19  ? -20.397 18.459  19.169  1.00   70.83 ? 6   DG  B C6    1 
ATOM 1110 O O6    . DG  B 2 19  ? -21.143 18.515  18.182  1.00   70.73 ? 6   DG  B O6    1 
ATOM 1111 N N1    . DG  B 2 19  ? -19.831 19.637  19.668  1.00   71.49 ? 6   DG  B N1    1 
ATOM 1112 C C2    . DG  B 2 19  ? -18.982 19.694  20.760  1.00   74.40 ? 6   DG  B C2    1 
ATOM 1113 N N2    . DG  B 2 19  ? -18.522 20.909  21.111  1.00   74.29 ? 6   DG  B N2    1 
ATOM 1114 N N3    . DG  B 2 19  ? -18.607 18.624  21.467  1.00   74.93 ? 6   DG  B N3    1 
ATOM 1115 C C4    . DG  B 2 19  ? -19.151 17.470  20.993  1.00   73.09 ? 6   DG  B C4    1 
ATOM 1116 P P     . DA  B 2 20  ? -17.893 17.327  26.291  1.00   64.00 ? 7   DA  B P     1 
ATOM 1117 O OP1   . DA  B 2 20  ? -16.925 17.706  27.336  1.00   67.09 ? 7   DA  B OP1   1 
ATOM 1118 O OP2   . DA  B 2 20  ? -19.299 17.033  26.652  1.00   61.85 ? 7   DA  B OP2   1 
ATOM 1119 O "O5'" . DA  B 2 20  ? -17.889 18.448  25.133  1.00   65.64 ? 7   DA  B "O5'" 1 
ATOM 1120 C "C5'" . DA  B 2 20  ? -17.364 19.775  25.332  1.00   61.27 ? 7   DA  B "C5'" 1 
ATOM 1121 C "C4'" . DA  B 2 20  ? -18.464 20.825  25.294  1.00   59.52 ? 7   DA  B "C4'" 1 
ATOM 1122 O "O4'" . DA  B 2 20  ? -19.331 20.552  24.159  1.00   58.95 ? 7   DA  B "O4'" 1 
ATOM 1123 C "C3'" . DA  B 2 20  ? -19.365 20.880  26.533  1.00   55.65 ? 7   DA  B "C3'" 1 
ATOM 1124 O "O3'" . DA  B 2 20  ? -19.599 22.234  26.954  1.00   49.19 ? 7   DA  B "O3'" 1 
ATOM 1125 C "C2'" . DA  B 2 20  ? -20.651 20.207  26.070  1.00   57.33 ? 7   DA  B "C2'" 1 
ATOM 1126 C "C1'" . DA  B 2 20  ? -20.678 20.581  24.592  1.00   61.05 ? 7   DA  B "C1'" 1 
ATOM 1127 N N9    . DA  B 2 20  ? -21.490 19.703  23.742  1.00   63.66 ? 7   DA  B N9    1 
ATOM 1128 C C8    . DA  B 2 20  ? -21.765 18.361  23.880  1.00   63.37 ? 7   DA  B C8    1 
ATOM 1129 N N7    . DA  B 2 20  ? -22.539 17.866  22.937  1.00   60.25 ? 7   DA  B N7    1 
ATOM 1130 C C5    . DA  B 2 20  ? -22.785 18.959  22.122  1.00   62.08 ? 7   DA  B C5    1 
ATOM 1131 C C6    . DA  B 2 20  ? -23.538 19.117  20.941  1.00   62.40 ? 7   DA  B C6    1 
ATOM 1132 N N6    . DA  B 2 20  ? -24.213 18.119  20.357  1.00   61.00 ? 7   DA  B N6    1 
ATOM 1133 N N1    . DA  B 2 20  ? -23.578 20.350  20.386  1.00   62.38 ? 7   DA  B N1    1 
ATOM 1134 C C2    . DA  B 2 20  ? -22.912 21.357  20.965  1.00   61.49 ? 7   DA  B C2    1 
ATOM 1135 N N3    . DA  B 2 20  ? -22.173 21.334  22.073  1.00   61.54 ? 7   DA  B N3    1 
ATOM 1136 C C4    . DA  B 2 20  ? -22.153 20.096  22.604  1.00   63.43 ? 7   DA  B C4    1 
ATOM 1137 P P     . DG  B 2 21  ? -20.184 22.612  28.407  1.00   46.47 ? 8   DG  B P     1 
ATOM 1138 O OP1   . DG  B 2 21  ? -19.666 23.944  28.794  1.00   42.13 ? 8   DG  B OP1   1 
ATOM 1139 O OP2   . DG  B 2 21  ? -19.984 21.475  29.336  1.00   44.93 ? 8   DG  B OP2   1 
ATOM 1140 O "O5'" . DG  B 2 21  ? -21.744 22.757  28.107  1.00   41.87 ? 8   DG  B "O5'" 1 
ATOM 1141 C "C5'" . DG  B 2 21  ? -22.241 23.917  27.452  1.00   42.28 ? 8   DG  B "C5'" 1 
ATOM 1142 C "C4'" . DG  B 2 21  ? -23.697 23.749  27.046  1.00   45.03 ? 8   DG  B "C4'" 1 
ATOM 1143 O "O4'" . DG  B 2 21  ? -23.808 22.687  26.071  1.00   49.45 ? 8   DG  B "O4'" 1 
ATOM 1144 C "C3'" . DG  B 2 21  ? -24.673 23.390  28.172  1.00   47.37 ? 8   DG  B "C3'" 1 
ATOM 1145 O "O3'" . DG  B 2 21  ? -25.363 24.601  28.564  1.00   50.77 ? 8   DG  B "O3'" 1 
ATOM 1146 C "C2'" . DG  B 2 21  ? -25.531 22.253  27.597  1.00   46.82 ? 8   DG  B "C2'" 1 
ATOM 1147 C "C1'" . DG  B 2 21  ? -25.128 22.194  26.129  1.00   50.00 ? 8   DG  B "C1'" 1 
ATOM 1148 N N9    . DG  B 2 21  ? -25.158 20.857  25.531  1.00   53.03 ? 8   DG  B N9    1 
ATOM 1149 C C8    . DG  B 2 21  ? -24.736 19.660  26.076  1.00   52.40 ? 8   DG  B C8    1 
ATOM 1150 N N7    . DG  B 2 21  ? -24.892 18.633  25.286  1.00   52.07 ? 8   DG  B N7    1 
ATOM 1151 C C5    . DG  B 2 21  ? -25.451 19.190  24.149  1.00   51.77 ? 8   DG  B C5    1 
ATOM 1152 C C6    . DG  B 2 21  ? -25.846 18.567  22.958  1.00   50.38 ? 8   DG  B C6    1 
ATOM 1153 O O6    . DG  B 2 21  ? -25.751 17.364  22.689  1.00   51.23 ? 8   DG  B O6    1 
ATOM 1154 N N1    . DG  B 2 21  ? -26.365 19.493  22.050  1.00   50.12 ? 8   DG  B N1    1 
ATOM 1155 C C2    . DG  B 2 21  ? -26.494 20.848  22.268  1.00   48.83 ? 8   DG  B C2    1 
ATOM 1156 N N2    . DG  B 2 21  ? -27.014 21.594  21.289  1.00   49.53 ? 8   DG  B N2    1 
ATOM 1157 N N3    . DG  B 2 21  ? -26.133 21.442  23.388  1.00   50.06 ? 8   DG  B N3    1 
ATOM 1158 C C4    . DG  B 2 21  ? -25.622 20.553  24.275  1.00   53.36 ? 8   DG  B C4    1 
ATOM 1159 P P     . DG  B 2 22  ? -26.938 24.768  28.804  1.00   51.27 ? 9   DG  B P     1 
ATOM 1160 O OP1   . DG  B 2 22  ? -27.161 26.108  29.388  1.00   56.28 ? 9   DG  B OP1   1 
ATOM 1161 O OP2   . DG  B 2 22  ? -27.430 23.569  29.522  1.00   53.28 ? 9   DG  B OP2   1 
ATOM 1162 O "O5'" . DG  B 2 22  ? -27.514 24.786  27.311  1.00   54.45 ? 9   DG  B "O5'" 1 
ATOM 1163 C "C5'" . DG  B 2 22  ? -28.633 25.597  26.939  1.00   53.67 ? 9   DG  B "C5'" 1 
ATOM 1164 C "C4'" . DG  B 2 22  ? -29.612 24.782  26.110  1.00   53.59 ? 9   DG  B "C4'" 1 
ATOM 1165 O "O4'" . DG  B 2 22  ? -28.913 23.648  25.518  1.00   51.64 ? 9   DG  B "O4'" 1 
ATOM 1166 C "C3'" . DG  B 2 22  ? -30.798 24.208  26.897  1.00   52.18 ? 9   DG  B "C3'" 1 
ATOM 1167 O "O3'" . DG  B 2 22  ? -31.999 24.987  26.694  1.00   50.23 ? 9   DG  B "O3'" 1 
ATOM 1168 C "C2'" . DG  B 2 22  ? -30.887 22.766  26.389  1.00   52.64 ? 9   DG  B "C2'" 1 
ATOM 1169 C "C1'" . DG  B 2 22  ? -29.887 22.671  25.244  1.00   52.34 ? 9   DG  B "C1'" 1 
ATOM 1170 N N9    . DG  B 2 22  ? -29.380 21.304  25.191  1.00   52.21 ? 9   DG  B N9    1 
ATOM 1171 C C8    . DG  B 2 22  ? -28.571 20.677  26.108  1.00   51.72 ? 9   DG  B C8    1 
ATOM 1172 N N7    . DG  B 2 22  ? -28.320 19.433  25.812  1.00   52.45 ? 9   DG  B N7    1 
ATOM 1173 C C5    . DG  B 2 22  ? -29.021 19.214  24.634  1.00   51.81 ? 9   DG  B C5    1 
ATOM 1174 C C6    . DG  B 2 22  ? -29.132 18.049  23.842  1.00   51.82 ? 9   DG  B C6    1 
ATOM 1175 O O6    . DG  B 2 22  ? -28.616 16.937  24.021  1.00   51.80 ? 9   DG  B O6    1 
ATOM 1176 N N1    . DG  B 2 22  ? -29.941 18.264  22.731  1.00   52.58 ? 9   DG  B N1    1 
ATOM 1177 C C2    . DG  B 2 22  ? -30.563 19.450  22.421  1.00   51.03 ? 9   DG  B C2    1 
ATOM 1178 N N2    . DG  B 2 22  ? -31.301 19.464  21.304  1.00   51.66 ? 9   DG  B N2    1 
ATOM 1179 N N3    . DG  B 2 22  ? -30.474 20.547  23.156  1.00   49.39 ? 9   DG  B N3    1 
ATOM 1180 C C4    . DG  B 2 22  ? -29.687 20.356  24.244  1.00   51.52 ? 9   DG  B C4    1 
ATOM 1181 P P     . DT  B 2 23  ? -33.479 24.367  26.794  1.00   49.63 ? 10  DT  B P     1 
ATOM 1182 O OP1   . DT  B 2 23  ? -34.409 25.479  27.107  1.00   54.03 ? 10  DT  B OP1   1 
ATOM 1183 O OP2   . DT  B 2 23  ? -33.419 23.164  27.656  1.00   42.69 ? 10  DT  B OP2   1 
ATOM 1184 O "O5'" . DT  B 2 23  ? -33.770 23.859  25.304  1.00   55.90 ? 10  DT  B "O5'" 1 
ATOM 1185 C "C5'" . DT  B 2 23  ? -34.896 24.316  24.552  1.00   58.37 ? 10  DT  B "C5'" 1 
ATOM 1186 C "C4'" . DT  B 2 23  ? -35.355 23.226  23.605  1.00   58.11 ? 10  DT  B "C4'" 1 
ATOM 1187 O "O4'" . DT  B 2 23  ? -34.296 22.240  23.523  1.00   53.65 ? 10  DT  B "O4'" 1 
ATOM 1188 C "C3'" . DT  B 2 23  ? -36.634 22.504  24.032  1.00   59.81 ? 10  DT  B "C3'" 1 
ATOM 1189 O "O3'" . DT  B 2 23  ? -37.686 22.764  23.104  1.00   62.60 ? 10  DT  B "O3'" 1 
ATOM 1190 C "C2'" . DT  B 2 23  ? -36.259 21.027  24.052  1.00   60.32 ? 10  DT  B "C2'" 1 
ATOM 1191 C "C1'" . DT  B 2 23  ? -34.849 20.944  23.475  1.00   60.36 ? 10  DT  B "C1'" 1 
ATOM 1192 N N1    . DT  B 2 23  ? -33.958 19.973  24.216  1.00   60.67 ? 10  DT  B N1    1 
ATOM 1193 C C2    . DT  B 2 23  ? -33.657 18.748  23.645  1.00   64.37 ? 10  DT  B C2    1 
ATOM 1194 O O2    . DT  B 2 23  ? -34.063 18.389  22.558  1.00   68.76 ? 10  DT  B O2    1 
ATOM 1195 N N3    . DT  B 2 23  ? -32.841 17.930  24.380  1.00   63.34 ? 10  DT  B N3    1 
ATOM 1196 C C4    . DT  B 2 23  ? -32.311 18.206  25.618  1.00   64.17 ? 10  DT  B C4    1 
ATOM 1197 O O4    . DT  B 2 23  ? -31.594 17.397  26.190  1.00   65.66 ? 10  DT  B O4    1 
ATOM 1198 C C5    . DT  B 2 23  ? -32.656 19.497  26.178  1.00   64.38 ? 10  DT  B C5    1 
ATOM 1199 C C7    . DT  B 2 23  ? -32.132 19.901  27.527  1.00   62.83 ? 10  DT  B C7    1 
ATOM 1200 C C6    . DT  B 2 23  ? -33.453 20.308  25.460  1.00   61.83 ? 10  DT  B C6    1 
ATOM 1201 P P     . DG  B 2 24  ? -39.219 22.476  23.454  1.00   69.48 ? 11  DG  B P     1 
ATOM 1202 O OP1   . DG  B 2 24  ? -40.039 23.339  22.574  1.00   69.02 ? 11  DG  B OP1   1 
ATOM 1203 O OP2   . DG  B 2 24  ? -39.378 22.602  24.921  1.00   67.09 ? 11  DG  B OP2   1 
ATOM 1204 O "O5'" . DG  B 2 24  ? -39.424 20.936  23.018  1.00   70.39 ? 11  DG  B "O5'" 1 
ATOM 1205 C "C5'" . DG  B 2 24  ? -40.680 20.524  22.419  1.00   72.80 ? 11  DG  B "C5'" 1 
ATOM 1206 C "C4'" . DG  B 2 24  ? -41.052 19.051  22.615  1.00   68.21 ? 11  DG  B "C4'" 1 
ATOM 1207 O "O4'" . DG  B 2 24  ? -39.854 18.280  22.865  1.00   68.00 ? 11  DG  B "O4'" 1 
ATOM 1208 C "C3'" . DG  B 2 24  ? -42.004 18.706  23.767  1.00   63.41 ? 11  DG  B "C3'" 1 
ATOM 1209 O "O3'" . DG  B 2 24  ? -42.917 17.688  23.368  1.00   47.62 ? 11  DG  B "O3'" 1 
ATOM 1210 C "C2'" . DG  B 2 24  ? -41.059 18.218  24.860  1.00   66.73 ? 11  DG  B "C2'" 1 
ATOM 1211 C "C1'" . DG  B 2 24  ? -40.024 17.478  24.023  1.00   75.75 ? 11  DG  B "C1'" 1 
ATOM 1212 N N9    . DG  B 2 24  ? -38.670 17.305  24.559  1.00   79.66 ? 11  DG  B N9    1 
ATOM 1213 C C8    . DG  B 2 24  ? -37.819 18.309  24.953  1.00   79.84 ? 11  DG  B C8    1 
ATOM 1214 N N7    . DG  B 2 24  ? -36.652 17.890  25.363  1.00   78.51 ? 11  DG  B N7    1 
ATOM 1215 C C5    . DG  B 2 24  ? -36.727 16.512  25.221  1.00   79.10 ? 11  DG  B C5    1 
ATOM 1216 C C6    . DG  B 2 24  ? -35.760 15.520  25.505  1.00   79.38 ? 11  DG  B C6    1 
ATOM 1217 O O6    . DG  B 2 24  ? -34.617 15.692  25.953  1.00   79.36 ? 11  DG  B O6    1 
ATOM 1218 N N1    . DG  B 2 24  ? -36.225 14.233  25.218  1.00   79.99 ? 11  DG  B N1    1 
ATOM 1219 C C2    . DG  B 2 24  ? -37.477 13.942  24.718  1.00   79.20 ? 11  DG  B C2    1 
ATOM 1220 N N2    . DG  B 2 24  ? -37.757 12.651  24.501  1.00   78.56 ? 11  DG  B N2    1 
ATOM 1221 N N3    . DG  B 2 24  ? -38.394 14.866  24.450  1.00   80.81 ? 11  DG  B N3    1 
ATOM 1222 C C4    . DG  B 2 24  ? -37.957 16.128  24.720  1.00   81.33 ? 11  DG  B C4    1 
# 
loop_
_pdbx_poly_seq_scheme.asym_id 
_pdbx_poly_seq_scheme.entity_id 
_pdbx_poly_seq_scheme.seq_id 
_pdbx_poly_seq_scheme.mon_id 
_pdbx_poly_seq_scheme.ndb_seq_num 
_pdbx_poly_seq_scheme.pdb_seq_num 
_pdbx_poly_seq_scheme.auth_seq_num 
_pdbx_poly_seq_scheme.pdb_mon_id 
_pdbx_poly_seq_scheme.auth_mon_id 
_pdbx_poly_seq_scheme.pdb_strand_id 
_pdbx_poly_seq_scheme.pdb_ins_code 
_pdbx_poly_seq_scheme.hetero 
A 1 1   SER 1   2   2   SER SER A . n 
A 1 2   TYR 2   3   3   TYR TYR A . n 
A 1 3   SER 3   4   4   SER SER A . n 
A 1 4   VAL 4   5   5   VAL VAL A . n 
A 1 5   GLY 5   6   6   GLY GLY A . n 
A 1 6   GLN 6   7   7   GLN GLN A . n 
A 1 7   VAL 7   8   8   VAL VAL A . n 
A 1 8   ALA 8   9   9   ALA ALA A . n 
A 1 9   GLY 9   10  10  GLY GLY A . n 
A 1 10  PHE 10  11  11  PHE PHE A . n 
A 1 11  ALA 11  12  12  ALA ALA A . n 
A 1 12  GLY 12  13  13  GLY GLY A . n 
A 1 13  VAL 13  14  14  VAL VAL A . n 
A 1 14  THR 14  15  15  THR THR A . n 
A 1 15  VAL 15  16  16  VAL VAL A . n 
A 1 16  ARG 16  17  17  ARG ARG A . n 
A 1 17  THR 17  18  18  THR THR A . n 
A 1 18  LEU 18  19  19  LEU LEU A . n 
A 1 19  HIS 19  20  20  HIS HIS A . n 
A 1 20  HIS 20  21  21  HIS HIS A . n 
A 1 21  TYR 21  22  22  TYR TYR A . n 
A 1 22  ASP 22  23  23  ASP ASP A . n 
A 1 23  ASP 23  24  24  ASP ASP A . n 
A 1 24  ILE 24  25  25  ILE ILE A . n 
A 1 25  GLY 25  26  26  GLY GLY A . n 
A 1 26  LEU 26  27  27  LEU LEU A . n 
A 1 27  LEU 27  28  28  LEU LEU A . n 
A 1 28  VAL 28  29  29  VAL VAL A . n 
A 1 29  PRO 29  30  30  PRO PRO A . n 
A 1 30  SER 30  31  31  SER SER A . n 
A 1 31  GLU 31  32  32  GLU GLU A . n 
A 1 32  ARG 32  33  33  ARG ARG A . n 
A 1 33  SER 33  34  34  SER SER A . n 
A 1 34  HIS 34  35  35  HIS HIS A . n 
A 1 35  ALA 35  36  36  ALA ALA A . n 
A 1 36  GLY 36  37  37  GLY GLY A . n 
A 1 37  HIS 37  38  38  HIS HIS A . n 
A 1 38  ARG 38  39  39  ARG ARG A . n 
A 1 39  ARG 39  40  40  ARG ARG A . n 
A 1 40  TYR 40  41  41  TYR TYR A . n 
A 1 41  SER 41  42  42  SER SER A . n 
A 1 42  ASP 42  43  43  ASP ASP A . n 
A 1 43  ALA 43  44  44  ALA ALA A . n 
A 1 44  ASP 44  45  45  ASP ASP A . n 
A 1 45  LEU 45  46  46  LEU LEU A . n 
A 1 46  ASP 46  47  47  ASP ASP A . n 
A 1 47  ARG 47  48  48  ARG ARG A . n 
A 1 48  LEU 48  49  49  LEU LEU A . n 
A 1 49  GLN 49  50  50  GLN GLN A . n 
A 1 50  GLN 50  51  51  GLN GLN A . n 
A 1 51  ILE 51  52  52  ILE ILE A . n 
A 1 52  LEU 52  53  53  LEU LEU A . n 
A 1 53  PHE 53  54  54  PHE PHE A . n 
A 1 54  TYR 54  55  55  TYR TYR A . n 
A 1 55  ARG 55  56  56  ARG ARG A . n 
A 1 56  GLU 56  57  57  GLU GLU A . n 
A 1 57  LEU 57  58  58  LEU LEU A . n 
A 1 58  GLY 58  59  59  GLY GLY A . n 
A 1 59  PHE 59  60  60  PHE PHE A . n 
A 1 60  PRO 60  61  61  PRO PRO A . n 
A 1 61  LEU 61  62  62  LEU LEU A . n 
A 1 62  ASP 62  63  63  ASP ASP A . n 
A 1 63  GLU 63  64  64  GLU GLU A . n 
A 1 64  VAL 64  65  65  VAL VAL A . n 
A 1 65  ALA 65  66  66  ALA ALA A . n 
A 1 66  ALA 66  67  67  ALA ALA A . n 
A 1 67  LEU 67  68  68  LEU LEU A . n 
A 1 68  LEU 68  69  69  LEU LEU A . n 
A 1 69  ASP 69  70  70  ASP ASP A . n 
A 1 70  ASP 70  71  71  ASP ASP A . n 
A 1 71  PRO 71  72  ?   ?   ?   A . n 
A 1 72  ALA 72  73  ?   ?   ?   A . n 
A 1 73  ALA 73  74  ?   ?   ?   A . n 
A 1 74  ASP 74  75  ?   ?   ?   A . n 
A 1 75  PRO 75  76  ?   ?   ?   A . n 
A 1 76  ARG 76  77  77  ARG ARG A . n 
A 1 77  ALA 77  78  78  ALA ALA A . n 
A 1 78  HIS 78  79  79  HIS HIS A . n 
A 1 79  LEU 79  80  80  LEU LEU A . n 
A 1 80  ARG 80  81  81  ARG ARG A . n 
A 1 81  ARG 81  82  82  ARG ARG A . n 
A 1 82  GLN 82  83  83  GLN GLN A . n 
A 1 83  HIS 83  84  84  HIS HIS A . n 
A 1 84  GLU 84  85  85  GLU GLU A . n 
A 1 85  LEU 85  86  86  LEU LEU A . n 
A 1 86  LEU 86  87  87  LEU LEU A . n 
A 1 87  SER 87  88  88  SER SER A . n 
A 1 88  ALA 88  89  89  ALA ALA A . n 
A 1 89  ARG 89  90  90  ARG ARG A . n 
A 1 90  ILE 90  91  91  ILE ILE A . n 
A 1 91  GLY 91  92  92  GLY GLY A . n 
A 1 92  LYS 92  93  93  LYS LYS A . n 
A 1 93  LEU 93  94  94  LEU LEU A . n 
A 1 94  GLN 94  95  95  GLN GLN A . n 
A 1 95  LYS 95  96  96  LYS LYS A . n 
A 1 96  MET 96  97  97  MET MET A . n 
A 1 97  ALA 97  98  98  ALA ALA A . n 
A 1 98  ALA 98  99  99  ALA ALA A . n 
A 1 99  ALA 99  100 100 ALA ALA A . n 
A 1 100 VAL 100 101 101 VAL VAL A . n 
A 1 101 GLU 101 102 102 GLU GLU A . n 
A 1 102 GLN 102 103 103 GLN GLN A . n 
A 1 103 ALA 103 104 104 ALA ALA A . n 
A 1 104 MET 104 105 105 MET MET A . n 
A 1 105 GLU 105 106 106 GLU GLU A . n 
A 1 106 ALA 106 107 ?   ?   ?   A . n 
A 1 107 ARG 107 108 ?   ?   ?   A . n 
A 1 108 SER 108 109 ?   ?   ?   A . n 
B 2 1   DT  1   -14 ?   ?   ?   B . n 
B 2 2   DT  2   -13 ?   ?   ?   B . n 
B 2 3   DG  3   -12 ?   ?   ?   B . n 
B 2 4   DC  4   -11 -11 DC  DC  B . n 
B 2 5   DT  5   -10 -10 DT  DT  B . n 
B 2 6   DC  6   -9  -9  DC  DC  B . n 
B 2 7   DC  7   -8  -8  DC  DC  B . n 
B 2 8   DT  8   -7  -7  DT  DT  B . n 
B 2 9   DC  9   -6  -6  DC  DC  B . n 
B 2 10  DA  10  -5  -5  DA  DA  B . n 
B 2 11  DC  11  -4  -4  DC  DC  B . n 
B 2 12  DG  12  -3  -3  DG  DG  B . n 
B 2 13  DT  13  -2  -2  DT  DT  B . n 
B 2 14  DC  14  1   1   DC  DC  B . n 
B 2 15  DA  15  2   2   DA  DA  B . n 
B 2 16  DC  16  3   3   DC  DC  B . n 
B 2 17  DG  17  4   4   DG  DG  B . n 
B 2 18  DT  18  5   5   DT  DT  B . n 
B 2 19  DG  19  6   6   DG  DG  B . n 
B 2 20  DA  20  7   7   DA  DA  B . n 
B 2 21  DG  21  8   8   DG  DG  B . n 
B 2 22  DG  22  9   9   DG  DG  B . n 
B 2 23  DT  23  10  10  DT  DT  B . n 
B 2 24  DG  24  11  11  DG  DG  B . n 
B 2 25  DG  25  12  ?   ?   ?   B . n 
B 2 26  DC  26  13  ?   ?   ?   B . n 
# 
_pdbx_struct_assembly.id                   1 
_pdbx_struct_assembly.details              author_and_software_defined_assembly 
_pdbx_struct_assembly.method_details       PISA 
_pdbx_struct_assembly.oligomeric_details   tetrameric 
_pdbx_struct_assembly.oligomeric_count     4 
# 
_pdbx_struct_assembly_gen.assembly_id       1 
_pdbx_struct_assembly_gen.oper_expression   1,2 
_pdbx_struct_assembly_gen.asym_id_list      A,B 
# 
loop_
_pdbx_struct_assembly_prop.biol_id 
_pdbx_struct_assembly_prop.type 
_pdbx_struct_assembly_prop.value 
_pdbx_struct_assembly_prop.details 
1 'ABSA (A^2)' 6320   ? 
1 MORE         -57.41 ? 
1 'SSA (A^2)'  17870  ? 
# 
loop_
_pdbx_struct_oper_list.id 
_pdbx_struct_oper_list.type 
_pdbx_struct_oper_list.name 
_pdbx_struct_oper_list.symmetry_operation 
_pdbx_struct_oper_list.matrix[1][1] 
_pdbx_struct_oper_list.matrix[1][2] 
_pdbx_struct_oper_list.matrix[1][3] 
_pdbx_struct_oper_list.vector[1] 
_pdbx_struct_oper_list.matrix[2][1] 
_pdbx_struct_oper_list.matrix[2][2] 
_pdbx_struct_oper_list.matrix[2][3] 
_pdbx_struct_oper_list.vector[2] 
_pdbx_struct_oper_list.matrix[3][1] 
_pdbx_struct_oper_list.matrix[3][2] 
_pdbx_struct_oper_list.matrix[3][3] 
_pdbx_struct_oper_list.vector[3] 
1 'identity operation'         1_555 x,y,z     1.0000000000  0.0000000000 0.0000000000 0.0000000000   0.0000000000 1.0000000000 0.0000000000 0.0000000000 0.0000000000 0.0000000000 1.0000000000  0.0000000000  
2 'crystal symmetry operation' 2_565 -x,-y+1,z -0.9278385489 0.3135643972 0.2019727603 -23.7859036293 0.3135643972 0.3625367803 0.8776357170 6.6407327897 0.2019727603 0.8776357170 -0.4346982314 -1.8114920684 
# 
loop_
_pdbx_audit_revision_history.ordinal 
_pdbx_audit_revision_history.data_content_type 
_pdbx_audit_revision_history.major_revision 
_pdbx_audit_revision_history.minor_revision 
_pdbx_audit_revision_history.revision_date 
1 'Structure model' 1 0 2009-11-17 
2 'Structure model' 1 1 2011-07-13 
3 'Structure model' 1 2 2019-05-08 
4 'Structure model' 1 3 2023-12-13 
# 
_pdbx_audit_revision_details.ordinal             1 
_pdbx_audit_revision_details.revision_ordinal    1 
_pdbx_audit_revision_details.data_content_type   'Structure model' 
_pdbx_audit_revision_details.provider            repository 
_pdbx_audit_revision_details.type                'Initial release' 
_pdbx_audit_revision_details.description         ? 
_pdbx_audit_revision_details.details             ? 
# 
loop_
_pdbx_audit_revision_group.ordinal 
_pdbx_audit_revision_group.revision_ordinal 
_pdbx_audit_revision_group.data_content_type 
_pdbx_audit_revision_group.group 
1  2 'Structure model' Advisory                    
2  2 'Structure model' 'Version format compliance' 
3  3 'Structure model' Advisory                    
4  3 'Structure model' 'Data collection'           
5  3 'Structure model' 'Experimental preparation'  
6  3 'Structure model' Other                       
7  4 'Structure model' Advisory                    
8  4 'Structure model' 'Data collection'           
9  4 'Structure model' 'Database references'       
10 4 'Structure model' Other                       
11 4 'Structure model' 'Refinement description'    
# 
loop_
_pdbx_audit_revision_category.ordinal 
_pdbx_audit_revision_category.revision_ordinal 
_pdbx_audit_revision_category.data_content_type 
_pdbx_audit_revision_category.category 
1  3 'Structure model' exptl_crystal_grow            
2  3 'Structure model' pdbx_database_proc            
3  3 'Structure model' pdbx_database_status          
4  3 'Structure model' pdbx_seq_map_depositor_info   
5  3 'Structure model' pdbx_unobs_or_zero_occ_atoms  
6  4 'Structure model' chem_comp_atom                
7  4 'Structure model' chem_comp_bond                
8  4 'Structure model' database_2                    
9  4 'Structure model' pdbx_database_status          
10 4 'Structure model' pdbx_initial_refinement_model 
11 4 'Structure model' pdbx_unobs_or_zero_occ_atoms  
# 
loop_
_pdbx_audit_revision_item.ordinal 
_pdbx_audit_revision_item.revision_ordinal 
_pdbx_audit_revision_item.data_content_type 
_pdbx_audit_revision_item.item 
1 3 'Structure model' '_exptl_crystal_grow.method'                       
2 3 'Structure model' '_pdbx_database_status.recvd_author_approval'      
3 3 'Structure model' '_pdbx_seq_map_depositor_info.one_letter_code_mod' 
4 4 'Structure model' '_database_2.pdbx_DOI'                             
5 4 'Structure model' '_database_2.pdbx_database_accession'              
6 4 'Structure model' '_pdbx_database_status.status_code_sf'             
# 
loop_
_pdbx_refine_tls.pdbx_refine_id 
_pdbx_refine_tls.id 
_pdbx_refine_tls.details 
_pdbx_refine_tls.method 
_pdbx_refine_tls.origin_x 
_pdbx_refine_tls.origin_y 
_pdbx_refine_tls.origin_z 
_pdbx_refine_tls.T[1][1] 
_pdbx_refine_tls.T[2][2] 
_pdbx_refine_tls.T[3][3] 
_pdbx_refine_tls.T[1][2] 
_pdbx_refine_tls.T[1][3] 
_pdbx_refine_tls.T[2][3] 
_pdbx_refine_tls.L[1][1] 
_pdbx_refine_tls.L[2][2] 
_pdbx_refine_tls.L[3][3] 
_pdbx_refine_tls.L[1][2] 
_pdbx_refine_tls.L[1][3] 
_pdbx_refine_tls.L[2][3] 
_pdbx_refine_tls.S[1][1] 
_pdbx_refine_tls.S[1][2] 
_pdbx_refine_tls.S[1][3] 
_pdbx_refine_tls.S[2][1] 
_pdbx_refine_tls.S[2][2] 
_pdbx_refine_tls.S[2][3] 
_pdbx_refine_tls.S[3][1] 
_pdbx_refine_tls.S[3][2] 
_pdbx_refine_tls.S[3][3] 
'X-RAY DIFFRACTION' 1 ? refined 6.4625   3.8801  1.8485  -0.1983 0.0060  -0.1063 0.1466  -0.0241 0.0915  11.5346 8.5122 3.2743 2.1898  0.4987  0.2815  -0.0407 -0.3717 0.0131  0.4153  0.1055  -0.6508 0.2310  0.1092  -0.0650 
'X-RAY DIFFRACTION' 2 ? refined -14.8475 -9.5758 -3.6510 0.0264  -0.0325 -0.0576 -0.0299 -0.0014 0.0849  8.9419  4.0281 6.9569 -3.2216 1.7704  -3.5947 -0.6541 -0.3491 -0.0943 0.5657  0.3141  -0.2436 -0.3623 -0.2071 0.3400  
'X-RAY DIFFRACTION' 3 ? refined 6.5177   21.3583 1.6929  -0.1437 0.0393  0.7488  -0.0938 -0.1261 -0.0117 14.1590 9.0801 2.4552 -2.0351 -0.5591 -0.8965 -0.0358 -0.4083 1.3991  -0.0641 -0.0125 -0.1188 -0.8991 0.3050  0.0483  
'X-RAY DIFFRACTION' 4 ? refined -22.3356 17.3057 17.8000 0.2598  0.6826  0.1275  0.2381  0.0077  -0.2809 3.2932  4.8530 0.3272 -1.7768 0.8290  0.2320  -0.3598 -1.7944 0.8835  1.2438  0.8555  0.0328  -0.3770 0.2159  -0.4957  
# 
loop_
_pdbx_refine_tls_group.pdbx_refine_id 
_pdbx_refine_tls_group.id 
_pdbx_refine_tls_group.refine_tls_id 
_pdbx_refine_tls_group.beg_auth_asym_id 
_pdbx_refine_tls_group.beg_auth_seq_id 
_pdbx_refine_tls_group.beg_label_asym_id 
_pdbx_refine_tls_group.beg_label_seq_id 
_pdbx_refine_tls_group.end_auth_asym_id 
_pdbx_refine_tls_group.end_auth_seq_id 
_pdbx_refine_tls_group.end_label_asym_id 
_pdbx_refine_tls_group.end_label_seq_id 
_pdbx_refine_tls_group.selection 
_pdbx_refine_tls_group.selection_details 
'X-RAY DIFFRACTION' 1 1 A 2   ? ? A 71  ? ? ? ? 
'X-RAY DIFFRACTION' 2 2 A 77  ? ? A 106 ? ? ? ? 
'X-RAY DIFFRACTION' 3 3 B -11 ? ? B -2  ? ? ? ? 
'X-RAY DIFFRACTION' 4 4 B 1   ? ? B 11  ? ? ? ? 
# 
loop_
_software.name 
_software.classification 
_software.version 
_software.citation_id 
_software.pdbx_ordinal 
REFMAC refinement       5.2.0019 ? 1 
MOSFLM 'data reduction' .        ? 2 
SCALA  'data scaling'   .        ? 3 
PHASER phasing          .        ? 4 
# 
_pdbx_entry_details.entry_id                 2VZ4 
_pdbx_entry_details.compound_details         ? 
_pdbx_entry_details.source_details           ? 
_pdbx_entry_details.nonpolymer_details       ? 
_pdbx_entry_details.sequence_details         
;TIPAN IS THE N-TERMINAL DOMAIN OF TIPAL. RESIDUE M1 WAS
CLEAVED DURING EXPRESSION.
THE SEQUENCE IS DESCRIBED IN HOLMES ET AL. (1993) EMBO J,
VOL. 12, P. 3183.
 THE CRYSTAL CONTAINED DOUBLE-STRANDED DNA WITH SEQUENCES
 TTGCACCTCACGTCACGTGAGGAGGC (PLUS STRAND) AND
 AGCCTCCTCACGTGACGTGAGGTGCA (MINUS STRAND). BOTH STRANDS
 WERE MODELED AS CHAIN B WITH SEQUENCE
 CTCCTCACGTCACGTGAGGTG.
;
_pdbx_entry_details.has_ligand_of_interest   ? 
# 
loop_
_pdbx_validate_rmsd_angle.id 
_pdbx_validate_rmsd_angle.PDB_model_num 
_pdbx_validate_rmsd_angle.auth_atom_id_1 
_pdbx_validate_rmsd_angle.auth_asym_id_1 
_pdbx_validate_rmsd_angle.auth_comp_id_1 
_pdbx_validate_rmsd_angle.auth_seq_id_1 
_pdbx_validate_rmsd_angle.PDB_ins_code_1 
_pdbx_validate_rmsd_angle.label_alt_id_1 
_pdbx_validate_rmsd_angle.auth_atom_id_2 
_pdbx_validate_rmsd_angle.auth_asym_id_2 
_pdbx_validate_rmsd_angle.auth_comp_id_2 
_pdbx_validate_rmsd_angle.auth_seq_id_2 
_pdbx_validate_rmsd_angle.PDB_ins_code_2 
_pdbx_validate_rmsd_angle.label_alt_id_2 
_pdbx_validate_rmsd_angle.auth_atom_id_3 
_pdbx_validate_rmsd_angle.auth_asym_id_3 
_pdbx_validate_rmsd_angle.auth_comp_id_3 
_pdbx_validate_rmsd_angle.auth_seq_id_3 
_pdbx_validate_rmsd_angle.PDB_ins_code_3 
_pdbx_validate_rmsd_angle.label_alt_id_3 
_pdbx_validate_rmsd_angle.angle_value 
_pdbx_validate_rmsd_angle.angle_target_value 
_pdbx_validate_rmsd_angle.angle_deviation 
_pdbx_validate_rmsd_angle.angle_standard_deviation 
_pdbx_validate_rmsd_angle.linker_flag 
1  1 "O4'" B DC -11 ? ? "C1'" B DC -11 ? ? N1    B DC -11 ? ? 110.42 108.30 2.12  0.30 N 
2  1 "O4'" B DT -10 ? ? "C1'" B DT -10 ? ? N1    B DT -10 ? ? 111.57 108.30 3.27  0.30 N 
3  1 "O4'" B DC -9  ? ? "C1'" B DC -9  ? ? N1    B DC -9  ? ? 111.74 108.30 3.44  0.30 N 
4  1 "O4'" B DC -8  ? ? "C1'" B DC -8  ? ? N1    B DC -8  ? ? 111.28 108.30 2.98  0.30 N 
5  1 "O4'" B DC -6  ? ? "C1'" B DC -6  ? ? N1    B DC -6  ? ? 112.43 108.30 4.13  0.30 N 
6  1 "C3'" B DA -5  ? ? "C2'" B DA -5  ? ? "C1'" B DA -5  ? ? 97.43  102.40 -4.97 0.80 N 
7  1 "O4'" B DA -5  ? ? "C1'" B DA -5  ? ? N9    B DA -5  ? ? 111.81 108.30 3.51  0.30 N 
8  1 "O4'" B DC -4  ? ? "C1'" B DC -4  ? ? N1    B DC -4  ? ? 111.03 108.30 2.73  0.30 N 
9  1 "O4'" B DC 1   ? ? "C1'" B DC 1   ? ? "C2'" B DC 1   ? ? 100.44 105.90 -5.46 0.80 N 
10 1 "O4'" B DC 3   ? ? "C1'" B DC 3   ? ? N1    B DC 3   ? ? 110.16 108.30 1.86  0.30 N 
11 1 "O4'" B DG 6   ? ? "C1'" B DG 6   ? ? N9    B DG 6   ? ? 116.40 108.30 8.10  0.30 N 
12 1 "O4'" B DG 9   ? ? "C1'" B DG 9   ? ? N9    B DG 9   ? ? 114.63 108.30 6.33  0.30 N 
# 
loop_
_pdbx_unobs_or_zero_occ_atoms.id 
_pdbx_unobs_or_zero_occ_atoms.PDB_model_num 
_pdbx_unobs_or_zero_occ_atoms.polymer_flag 
_pdbx_unobs_or_zero_occ_atoms.occupancy_flag 
_pdbx_unobs_or_zero_occ_atoms.auth_asym_id 
_pdbx_unobs_or_zero_occ_atoms.auth_comp_id 
_pdbx_unobs_or_zero_occ_atoms.auth_seq_id 
_pdbx_unobs_or_zero_occ_atoms.PDB_ins_code 
_pdbx_unobs_or_zero_occ_atoms.auth_atom_id 
_pdbx_unobs_or_zero_occ_atoms.label_alt_id 
_pdbx_unobs_or_zero_occ_atoms.label_asym_id 
_pdbx_unobs_or_zero_occ_atoms.label_comp_id 
_pdbx_unobs_or_zero_occ_atoms.label_seq_id 
_pdbx_unobs_or_zero_occ_atoms.label_atom_id 
1  1 Y 0 A ASP 24  ? CG  ? A ASP 23  CG  
2  1 Y 0 A ASP 24  ? OD1 ? A ASP 23  OD1 
3  1 Y 0 A ASP 24  ? OD2 ? A ASP 23  OD2 
4  1 Y 0 A GLU 32  ? CG  ? A GLU 31  CG  
5  1 Y 0 A GLU 32  ? CD  ? A GLU 31  CD  
6  1 Y 0 A GLU 32  ? OE1 ? A GLU 31  OE1 
7  1 Y 0 A GLU 32  ? OE2 ? A GLU 31  OE2 
8  1 Y 0 A ARG 33  ? CG  ? A ARG 32  CG  
9  1 Y 0 A ARG 33  ? CD  ? A ARG 32  CD  
10 1 Y 0 A ARG 33  ? NE  ? A ARG 32  NE  
11 1 Y 0 A ARG 33  ? CZ  ? A ARG 32  CZ  
12 1 Y 0 A ARG 33  ? NH1 ? A ARG 32  NH1 
13 1 Y 0 A ARG 33  ? NH2 ? A ARG 32  NH2 
14 1 Y 0 A HIS 35  ? CG  ? A HIS 34  CG  
15 1 Y 0 A HIS 35  ? ND1 ? A HIS 34  ND1 
16 1 Y 0 A HIS 35  ? CD2 ? A HIS 34  CD2 
17 1 Y 0 A HIS 35  ? CE1 ? A HIS 34  CE1 
18 1 Y 0 A HIS 35  ? NE2 ? A HIS 34  NE2 
19 1 Y 0 A ASP 71  ? CG  ? A ASP 70  CG  
20 1 Y 0 A ASP 71  ? OD1 ? A ASP 70  OD1 
21 1 Y 0 A ASP 71  ? OD2 ? A ASP 70  OD2 
22 1 Y 0 A ARG 77  ? CG  ? A ARG 76  CG  
23 1 Y 0 A ARG 77  ? CD  ? A ARG 76  CD  
24 1 Y 0 A ARG 77  ? NE  ? A ARG 76  NE  
25 1 Y 0 A ARG 77  ? CZ  ? A ARG 76  CZ  
26 1 Y 0 A ARG 77  ? NH1 ? A ARG 76  NH1 
27 1 Y 0 A ARG 77  ? NH2 ? A ARG 76  NH2 
28 1 Y 0 A ARG 82  ? NE  ? A ARG 81  NE  
29 1 Y 0 A ARG 82  ? CZ  ? A ARG 81  CZ  
30 1 Y 0 A ARG 82  ? NH1 ? A ARG 81  NH1 
31 1 Y 0 A ARG 82  ? NH2 ? A ARG 81  NH2 
32 1 Y 0 A GLN 103 ? CG  ? A GLN 102 CG  
33 1 Y 0 A GLN 103 ? CD  ? A GLN 102 CD  
34 1 Y 0 A GLN 103 ? OE1 ? A GLN 102 OE1 
35 1 Y 0 A GLN 103 ? NE2 ? A GLN 102 NE2 
36 1 Y 0 A GLU 106 ? CG  ? A GLU 105 CG  
37 1 Y 0 A GLU 106 ? CD  ? A GLU 105 CD  
38 1 Y 0 A GLU 106 ? OE1 ? A GLU 105 OE1 
39 1 Y 0 A GLU 106 ? OE2 ? A GLU 105 OE2 
# 
loop_
_pdbx_unobs_or_zero_occ_residues.id 
_pdbx_unobs_or_zero_occ_residues.PDB_model_num 
_pdbx_unobs_or_zero_occ_residues.polymer_flag 
_pdbx_unobs_or_zero_occ_residues.occupancy_flag 
_pdbx_unobs_or_zero_occ_residues.auth_asym_id 
_pdbx_unobs_or_zero_occ_residues.auth_comp_id 
_pdbx_unobs_or_zero_occ_residues.auth_seq_id 
_pdbx_unobs_or_zero_occ_residues.PDB_ins_code 
_pdbx_unobs_or_zero_occ_residues.label_asym_id 
_pdbx_unobs_or_zero_occ_residues.label_comp_id 
_pdbx_unobs_or_zero_occ_residues.label_seq_id 
1  1 Y 1 A PRO 72  ? A PRO 71  
2  1 Y 1 A ALA 73  ? A ALA 72  
3  1 Y 1 A ALA 74  ? A ALA 73  
4  1 Y 1 A ASP 75  ? A ASP 74  
5  1 Y 1 A PRO 76  ? A PRO 75  
6  1 Y 1 A ALA 107 ? A ALA 106 
7  1 Y 1 A ARG 108 ? A ARG 107 
8  1 Y 1 A SER 109 ? A SER 108 
9  1 Y 1 B DT  -14 ? B DT  1   
10 1 Y 1 B DT  -13 ? B DT  2   
11 1 Y 1 B DG  -12 ? B DG  3   
12 1 Y 1 B DG  12  ? B DG  25  
13 1 Y 1 B DC  13  ? B DC  26  
# 
loop_
_chem_comp_atom.comp_id 
_chem_comp_atom.atom_id 
_chem_comp_atom.type_symbol 
_chem_comp_atom.pdbx_aromatic_flag 
_chem_comp_atom.pdbx_stereo_config 
_chem_comp_atom.pdbx_ordinal 
ALA N      N N N 1   
ALA CA     C N S 2   
ALA C      C N N 3   
ALA O      O N N 4   
ALA CB     C N N 5   
ALA OXT    O N N 6   
ALA H      H N N 7   
ALA H2     H N N 8   
ALA HA     H N N 9   
ALA HB1    H N N 10  
ALA HB2    H N N 11  
ALA HB3    H N N 12  
ALA HXT    H N N 13  
ARG N      N N N 14  
ARG CA     C N S 15  
ARG C      C N N 16  
ARG O      O N N 17  
ARG CB     C N N 18  
ARG CG     C N N 19  
ARG CD     C N N 20  
ARG NE     N N N 21  
ARG CZ     C N N 22  
ARG NH1    N N N 23  
ARG NH2    N N N 24  
ARG OXT    O N N 25  
ARG H      H N N 26  
ARG H2     H N N 27  
ARG HA     H N N 28  
ARG HB2    H N N 29  
ARG HB3    H N N 30  
ARG HG2    H N N 31  
ARG HG3    H N N 32  
ARG HD2    H N N 33  
ARG HD3    H N N 34  
ARG HE     H N N 35  
ARG HH11   H N N 36  
ARG HH12   H N N 37  
ARG HH21   H N N 38  
ARG HH22   H N N 39  
ARG HXT    H N N 40  
ASP N      N N N 41  
ASP CA     C N S 42  
ASP C      C N N 43  
ASP O      O N N 44  
ASP CB     C N N 45  
ASP CG     C N N 46  
ASP OD1    O N N 47  
ASP OD2    O N N 48  
ASP OXT    O N N 49  
ASP H      H N N 50  
ASP H2     H N N 51  
ASP HA     H N N 52  
ASP HB2    H N N 53  
ASP HB3    H N N 54  
ASP HD2    H N N 55  
ASP HXT    H N N 56  
DA  OP3    O N N 57  
DA  P      P N N 58  
DA  OP1    O N N 59  
DA  OP2    O N N 60  
DA  "O5'"  O N N 61  
DA  "C5'"  C N N 62  
DA  "C4'"  C N R 63  
DA  "O4'"  O N N 64  
DA  "C3'"  C N S 65  
DA  "O3'"  O N N 66  
DA  "C2'"  C N N 67  
DA  "C1'"  C N R 68  
DA  N9     N Y N 69  
DA  C8     C Y N 70  
DA  N7     N Y N 71  
DA  C5     C Y N 72  
DA  C6     C Y N 73  
DA  N6     N N N 74  
DA  N1     N Y N 75  
DA  C2     C Y N 76  
DA  N3     N Y N 77  
DA  C4     C Y N 78  
DA  HOP3   H N N 79  
DA  HOP2   H N N 80  
DA  "H5'"  H N N 81  
DA  "H5''" H N N 82  
DA  "H4'"  H N N 83  
DA  "H3'"  H N N 84  
DA  "HO3'" H N N 85  
DA  "H2'"  H N N 86  
DA  "H2''" H N N 87  
DA  "H1'"  H N N 88  
DA  H8     H N N 89  
DA  H61    H N N 90  
DA  H62    H N N 91  
DA  H2     H N N 92  
DC  OP3    O N N 93  
DC  P      P N N 94  
DC  OP1    O N N 95  
DC  OP2    O N N 96  
DC  "O5'"  O N N 97  
DC  "C5'"  C N N 98  
DC  "C4'"  C N R 99  
DC  "O4'"  O N N 100 
DC  "C3'"  C N S 101 
DC  "O3'"  O N N 102 
DC  "C2'"  C N N 103 
DC  "C1'"  C N R 104 
DC  N1     N N N 105 
DC  C2     C N N 106 
DC  O2     O N N 107 
DC  N3     N N N 108 
DC  C4     C N N 109 
DC  N4     N N N 110 
DC  C5     C N N 111 
DC  C6     C N N 112 
DC  HOP3   H N N 113 
DC  HOP2   H N N 114 
DC  "H5'"  H N N 115 
DC  "H5''" H N N 116 
DC  "H4'"  H N N 117 
DC  "H3'"  H N N 118 
DC  "HO3'" H N N 119 
DC  "H2'"  H N N 120 
DC  "H2''" H N N 121 
DC  "H1'"  H N N 122 
DC  H41    H N N 123 
DC  H42    H N N 124 
DC  H5     H N N 125 
DC  H6     H N N 126 
DG  OP3    O N N 127 
DG  P      P N N 128 
DG  OP1    O N N 129 
DG  OP2    O N N 130 
DG  "O5'"  O N N 131 
DG  "C5'"  C N N 132 
DG  "C4'"  C N R 133 
DG  "O4'"  O N N 134 
DG  "C3'"  C N S 135 
DG  "O3'"  O N N 136 
DG  "C2'"  C N N 137 
DG  "C1'"  C N R 138 
DG  N9     N Y N 139 
DG  C8     C Y N 140 
DG  N7     N Y N 141 
DG  C5     C Y N 142 
DG  C6     C N N 143 
DG  O6     O N N 144 
DG  N1     N N N 145 
DG  C2     C N N 146 
DG  N2     N N N 147 
DG  N3     N N N 148 
DG  C4     C Y N 149 
DG  HOP3   H N N 150 
DG  HOP2   H N N 151 
DG  "H5'"  H N N 152 
DG  "H5''" H N N 153 
DG  "H4'"  H N N 154 
DG  "H3'"  H N N 155 
DG  "HO3'" H N N 156 
DG  "H2'"  H N N 157 
DG  "H2''" H N N 158 
DG  "H1'"  H N N 159 
DG  H8     H N N 160 
DG  H1     H N N 161 
DG  H21    H N N 162 
DG  H22    H N N 163 
DT  OP3    O N N 164 
DT  P      P N N 165 
DT  OP1    O N N 166 
DT  OP2    O N N 167 
DT  "O5'"  O N N 168 
DT  "C5'"  C N N 169 
DT  "C4'"  C N R 170 
DT  "O4'"  O N N 171 
DT  "C3'"  C N S 172 
DT  "O3'"  O N N 173 
DT  "C2'"  C N N 174 
DT  "C1'"  C N R 175 
DT  N1     N N N 176 
DT  C2     C N N 177 
DT  O2     O N N 178 
DT  N3     N N N 179 
DT  C4     C N N 180 
DT  O4     O N N 181 
DT  C5     C N N 182 
DT  C7     C N N 183 
DT  C6     C N N 184 
DT  HOP3   H N N 185 
DT  HOP2   H N N 186 
DT  "H5'"  H N N 187 
DT  "H5''" H N N 188 
DT  "H4'"  H N N 189 
DT  "H3'"  H N N 190 
DT  "HO3'" H N N 191 
DT  "H2'"  H N N 192 
DT  "H2''" H N N 193 
DT  "H1'"  H N N 194 
DT  H3     H N N 195 
DT  H71    H N N 196 
DT  H72    H N N 197 
DT  H73    H N N 198 
DT  H6     H N N 199 
GLN N      N N N 200 
GLN CA     C N S 201 
GLN C      C N N 202 
GLN O      O N N 203 
GLN CB     C N N 204 
GLN CG     C N N 205 
GLN CD     C N N 206 
GLN OE1    O N N 207 
GLN NE2    N N N 208 
GLN OXT    O N N 209 
GLN H      H N N 210 
GLN H2     H N N 211 
GLN HA     H N N 212 
GLN HB2    H N N 213 
GLN HB3    H N N 214 
GLN HG2    H N N 215 
GLN HG3    H N N 216 
GLN HE21   H N N 217 
GLN HE22   H N N 218 
GLN HXT    H N N 219 
GLU N      N N N 220 
GLU CA     C N S 221 
GLU C      C N N 222 
GLU O      O N N 223 
GLU CB     C N N 224 
GLU CG     C N N 225 
GLU CD     C N N 226 
GLU OE1    O N N 227 
GLU OE2    O N N 228 
GLU OXT    O N N 229 
GLU H      H N N 230 
GLU H2     H N N 231 
GLU HA     H N N 232 
GLU HB2    H N N 233 
GLU HB3    H N N 234 
GLU HG2    H N N 235 
GLU HG3    H N N 236 
GLU HE2    H N N 237 
GLU HXT    H N N 238 
GLY N      N N N 239 
GLY CA     C N N 240 
GLY C      C N N 241 
GLY O      O N N 242 
GLY OXT    O N N 243 
GLY H      H N N 244 
GLY H2     H N N 245 
GLY HA2    H N N 246 
GLY HA3    H N N 247 
GLY HXT    H N N 248 
HIS N      N N N 249 
HIS CA     C N S 250 
HIS C      C N N 251 
HIS O      O N N 252 
HIS CB     C N N 253 
HIS CG     C Y N 254 
HIS ND1    N Y N 255 
HIS CD2    C Y N 256 
HIS CE1    C Y N 257 
HIS NE2    N Y N 258 
HIS OXT    O N N 259 
HIS H      H N N 260 
HIS H2     H N N 261 
HIS HA     H N N 262 
HIS HB2    H N N 263 
HIS HB3    H N N 264 
HIS HD1    H N N 265 
HIS HD2    H N N 266 
HIS HE1    H N N 267 
HIS HE2    H N N 268 
HIS HXT    H N N 269 
ILE N      N N N 270 
ILE CA     C N S 271 
ILE C      C N N 272 
ILE O      O N N 273 
ILE CB     C N S 274 
ILE CG1    C N N 275 
ILE CG2    C N N 276 
ILE CD1    C N N 277 
ILE OXT    O N N 278 
ILE H      H N N 279 
ILE H2     H N N 280 
ILE HA     H N N 281 
ILE HB     H N N 282 
ILE HG12   H N N 283 
ILE HG13   H N N 284 
ILE HG21   H N N 285 
ILE HG22   H N N 286 
ILE HG23   H N N 287 
ILE HD11   H N N 288 
ILE HD12   H N N 289 
ILE HD13   H N N 290 
ILE HXT    H N N 291 
LEU N      N N N 292 
LEU CA     C N S 293 
LEU C      C N N 294 
LEU O      O N N 295 
LEU CB     C N N 296 
LEU CG     C N N 297 
LEU CD1    C N N 298 
LEU CD2    C N N 299 
LEU OXT    O N N 300 
LEU H      H N N 301 
LEU H2     H N N 302 
LEU HA     H N N 303 
LEU HB2    H N N 304 
LEU HB3    H N N 305 
LEU HG     H N N 306 
LEU HD11   H N N 307 
LEU HD12   H N N 308 
LEU HD13   H N N 309 
LEU HD21   H N N 310 
LEU HD22   H N N 311 
LEU HD23   H N N 312 
LEU HXT    H N N 313 
LYS N      N N N 314 
LYS CA     C N S 315 
LYS C      C N N 316 
LYS O      O N N 317 
LYS CB     C N N 318 
LYS CG     C N N 319 
LYS CD     C N N 320 
LYS CE     C N N 321 
LYS NZ     N N N 322 
LYS OXT    O N N 323 
LYS H      H N N 324 
LYS H2     H N N 325 
LYS HA     H N N 326 
LYS HB2    H N N 327 
LYS HB3    H N N 328 
LYS HG2    H N N 329 
LYS HG3    H N N 330 
LYS HD2    H N N 331 
LYS HD3    H N N 332 
LYS HE2    H N N 333 
LYS HE3    H N N 334 
LYS HZ1    H N N 335 
LYS HZ2    H N N 336 
LYS HZ3    H N N 337 
LYS HXT    H N N 338 
MET N      N N N 339 
MET CA     C N S 340 
MET C      C N N 341 
MET O      O N N 342 
MET CB     C N N 343 
MET CG     C N N 344 
MET SD     S N N 345 
MET CE     C N N 346 
MET OXT    O N N 347 
MET H      H N N 348 
MET H2     H N N 349 
MET HA     H N N 350 
MET HB2    H N N 351 
MET HB3    H N N 352 
MET HG2    H N N 353 
MET HG3    H N N 354 
MET HE1    H N N 355 
MET HE2    H N N 356 
MET HE3    H N N 357 
MET HXT    H N N 358 
PHE N      N N N 359 
PHE CA     C N S 360 
PHE C      C N N 361 
PHE O      O N N 362 
PHE CB     C N N 363 
PHE CG     C Y N 364 
PHE CD1    C Y N 365 
PHE CD2    C Y N 366 
PHE CE1    C Y N 367 
PHE CE2    C Y N 368 
PHE CZ     C Y N 369 
PHE OXT    O N N 370 
PHE H      H N N 371 
PHE H2     H N N 372 
PHE HA     H N N 373 
PHE HB2    H N N 374 
PHE HB3    H N N 375 
PHE HD1    H N N 376 
PHE HD2    H N N 377 
PHE HE1    H N N 378 
PHE HE2    H N N 379 
PHE HZ     H N N 380 
PHE HXT    H N N 381 
PRO N      N N N 382 
PRO CA     C N S 383 
PRO C      C N N 384 
PRO O      O N N 385 
PRO CB     C N N 386 
PRO CG     C N N 387 
PRO CD     C N N 388 
PRO OXT    O N N 389 
PRO H      H N N 390 
PRO HA     H N N 391 
PRO HB2    H N N 392 
PRO HB3    H N N 393 
PRO HG2    H N N 394 
PRO HG3    H N N 395 
PRO HD2    H N N 396 
PRO HD3    H N N 397 
PRO HXT    H N N 398 
SER N      N N N 399 
SER CA     C N S 400 
SER C      C N N 401 
SER O      O N N 402 
SER CB     C N N 403 
SER OG     O N N 404 
SER OXT    O N N 405 
SER H      H N N 406 
SER H2     H N N 407 
SER HA     H N N 408 
SER HB2    H N N 409 
SER HB3    H N N 410 
SER HG     H N N 411 
SER HXT    H N N 412 
THR N      N N N 413 
THR CA     C N S 414 
THR C      C N N 415 
THR O      O N N 416 
THR CB     C N R 417 
THR OG1    O N N 418 
THR CG2    C N N 419 
THR OXT    O N N 420 
THR H      H N N 421 
THR H2     H N N 422 
THR HA     H N N 423 
THR HB     H N N 424 
THR HG1    H N N 425 
THR HG21   H N N 426 
THR HG22   H N N 427 
THR HG23   H N N 428 
THR HXT    H N N 429 
TYR N      N N N 430 
TYR CA     C N S 431 
TYR C      C N N 432 
TYR O      O N N 433 
TYR CB     C N N 434 
TYR CG     C Y N 435 
TYR CD1    C Y N 436 
TYR CD2    C Y N 437 
TYR CE1    C Y N 438 
TYR CE2    C Y N 439 
TYR CZ     C Y N 440 
TYR OH     O N N 441 
TYR OXT    O N N 442 
TYR H      H N N 443 
TYR H2     H N N 444 
TYR HA     H N N 445 
TYR HB2    H N N 446 
TYR HB3    H N N 447 
TYR HD1    H N N 448 
TYR HD2    H N N 449 
TYR HE1    H N N 450 
TYR HE2    H N N 451 
TYR HH     H N N 452 
TYR HXT    H N N 453 
VAL N      N N N 454 
VAL CA     C N S 455 
VAL C      C N N 456 
VAL O      O N N 457 
VAL CB     C N N 458 
VAL CG1    C N N 459 
VAL CG2    C N N 460 
VAL OXT    O N N 461 
VAL H      H N N 462 
VAL H2     H N N 463 
VAL HA     H N N 464 
VAL HB     H N N 465 
VAL HG11   H N N 466 
VAL HG12   H N N 467 
VAL HG13   H N N 468 
VAL HG21   H N N 469 
VAL HG22   H N N 470 
VAL HG23   H N N 471 
VAL HXT    H N N 472 
# 
loop_
_chem_comp_bond.comp_id 
_chem_comp_bond.atom_id_1 
_chem_comp_bond.atom_id_2 
_chem_comp_bond.value_order 
_chem_comp_bond.pdbx_aromatic_flag 
_chem_comp_bond.pdbx_stereo_config 
_chem_comp_bond.pdbx_ordinal 
ALA N     CA     sing N N 1   
ALA N     H      sing N N 2   
ALA N     H2     sing N N 3   
ALA CA    C      sing N N 4   
ALA CA    CB     sing N N 5   
ALA CA    HA     sing N N 6   
ALA C     O      doub N N 7   
ALA C     OXT    sing N N 8   
ALA CB    HB1    sing N N 9   
ALA CB    HB2    sing N N 10  
ALA CB    HB3    sing N N 11  
ALA OXT   HXT    sing N N 12  
ARG N     CA     sing N N 13  
ARG N     H      sing N N 14  
ARG N     H2     sing N N 15  
ARG CA    C      sing N N 16  
ARG CA    CB     sing N N 17  
ARG CA    HA     sing N N 18  
ARG C     O      doub N N 19  
ARG C     OXT    sing N N 20  
ARG CB    CG     sing N N 21  
ARG CB    HB2    sing N N 22  
ARG CB    HB3    sing N N 23  
ARG CG    CD     sing N N 24  
ARG CG    HG2    sing N N 25  
ARG CG    HG3    sing N N 26  
ARG CD    NE     sing N N 27  
ARG CD    HD2    sing N N 28  
ARG CD    HD3    sing N N 29  
ARG NE    CZ     sing N N 30  
ARG NE    HE     sing N N 31  
ARG CZ    NH1    sing N N 32  
ARG CZ    NH2    doub N N 33  
ARG NH1   HH11   sing N N 34  
ARG NH1   HH12   sing N N 35  
ARG NH2   HH21   sing N N 36  
ARG NH2   HH22   sing N N 37  
ARG OXT   HXT    sing N N 38  
ASP N     CA     sing N N 39  
ASP N     H      sing N N 40  
ASP N     H2     sing N N 41  
ASP CA    C      sing N N 42  
ASP CA    CB     sing N N 43  
ASP CA    HA     sing N N 44  
ASP C     O      doub N N 45  
ASP C     OXT    sing N N 46  
ASP CB    CG     sing N N 47  
ASP CB    HB2    sing N N 48  
ASP CB    HB3    sing N N 49  
ASP CG    OD1    doub N N 50  
ASP CG    OD2    sing N N 51  
ASP OD2   HD2    sing N N 52  
ASP OXT   HXT    sing N N 53  
DA  OP3   P      sing N N 54  
DA  OP3   HOP3   sing N N 55  
DA  P     OP1    doub N N 56  
DA  P     OP2    sing N N 57  
DA  P     "O5'"  sing N N 58  
DA  OP2   HOP2   sing N N 59  
DA  "O5'" "C5'"  sing N N 60  
DA  "C5'" "C4'"  sing N N 61  
DA  "C5'" "H5'"  sing N N 62  
DA  "C5'" "H5''" sing N N 63  
DA  "C4'" "O4'"  sing N N 64  
DA  "C4'" "C3'"  sing N N 65  
DA  "C4'" "H4'"  sing N N 66  
DA  "O4'" "C1'"  sing N N 67  
DA  "C3'" "O3'"  sing N N 68  
DA  "C3'" "C2'"  sing N N 69  
DA  "C3'" "H3'"  sing N N 70  
DA  "O3'" "HO3'" sing N N 71  
DA  "C2'" "C1'"  sing N N 72  
DA  "C2'" "H2'"  sing N N 73  
DA  "C2'" "H2''" sing N N 74  
DA  "C1'" N9     sing N N 75  
DA  "C1'" "H1'"  sing N N 76  
DA  N9    C8     sing Y N 77  
DA  N9    C4     sing Y N 78  
DA  C8    N7     doub Y N 79  
DA  C8    H8     sing N N 80  
DA  N7    C5     sing Y N 81  
DA  C5    C6     sing Y N 82  
DA  C5    C4     doub Y N 83  
DA  C6    N6     sing N N 84  
DA  C6    N1     doub Y N 85  
DA  N6    H61    sing N N 86  
DA  N6    H62    sing N N 87  
DA  N1    C2     sing Y N 88  
DA  C2    N3     doub Y N 89  
DA  C2    H2     sing N N 90  
DA  N3    C4     sing Y N 91  
DC  OP3   P      sing N N 92  
DC  OP3   HOP3   sing N N 93  
DC  P     OP1    doub N N 94  
DC  P     OP2    sing N N 95  
DC  P     "O5'"  sing N N 96  
DC  OP2   HOP2   sing N N 97  
DC  "O5'" "C5'"  sing N N 98  
DC  "C5'" "C4'"  sing N N 99  
DC  "C5'" "H5'"  sing N N 100 
DC  "C5'" "H5''" sing N N 101 
DC  "C4'" "O4'"  sing N N 102 
DC  "C4'" "C3'"  sing N N 103 
DC  "C4'" "H4'"  sing N N 104 
DC  "O4'" "C1'"  sing N N 105 
DC  "C3'" "O3'"  sing N N 106 
DC  "C3'" "C2'"  sing N N 107 
DC  "C3'" "H3'"  sing N N 108 
DC  "O3'" "HO3'" sing N N 109 
DC  "C2'" "C1'"  sing N N 110 
DC  "C2'" "H2'"  sing N N 111 
DC  "C2'" "H2''" sing N N 112 
DC  "C1'" N1     sing N N 113 
DC  "C1'" "H1'"  sing N N 114 
DC  N1    C2     sing N N 115 
DC  N1    C6     sing N N 116 
DC  C2    O2     doub N N 117 
DC  C2    N3     sing N N 118 
DC  N3    C4     doub N N 119 
DC  C4    N4     sing N N 120 
DC  C4    C5     sing N N 121 
DC  N4    H41    sing N N 122 
DC  N4    H42    sing N N 123 
DC  C5    C6     doub N N 124 
DC  C5    H5     sing N N 125 
DC  C6    H6     sing N N 126 
DG  OP3   P      sing N N 127 
DG  OP3   HOP3   sing N N 128 
DG  P     OP1    doub N N 129 
DG  P     OP2    sing N N 130 
DG  P     "O5'"  sing N N 131 
DG  OP2   HOP2   sing N N 132 
DG  "O5'" "C5'"  sing N N 133 
DG  "C5'" "C4'"  sing N N 134 
DG  "C5'" "H5'"  sing N N 135 
DG  "C5'" "H5''" sing N N 136 
DG  "C4'" "O4'"  sing N N 137 
DG  "C4'" "C3'"  sing N N 138 
DG  "C4'" "H4'"  sing N N 139 
DG  "O4'" "C1'"  sing N N 140 
DG  "C3'" "O3'"  sing N N 141 
DG  "C3'" "C2'"  sing N N 142 
DG  "C3'" "H3'"  sing N N 143 
DG  "O3'" "HO3'" sing N N 144 
DG  "C2'" "C1'"  sing N N 145 
DG  "C2'" "H2'"  sing N N 146 
DG  "C2'" "H2''" sing N N 147 
DG  "C1'" N9     sing N N 148 
DG  "C1'" "H1'"  sing N N 149 
DG  N9    C8     sing Y N 150 
DG  N9    C4     sing Y N 151 
DG  C8    N7     doub Y N 152 
DG  C8    H8     sing N N 153 
DG  N7    C5     sing Y N 154 
DG  C5    C6     sing N N 155 
DG  C5    C4     doub Y N 156 
DG  C6    O6     doub N N 157 
DG  C6    N1     sing N N 158 
DG  N1    C2     sing N N 159 
DG  N1    H1     sing N N 160 
DG  C2    N2     sing N N 161 
DG  C2    N3     doub N N 162 
DG  N2    H21    sing N N 163 
DG  N2    H22    sing N N 164 
DG  N3    C4     sing N N 165 
DT  OP3   P      sing N N 166 
DT  OP3   HOP3   sing N N 167 
DT  P     OP1    doub N N 168 
DT  P     OP2    sing N N 169 
DT  P     "O5'"  sing N N 170 
DT  OP2   HOP2   sing N N 171 
DT  "O5'" "C5'"  sing N N 172 
DT  "C5'" "C4'"  sing N N 173 
DT  "C5'" "H5'"  sing N N 174 
DT  "C5'" "H5''" sing N N 175 
DT  "C4'" "O4'"  sing N N 176 
DT  "C4'" "C3'"  sing N N 177 
DT  "C4'" "H4'"  sing N N 178 
DT  "O4'" "C1'"  sing N N 179 
DT  "C3'" "O3'"  sing N N 180 
DT  "C3'" "C2'"  sing N N 181 
DT  "C3'" "H3'"  sing N N 182 
DT  "O3'" "HO3'" sing N N 183 
DT  "C2'" "C1'"  sing N N 184 
DT  "C2'" "H2'"  sing N N 185 
DT  "C2'" "H2''" sing N N 186 
DT  "C1'" N1     sing N N 187 
DT  "C1'" "H1'"  sing N N 188 
DT  N1    C2     sing N N 189 
DT  N1    C6     sing N N 190 
DT  C2    O2     doub N N 191 
DT  C2    N3     sing N N 192 
DT  N3    C4     sing N N 193 
DT  N3    H3     sing N N 194 
DT  C4    O4     doub N N 195 
DT  C4    C5     sing N N 196 
DT  C5    C7     sing N N 197 
DT  C5    C6     doub N N 198 
DT  C7    H71    sing N N 199 
DT  C7    H72    sing N N 200 
DT  C7    H73    sing N N 201 
DT  C6    H6     sing N N 202 
GLN N     CA     sing N N 203 
GLN N     H      sing N N 204 
GLN N     H2     sing N N 205 
GLN CA    C      sing N N 206 
GLN CA    CB     sing N N 207 
GLN CA    HA     sing N N 208 
GLN C     O      doub N N 209 
GLN C     OXT    sing N N 210 
GLN CB    CG     sing N N 211 
GLN CB    HB2    sing N N 212 
GLN CB    HB3    sing N N 213 
GLN CG    CD     sing N N 214 
GLN CG    HG2    sing N N 215 
GLN CG    HG3    sing N N 216 
GLN CD    OE1    doub N N 217 
GLN CD    NE2    sing N N 218 
GLN NE2   HE21   sing N N 219 
GLN NE2   HE22   sing N N 220 
GLN OXT   HXT    sing N N 221 
GLU N     CA     sing N N 222 
GLU N     H      sing N N 223 
GLU N     H2     sing N N 224 
GLU CA    C      sing N N 225 
GLU CA    CB     sing N N 226 
GLU CA    HA     sing N N 227 
GLU C     O      doub N N 228 
GLU C     OXT    sing N N 229 
GLU CB    CG     sing N N 230 
GLU CB    HB2    sing N N 231 
GLU CB    HB3    sing N N 232 
GLU CG    CD     sing N N 233 
GLU CG    HG2    sing N N 234 
GLU CG    HG3    sing N N 235 
GLU CD    OE1    doub N N 236 
GLU CD    OE2    sing N N 237 
GLU OE2   HE2    sing N N 238 
GLU OXT   HXT    sing N N 239 
GLY N     CA     sing N N 240 
GLY N     H      sing N N 241 
GLY N     H2     sing N N 242 
GLY CA    C      sing N N 243 
GLY CA    HA2    sing N N 244 
GLY CA    HA3    sing N N 245 
GLY C     O      doub N N 246 
GLY C     OXT    sing N N 247 
GLY OXT   HXT    sing N N 248 
HIS N     CA     sing N N 249 
HIS N     H      sing N N 250 
HIS N     H2     sing N N 251 
HIS CA    C      sing N N 252 
HIS CA    CB     sing N N 253 
HIS CA    HA     sing N N 254 
HIS C     O      doub N N 255 
HIS C     OXT    sing N N 256 
HIS CB    CG     sing N N 257 
HIS CB    HB2    sing N N 258 
HIS CB    HB3    sing N N 259 
HIS CG    ND1    sing Y N 260 
HIS CG    CD2    doub Y N 261 
HIS ND1   CE1    doub Y N 262 
HIS ND1   HD1    sing N N 263 
HIS CD2   NE2    sing Y N 264 
HIS CD2   HD2    sing N N 265 
HIS CE1   NE2    sing Y N 266 
HIS CE1   HE1    sing N N 267 
HIS NE2   HE2    sing N N 268 
HIS OXT   HXT    sing N N 269 
ILE N     CA     sing N N 270 
ILE N     H      sing N N 271 
ILE N     H2     sing N N 272 
ILE CA    C      sing N N 273 
ILE CA    CB     sing N N 274 
ILE CA    HA     sing N N 275 
ILE C     O      doub N N 276 
ILE C     OXT    sing N N 277 
ILE CB    CG1    sing N N 278 
ILE CB    CG2    sing N N 279 
ILE CB    HB     sing N N 280 
ILE CG1   CD1    sing N N 281 
ILE CG1   HG12   sing N N 282 
ILE CG1   HG13   sing N N 283 
ILE CG2   HG21   sing N N 284 
ILE CG2   HG22   sing N N 285 
ILE CG2   HG23   sing N N 286 
ILE CD1   HD11   sing N N 287 
ILE CD1   HD12   sing N N 288 
ILE CD1   HD13   sing N N 289 
ILE OXT   HXT    sing N N 290 
LEU N     CA     sing N N 291 
LEU N     H      sing N N 292 
LEU N     H2     sing N N 293 
LEU CA    C      sing N N 294 
LEU CA    CB     sing N N 295 
LEU CA    HA     sing N N 296 
LEU C     O      doub N N 297 
LEU C     OXT    sing N N 298 
LEU CB    CG     sing N N 299 
LEU CB    HB2    sing N N 300 
LEU CB    HB3    sing N N 301 
LEU CG    CD1    sing N N 302 
LEU CG    CD2    sing N N 303 
LEU CG    HG     sing N N 304 
LEU CD1   HD11   sing N N 305 
LEU CD1   HD12   sing N N 306 
LEU CD1   HD13   sing N N 307 
LEU CD2   HD21   sing N N 308 
LEU CD2   HD22   sing N N 309 
LEU CD2   HD23   sing N N 310 
LEU OXT   HXT    sing N N 311 
LYS N     CA     sing N N 312 
LYS N     H      sing N N 313 
LYS N     H2     sing N N 314 
LYS CA    C      sing N N 315 
LYS CA    CB     sing N N 316 
LYS CA    HA     sing N N 317 
LYS C     O      doub N N 318 
LYS C     OXT    sing N N 319 
LYS CB    CG     sing N N 320 
LYS CB    HB2    sing N N 321 
LYS CB    HB3    sing N N 322 
LYS CG    CD     sing N N 323 
LYS CG    HG2    sing N N 324 
LYS CG    HG3    sing N N 325 
LYS CD    CE     sing N N 326 
LYS CD    HD2    sing N N 327 
LYS CD    HD3    sing N N 328 
LYS CE    NZ     sing N N 329 
LYS CE    HE2    sing N N 330 
LYS CE    HE3    sing N N 331 
LYS NZ    HZ1    sing N N 332 
LYS NZ    HZ2    sing N N 333 
LYS NZ    HZ3    sing N N 334 
LYS OXT   HXT    sing N N 335 
MET N     CA     sing N N 336 
MET N     H      sing N N 337 
MET N     H2     sing N N 338 
MET CA    C      sing N N 339 
MET CA    CB     sing N N 340 
MET CA    HA     sing N N 341 
MET C     O      doub N N 342 
MET C     OXT    sing N N 343 
MET CB    CG     sing N N 344 
MET CB    HB2    sing N N 345 
MET CB    HB3    sing N N 346 
MET CG    SD     sing N N 347 
MET CG    HG2    sing N N 348 
MET CG    HG3    sing N N 349 
MET SD    CE     sing N N 350 
MET CE    HE1    sing N N 351 
MET CE    HE2    sing N N 352 
MET CE    HE3    sing N N 353 
MET OXT   HXT    sing N N 354 
PHE N     CA     sing N N 355 
PHE N     H      sing N N 356 
PHE N     H2     sing N N 357 
PHE CA    C      sing N N 358 
PHE CA    CB     sing N N 359 
PHE CA    HA     sing N N 360 
PHE C     O      doub N N 361 
PHE C     OXT    sing N N 362 
PHE CB    CG     sing N N 363 
PHE CB    HB2    sing N N 364 
PHE CB    HB3    sing N N 365 
PHE CG    CD1    doub Y N 366 
PHE CG    CD2    sing Y N 367 
PHE CD1   CE1    sing Y N 368 
PHE CD1   HD1    sing N N 369 
PHE CD2   CE2    doub Y N 370 
PHE CD2   HD2    sing N N 371 
PHE CE1   CZ     doub Y N 372 
PHE CE1   HE1    sing N N 373 
PHE CE2   CZ     sing Y N 374 
PHE CE2   HE2    sing N N 375 
PHE CZ    HZ     sing N N 376 
PHE OXT   HXT    sing N N 377 
PRO N     CA     sing N N 378 
PRO N     CD     sing N N 379 
PRO N     H      sing N N 380 
PRO CA    C      sing N N 381 
PRO CA    CB     sing N N 382 
PRO CA    HA     sing N N 383 
PRO C     O      doub N N 384 
PRO C     OXT    sing N N 385 
PRO CB    CG     sing N N 386 
PRO CB    HB2    sing N N 387 
PRO CB    HB3    sing N N 388 
PRO CG    CD     sing N N 389 
PRO CG    HG2    sing N N 390 
PRO CG    HG3    sing N N 391 
PRO CD    HD2    sing N N 392 
PRO CD    HD3    sing N N 393 
PRO OXT   HXT    sing N N 394 
SER N     CA     sing N N 395 
SER N     H      sing N N 396 
SER N     H2     sing N N 397 
SER CA    C      sing N N 398 
SER CA    CB     sing N N 399 
SER CA    HA     sing N N 400 
SER C     O      doub N N 401 
SER C     OXT    sing N N 402 
SER CB    OG     sing N N 403 
SER CB    HB2    sing N N 404 
SER CB    HB3    sing N N 405 
SER OG    HG     sing N N 406 
SER OXT   HXT    sing N N 407 
THR N     CA     sing N N 408 
THR N     H      sing N N 409 
THR N     H2     sing N N 410 
THR CA    C      sing N N 411 
THR CA    CB     sing N N 412 
THR CA    HA     sing N N 413 
THR C     O      doub N N 414 
THR C     OXT    sing N N 415 
THR CB    OG1    sing N N 416 
THR CB    CG2    sing N N 417 
THR CB    HB     sing N N 418 
THR OG1   HG1    sing N N 419 
THR CG2   HG21   sing N N 420 
THR CG2   HG22   sing N N 421 
THR CG2   HG23   sing N N 422 
THR OXT   HXT    sing N N 423 
TYR N     CA     sing N N 424 
TYR N     H      sing N N 425 
TYR N     H2     sing N N 426 
TYR CA    C      sing N N 427 
TYR CA    CB     sing N N 428 
TYR CA    HA     sing N N 429 
TYR C     O      doub N N 430 
TYR C     OXT    sing N N 431 
TYR CB    CG     sing N N 432 
TYR CB    HB2    sing N N 433 
TYR CB    HB3    sing N N 434 
TYR CG    CD1    doub Y N 435 
TYR CG    CD2    sing Y N 436 
TYR CD1   CE1    sing Y N 437 
TYR CD1   HD1    sing N N 438 
TYR CD2   CE2    doub Y N 439 
TYR CD2   HD2    sing N N 440 
TYR CE1   CZ     doub Y N 441 
TYR CE1   HE1    sing N N 442 
TYR CE2   CZ     sing Y N 443 
TYR CE2   HE2    sing N N 444 
TYR CZ    OH     sing N N 445 
TYR OH    HH     sing N N 446 
TYR OXT   HXT    sing N N 447 
VAL N     CA     sing N N 448 
VAL N     H      sing N N 449 
VAL N     H2     sing N N 450 
VAL CA    C      sing N N 451 
VAL CA    CB     sing N N 452 
VAL CA    HA     sing N N 453 
VAL C     O      doub N N 454 
VAL C     OXT    sing N N 455 
VAL CB    CG1    sing N N 456 
VAL CB    CG2    sing N N 457 
VAL CB    HB     sing N N 458 
VAL CG1   HG11   sing N N 459 
VAL CG1   HG12   sing N N 460 
VAL CG1   HG13   sing N N 461 
VAL CG2   HG21   sing N N 462 
VAL CG2   HG22   sing N N 463 
VAL CG2   HG23   sing N N 464 
VAL OXT   HXT    sing N N 465 
# 
loop_
_ndb_struct_conf_na.entry_id 
_ndb_struct_conf_na.feature 
2VZ4 'double helix'        
2VZ4 'b-form double helix' 
# 
loop_
_ndb_struct_na_base_pair.model_number 
_ndb_struct_na_base_pair.i_label_asym_id 
_ndb_struct_na_base_pair.i_label_comp_id 
_ndb_struct_na_base_pair.i_label_seq_id 
_ndb_struct_na_base_pair.i_symmetry 
_ndb_struct_na_base_pair.j_label_asym_id 
_ndb_struct_na_base_pair.j_label_comp_id 
_ndb_struct_na_base_pair.j_label_seq_id 
_ndb_struct_na_base_pair.j_symmetry 
_ndb_struct_na_base_pair.shear 
_ndb_struct_na_base_pair.stretch 
_ndb_struct_na_base_pair.stagger 
_ndb_struct_na_base_pair.buckle 
_ndb_struct_na_base_pair.propeller 
_ndb_struct_na_base_pair.opening 
_ndb_struct_na_base_pair.pair_number 
_ndb_struct_na_base_pair.pair_name 
_ndb_struct_na_base_pair.i_auth_asym_id 
_ndb_struct_na_base_pair.i_auth_seq_id 
_ndb_struct_na_base_pair.i_PDB_ins_code 
_ndb_struct_na_base_pair.j_auth_asym_id 
_ndb_struct_na_base_pair.j_auth_seq_id 
_ndb_struct_na_base_pair.j_PDB_ins_code 
_ndb_struct_na_base_pair.hbond_type_28 
_ndb_struct_na_base_pair.hbond_type_12 
1 B DC 4  1_555 B DG 24 2_565 1.202  0.717  -1.020 18.320  10.272  13.364  1  B_DC-11:DG11_B B -11 ? B 11  ? ?  1 
1 B DC 6  1_555 B DG 22 2_565 -0.004 0.279  0.131  -7.287  -14.701 4.334   2  B_DC-9:DG9_B   B -9  ? B 9   ? 19 1 
1 B DC 7  1_555 B DG 21 2_565 0.111  -0.131 0.348  -22.474 -14.281 3.365   3  B_DC-8:DG8_B   B -8  ? B 8   ? 19 1 
1 B DT 8  1_555 B DA 20 2_565 0.511  -0.180 0.138  -6.269  -20.865 -0.758  4  B_DT-7:DA7_B   B -7  ? B 7   ? 20 1 
1 B DC 9  1_555 B DG 19 2_565 1.129  -0.047 -0.429 -3.499  -10.477 -17.225 5  B_DC-6:DG6_B   B -6  ? B 6   ? ?  1 
1 B DA 10 1_555 B DT 18 2_565 0.008  0.011  -0.156 -2.788  -8.448  1.135   6  B_DA-5:DT5_B   B -5  ? B 5   ? 20 1 
1 B DC 11 1_555 B DG 17 2_565 0.288  -0.206 -0.038 5.441   -12.440 -2.516  7  B_DC-4:DG4_B   B -4  ? B 4   ? 19 1 
1 B DG 12 1_555 B DC 16 2_565 -0.560 -0.037 -0.136 -9.930  -17.197 0.519   8  B_DG-3:DC3_B   B -3  ? B 3   ? 19 1 
1 B DT 13 1_555 B DA 15 2_565 0.343  -0.207 -0.009 -3.216  -4.838  3.114   9  B_DT-2:DA2_B   B -2  ? B 2   ? 20 1 
1 B DA 15 1_555 B DT 13 2_565 -0.343 -0.207 -0.009 3.216   -4.838  3.114   10 B_DA2:DT-2_B   B 2   ? B -2  ? 20 1 
1 B DC 16 1_555 B DG 12 2_565 0.560  -0.037 -0.136 9.930   -17.197 0.519   11 B_DC3:DG-3_B   B 3   ? B -3  ? 19 1 
1 B DG 17 1_555 B DC 11 2_565 -0.288 -0.206 -0.038 -5.441  -12.440 -2.516  12 B_DG4:DC-4_B   B 4   ? B -4  ? 19 1 
1 B DT 18 1_555 B DA 10 2_565 -0.008 0.011  -0.156 2.788   -8.448  1.135   13 B_DT5:DA-5_B   B 5   ? B -5  ? 20 1 
1 B DG 19 1_555 B DC 9  2_565 -1.129 -0.047 -0.429 3.499   -10.477 -17.225 14 B_DG6:DC-6_B   B 6   ? B -6  ? ?  1 
1 B DA 20 1_555 B DT 8  2_565 -0.511 -0.180 0.138  6.269   -20.865 -0.758  15 B_DA7:DT-7_B   B 7   ? B -7  ? 20 1 
1 B DG 21 1_555 B DC 7  2_565 -0.111 -0.131 0.348  22.474  -14.281 3.365   16 B_DG8:DC-8_B   B 8   ? B -8  ? 19 1 
1 B DG 22 1_555 B DC 6  2_565 0.004  0.279  0.131  7.287   -14.701 4.334   17 B_DG9:DC-9_B   B 9   ? B -9  ? 19 1 
1 B DG 24 1_555 B DC 4  2_565 -1.202 0.717  -1.020 -18.320 10.272  13.364  18 B_DG11:DC-11_B B 11  ? B -11 ? ?  1 
# 
loop_
_ndb_struct_na_base_pair_step.model_number 
_ndb_struct_na_base_pair_step.i_label_asym_id_1 
_ndb_struct_na_base_pair_step.i_label_comp_id_1 
_ndb_struct_na_base_pair_step.i_label_seq_id_1 
_ndb_struct_na_base_pair_step.i_symmetry_1 
_ndb_struct_na_base_pair_step.j_label_asym_id_1 
_ndb_struct_na_base_pair_step.j_label_comp_id_1 
_ndb_struct_na_base_pair_step.j_label_seq_id_1 
_ndb_struct_na_base_pair_step.j_symmetry_1 
_ndb_struct_na_base_pair_step.i_label_asym_id_2 
_ndb_struct_na_base_pair_step.i_label_comp_id_2 
_ndb_struct_na_base_pair_step.i_label_seq_id_2 
_ndb_struct_na_base_pair_step.i_symmetry_2 
_ndb_struct_na_base_pair_step.j_label_asym_id_2 
_ndb_struct_na_base_pair_step.j_label_comp_id_2 
_ndb_struct_na_base_pair_step.j_label_seq_id_2 
_ndb_struct_na_base_pair_step.j_symmetry_2 
_ndb_struct_na_base_pair_step.shift 
_ndb_struct_na_base_pair_step.slide 
_ndb_struct_na_base_pair_step.rise 
_ndb_struct_na_base_pair_step.tilt 
_ndb_struct_na_base_pair_step.roll 
_ndb_struct_na_base_pair_step.twist 
_ndb_struct_na_base_pair_step.x_displacement 
_ndb_struct_na_base_pair_step.y_displacement 
_ndb_struct_na_base_pair_step.helical_rise 
_ndb_struct_na_base_pair_step.inclination 
_ndb_struct_na_base_pair_step.tip 
_ndb_struct_na_base_pair_step.helical_twist 
_ndb_struct_na_base_pair_step.step_number 
_ndb_struct_na_base_pair_step.step_name 
_ndb_struct_na_base_pair_step.i_auth_asym_id_1 
_ndb_struct_na_base_pair_step.i_auth_seq_id_1 
_ndb_struct_na_base_pair_step.i_PDB_ins_code_1 
_ndb_struct_na_base_pair_step.j_auth_asym_id_1 
_ndb_struct_na_base_pair_step.j_auth_seq_id_1 
_ndb_struct_na_base_pair_step.j_PDB_ins_code_1 
_ndb_struct_na_base_pair_step.i_auth_asym_id_2 
_ndb_struct_na_base_pair_step.i_auth_seq_id_2 
_ndb_struct_na_base_pair_step.i_PDB_ins_code_2 
_ndb_struct_na_base_pair_step.j_auth_asym_id_2 
_ndb_struct_na_base_pair_step.j_auth_seq_id_2 
_ndb_struct_na_base_pair_step.j_PDB_ins_code_2 
1 B DC 4  1_555 B DG 24 2_565 B DC 6  1_555 B DG 22 2_565 1.809  -1.821 6.806 8.779  24.350 60.898 -3.719 -0.932 5.969 22.947 
-8.273 65.681 1  BB_DC-11DC-9:DG9DG11_BB B -11 ? B 11 ? B -9 ? B 9   ? 
1 B DC 6  1_555 B DG 22 2_565 B DC 7  1_555 B DG 21 2_565 0.287  -1.399 3.568 2.675  8.141  30.600 -4.113 -0.014 3.115 15.058 
-4.947 31.749 2  BB_DC-9DC-8:DG8DG9_BB   B -9  ? B 9  ? B -8 ? B 8   ? 
1 B DC 7  1_555 B DG 21 2_565 B DT 8  1_555 B DA 20 2_565 -0.644 0.159  2.880 2.039  15.137 30.509 -1.877 1.389  2.620 26.763 
-3.606 34.038 3  BB_DC-8DT-7:DA7DG8_BB   B -8  ? B 8  ? B -7 ? B 7   ? 
1 B DT 8  1_555 B DA 20 2_565 B DC 9  1_555 B DG 19 2_565 -0.678 -0.556 3.300 0.402  0.977  41.534 -0.888 0.999  3.281 1.377  
-0.566 41.547 4  BB_DT-7DC-6:DG6DA7_BB   B -7  ? B 7  ? B -6 ? B 6   ? 
1 B DC 9  1_555 B DG 19 2_565 B DA 10 1_555 B DT 18 2_565 1.238  -0.448 3.360 1.984  6.205  20.857 -3.668 -2.472 3.196 16.624 
-5.315 21.840 5  BB_DC-6DA-5:DT5DG6_BB   B -6  ? B 6  ? B -5 ? B 5   ? 
1 B DA 10 1_555 B DT 18 2_565 B DC 11 1_555 B DG 17 2_565 -0.595 -0.047 3.099 -0.663 -0.490 34.368 -0.007 0.909  3.110 -0.829 
1.121  34.377 6  BB_DA-5DC-4:DG4DT5_BB   B -5  ? B 5  ? B -4 ? B 4   ? 
1 B DC 11 1_555 B DG 17 2_565 B DG 12 1_555 B DC 16 2_565 0.542  -0.870 3.618 -2.109 7.233  39.556 -2.150 -1.045 3.382 10.571 
3.082  40.239 7  BB_DC-4DG-3:DC3DG4_BB   B -4  ? B 4  ? B -3 ? B 3   ? 
1 B DG 12 1_555 B DC 16 2_565 B DT 13 1_555 B DA 15 2_565 -0.919 -0.677 3.099 -1.059 -0.669 25.905 -1.332 1.767  3.149 -1.491 
2.361  25.935 8  BB_DG-3DT-2:DA2DC3_BB   B -3  ? B 3  ? B -2 ? B 2   ? 
1 B DT 13 1_555 B DA 15 2_565 B DA 15 1_555 B DT 13 2_565 0.000  1.775  6.434 0.000  23.893 63.219 -0.333 0.000  6.664 21.983 
0.000  67.144 9  BB_DT-2DA2:DT-2DA2_BB   B -2  ? B 2  ? B 2  ? B -2  ? 
1 B DA 15 1_555 B DT 13 2_565 B DC 16 1_555 B DG 12 2_565 0.919  -0.677 3.099 1.059  -0.669 25.905 -1.332 -1.767 3.149 -1.491 
-2.361 25.935 10 BB_DA2DC3:DG-3DT-2_BB   B 2   ? B -2 ? B 3  ? B -3  ? 
1 B DC 16 1_555 B DG 12 2_565 B DG 17 1_555 B DC 11 2_565 -0.542 -0.870 3.618 2.109  7.233  39.556 -2.150 1.045  3.382 10.571 
-3.082 40.239 11 BB_DC3DG4:DC-4DG-3_BB   B 3   ? B -3 ? B 4  ? B -4  ? 
1 B DG 17 1_555 B DC 11 2_565 B DT 18 1_555 B DA 10 2_565 0.595  -0.047 3.099 0.663  -0.490 34.368 -0.007 -0.909 3.110 -0.829 
-1.121 34.377 12 BB_DG4DT5:DA-5DC-4_BB   B 4   ? B -4 ? B 5  ? B -5  ? 
1 B DT 18 1_555 B DA 10 2_565 B DG 19 1_555 B DC 9  2_565 -1.238 -0.448 3.360 -1.984 6.205  20.857 -3.668 2.472  3.196 16.624 
5.315  21.840 13 BB_DT5DG6:DC-6DA-5_BB   B 5   ? B -5 ? B 6  ? B -6  ? 
1 B DG 19 1_555 B DC 9  2_565 B DA 20 1_555 B DT 8  2_565 0.678  -0.556 3.300 -0.402 0.977  41.534 -0.888 -0.999 3.281 1.377  
0.566  41.547 14 BB_DG6DA7:DT-7DC-6_BB   B 6   ? B -6 ? B 7  ? B -7  ? 
1 B DA 20 1_555 B DT 8  2_565 B DG 21 1_555 B DC 7  2_565 0.644  0.159  2.880 -2.039 15.137 30.509 -1.877 -1.389 2.620 26.763 
3.606  34.038 15 BB_DA7DG8:DC-8DT-7_BB   B 7   ? B -7 ? B 8  ? B -8  ? 
1 B DG 21 1_555 B DC 7  2_565 B DG 22 1_555 B DC 6  2_565 -0.287 -1.399 3.568 -2.675 8.141  30.600 -4.113 0.014  3.115 15.058 
4.947  31.749 16 BB_DG8DG9:DC-9DC-8_BB   B 8   ? B -8 ? B 9  ? B -9  ? 
1 B DG 22 1_555 B DC 6  2_565 B DG 24 1_555 B DC 4  2_565 -1.809 -1.821 6.806 -8.779 24.350 60.898 -3.719 0.932  5.969 22.947 
8.273  65.681 17 BB_DG9DG11:DC-11DC-9_BB B 9   ? B -9 ? B 11 ? B -11 ? 
# 
_pdbx_initial_refinement_model.id               1 
_pdbx_initial_refinement_model.entity_id_list   ? 
_pdbx_initial_refinement_model.type             'experimental model' 
_pdbx_initial_refinement_model.source_name      PDB 
_pdbx_initial_refinement_model.accession_code   1R8D 
_pdbx_initial_refinement_model.details          'PDB ENTRY 1R8D' 
# 
